data_6AYS
#
_entry.id   6AYS
#
_cell.length_a   67.367
_cell.length_b   75.288
_cell.length_c   90.437
_cell.angle_alpha   87.54
_cell.angle_beta   89.05
_cell.angle_gamma   71.13
#
_symmetry.space_group_name_H-M   'P 1'
#
loop_
_entity.id
_entity.type
_entity.pdbx_description
1 polymer "5'-methylthioadenosine/S-adenosylhomocysteine nucleosidase"
2 non-polymer 1,2-ETHANEDIOL
3 non-polymer (3R,4S)-1-[(4-amino-5H-pyrrolo[3,2-d]pyrimidin-7-yl)methyl]-4-[(hexylsulfanyl)methyl]pyrrolidin-3-ol
4 water water
#
_entity_poly.entity_id   1
_entity_poly.type   'polypeptide(L)'
_entity_poly.pdbx_seq_one_letter_code
;MGHHHHHHSGMKIAILGAMSEEITPLLETLKDYTKIEHANNTYYFAKYKDHELVLAYSKIGKVNSTLSASVMIEKFGAQV
LLFTGVAGAFNPELEIGDLLYATKLAQYDLDITAFGHPLGFVPGNEIFIKTDEKLNNLALEVAKELNIKLRAGIIATGDE
FICDEAKKAKIREIFNADACEMEGASVALVCDALKVPCFILRAMSDKAGEKAEFDFDEFVINSAKISANFVLKMCEKL
;
_entity_poly.pdbx_strand_id   A,B,C,D,E,F,G,H
#
loop_
_chem_comp.id
_chem_comp.type
_chem_comp.name
_chem_comp.formula
EDO non-polymer 1,2-ETHANEDIOL 'C2 H6 O2'
HT6 non-polymer (3R,4S)-1-[(4-amino-5H-pyrrolo[3,2-d]pyrimidin-7-yl)methyl]-4-[(hexylsulfanyl)methyl]pyrrolidin-3-ol 'C18 H29 N5 O S'
#
# COMPACT_ATOMS: atom_id res chain seq x y z
N GLY A 10 18.70 23.78 -32.44
CA GLY A 10 18.78 23.31 -31.03
C GLY A 10 17.69 23.90 -30.13
N MET A 11 17.38 23.18 -29.05
CA MET A 11 16.33 23.57 -28.10
C MET A 11 16.85 24.44 -26.97
N LYS A 12 15.93 25.12 -26.29
CA LYS A 12 16.26 25.90 -25.09
C LYS A 12 16.24 24.95 -23.89
N ILE A 13 17.38 24.84 -23.21
CA ILE A 13 17.55 23.88 -22.12
C ILE A 13 17.74 24.60 -20.80
N ALA A 14 16.93 24.24 -19.81
CA ALA A 14 17.13 24.69 -18.43
C ALA A 14 17.97 23.67 -17.68
N ILE A 15 18.98 24.16 -16.96
CA ILE A 15 19.74 23.31 -16.05
C ILE A 15 19.57 23.93 -14.66
N LEU A 16 18.99 23.15 -13.74
CA LEU A 16 18.61 23.65 -12.43
C LEU A 16 19.24 22.81 -11.33
N GLY A 17 19.79 23.49 -10.33
CA GLY A 17 20.19 22.86 -9.06
C GLY A 17 19.55 23.63 -7.91
N ALA A 18 19.81 23.18 -6.68
CA ALA A 18 19.29 23.83 -5.49
C ALA A 18 20.29 24.79 -4.86
N MET A 19 21.56 24.41 -4.84
CA MET A 19 22.61 25.19 -4.18
C MET A 19 23.68 25.62 -5.15
N SER A 20 24.42 26.66 -4.78
CA SER A 20 25.52 27.18 -5.60
CA SER A 20 25.52 27.18 -5.60
C SER A 20 26.50 26.08 -6.00
N GLU A 21 26.80 25.20 -5.05
CA GLU A 21 27.73 24.07 -5.27
C GLU A 21 27.30 23.15 -6.43
N GLU A 22 26.00 23.07 -6.68
CA GLU A 22 25.47 22.20 -7.73
C GLU A 22 25.50 22.83 -9.14
N ILE A 23 25.61 24.15 -9.21
CA ILE A 23 25.57 24.87 -10.50
C ILE A 23 26.84 25.63 -10.85
N THR A 24 27.55 26.16 -9.86
CA THR A 24 28.80 26.90 -10.10
C THR A 24 29.83 26.13 -10.96
N PRO A 25 29.98 24.80 -10.76
CA PRO A 25 30.86 24.04 -11.66
C PRO A 25 30.51 24.15 -13.16
N LEU A 26 29.22 24.23 -13.49
CA LEU A 26 28.80 24.44 -14.88
C LEU A 26 29.16 25.84 -15.37
N LEU A 27 28.95 26.84 -14.53
CA LEU A 27 29.29 28.22 -14.88
C LEU A 27 30.79 28.38 -15.15
N GLU A 28 31.60 27.72 -14.32
CA GLU A 28 33.06 27.70 -14.51
C GLU A 28 33.50 27.02 -15.80
N THR A 29 32.80 25.96 -16.19
CA THR A 29 33.05 25.27 -17.46
C THR A 29 32.63 26.12 -18.66
N LEU A 30 31.45 26.72 -18.57
CA LEU A 30 30.90 27.55 -19.65
C LEU A 30 31.68 28.85 -19.85
N LYS A 31 32.17 29.43 -18.75
CA LYS A 31 33.02 30.64 -18.74
C LYS A 31 32.30 31.94 -19.14
N ASP A 32 31.73 31.96 -20.35
CA ASP A 32 31.02 33.12 -20.87
C ASP A 32 29.51 32.94 -20.70
N TYR A 33 28.90 33.86 -19.96
CA TYR A 33 27.45 33.85 -19.74
C TYR A 33 26.98 35.23 -19.31
N THR A 34 25.69 35.49 -19.51
CA THR A 34 25.03 36.70 -19.02
C THR A 34 24.15 36.35 -17.82
N LYS A 35 23.96 37.33 -16.94
CA LYS A 35 23.17 37.17 -15.70
C LYS A 35 21.94 38.07 -15.77
N ILE A 36 20.82 37.57 -15.26
CA ILE A 36 19.62 38.41 -15.09
C ILE A 36 19.10 38.19 -13.68
N GLU A 37 18.84 39.29 -12.97
CA GLU A 37 18.26 39.25 -11.65
C GLU A 37 16.74 39.17 -11.84
N HIS A 38 16.14 38.14 -11.26
CA HIS A 38 14.71 37.90 -11.41
C HIS A 38 14.26 36.92 -10.34
N ALA A 39 13.04 37.11 -9.82
CA ALA A 39 12.48 36.21 -8.81
C ALA A 39 13.38 36.04 -7.57
N ASN A 40 13.96 37.15 -7.13
CA ASN A 40 14.88 37.20 -5.98
C ASN A 40 15.99 36.15 -6.11
N ASN A 41 16.58 36.10 -7.30
CA ASN A 41 17.59 35.10 -7.66
C ASN A 41 18.33 35.60 -8.89
N THR A 42 19.35 34.86 -9.31
CA THR A 42 20.06 35.14 -10.56
C THR A 42 19.85 33.98 -11.52
N TYR A 43 19.50 34.30 -12.76
CA TYR A 43 19.38 33.33 -13.83
C TYR A 43 20.50 33.60 -14.84
N TYR A 44 21.18 32.54 -15.24
CA TYR A 44 22.38 32.63 -16.08
C TYR A 44 22.08 32.12 -17.47
N PHE A 45 22.58 32.81 -18.49
CA PHE A 45 22.29 32.46 -19.89
C PHE A 45 23.58 32.26 -20.65
N ALA A 46 23.67 31.13 -21.36
CA ALA A 46 24.88 30.76 -22.08
C ALA A 46 24.52 29.96 -23.32
N LYS A 47 25.37 30.03 -24.33
CA LYS A 47 25.23 29.18 -25.52
C LYS A 47 26.21 28.01 -25.37
N TYR A 48 25.75 26.81 -25.72
CA TYR A 48 26.58 25.60 -25.61
C TYR A 48 26.16 24.58 -26.67
N LYS A 49 27.03 24.37 -27.66
CA LYS A 49 26.83 23.33 -28.71
C LYS A 49 25.49 23.51 -29.48
N ASP A 50 25.21 24.71 -29.95
CA ASP A 50 23.94 25.03 -30.64
C ASP A 50 22.68 25.15 -29.76
N HIS A 51 22.82 25.00 -28.44
CA HIS A 51 21.72 25.13 -27.50
C HIS A 51 21.85 26.40 -26.69
N GLU A 52 20.72 27.08 -26.48
CA GLU A 52 20.65 28.17 -25.53
C GLU A 52 20.35 27.56 -24.16
N LEU A 53 21.21 27.81 -23.18
CA LEU A 53 21.02 27.31 -21.82
C LEU A 53 20.50 28.44 -20.92
N VAL A 54 19.62 28.07 -19.99
CA VAL A 54 19.33 28.92 -18.84
C VAL A 54 19.67 28.09 -17.60
N LEU A 55 20.47 28.66 -16.70
CA LEU A 55 20.91 27.97 -15.49
C LEU A 55 20.56 28.77 -14.26
N ALA A 56 20.34 28.07 -13.15
CA ALA A 56 20.16 28.71 -11.85
C ALA A 56 20.31 27.67 -10.76
N TYR A 57 20.63 28.15 -9.56
CA TYR A 57 20.35 27.38 -8.36
C TYR A 57 19.15 28.04 -7.68
N SER A 58 18.19 27.22 -7.25
CA SER A 58 16.90 27.72 -6.81
C SER A 58 16.88 28.25 -5.37
N LYS A 59 17.86 27.83 -4.57
CA LYS A 59 17.82 27.80 -3.10
C LYS A 59 17.05 26.57 -2.66
N ILE A 60 17.21 26.19 -1.40
CA ILE A 60 16.83 24.87 -0.96
C ILE A 60 15.33 24.70 -0.82
N GLY A 61 14.85 23.53 -1.23
CA GLY A 61 13.50 23.08 -0.88
C GLY A 61 12.46 23.15 -1.97
N LYS A 62 11.27 22.69 -1.63
CA LYS A 62 10.21 22.47 -2.64
C LYS A 62 9.68 23.76 -3.24
N VAL A 63 9.41 24.76 -2.40
CA VAL A 63 8.85 26.03 -2.87
C VAL A 63 9.86 26.75 -3.77
N ASN A 64 11.10 26.87 -3.30
CA ASN A 64 12.14 27.56 -4.07
C ASN A 64 12.36 26.88 -5.43
N SER A 65 12.45 25.57 -5.45
CA SER A 65 12.70 24.82 -6.69
C SER A 65 11.50 24.87 -7.63
N THR A 66 10.27 24.84 -7.09
CA THR A 66 9.06 25.01 -7.89
C THR A 66 9.06 26.35 -8.60
N LEU A 67 9.37 27.41 -7.85
CA LEU A 67 9.41 28.76 -8.42
C LEU A 67 10.43 28.84 -9.55
N SER A 68 11.65 28.34 -9.32
CA SER A 68 12.69 28.40 -10.35
C SER A 68 12.34 27.63 -11.61
N ALA A 69 11.83 26.41 -11.46
CA ALA A 69 11.38 25.63 -12.63
C ALA A 69 10.28 26.37 -13.39
N SER A 70 9.33 26.95 -12.67
CA SER A 70 8.22 27.70 -13.26
CA SER A 70 8.22 27.70 -13.26
C SER A 70 8.72 28.93 -14.02
N VAL A 71 9.67 29.65 -13.41
CA VAL A 71 10.29 30.83 -14.04
C VAL A 71 11.04 30.44 -15.31
N MET A 72 11.85 29.39 -15.22
CA MET A 72 12.65 28.95 -16.37
C MET A 72 11.80 28.59 -17.59
N ILE A 73 10.63 27.99 -17.34
CA ILE A 73 9.72 27.60 -18.41
C ILE A 73 8.80 28.76 -18.82
N GLU A 74 8.06 29.33 -17.86
CA GLU A 74 7.03 30.33 -18.18
C GLU A 74 7.60 31.67 -18.62
N LYS A 75 8.68 32.13 -17.99
CA LYS A 75 9.31 33.39 -18.35
C LYS A 75 10.40 33.23 -19.40
N PHE A 76 11.31 32.28 -19.20
CA PHE A 76 12.48 32.15 -20.07
C PHE A 76 12.37 31.09 -21.17
N GLY A 77 11.22 30.45 -21.29
CA GLY A 77 10.89 29.59 -22.42
C GLY A 77 11.66 28.30 -22.56
N ALA A 78 12.15 27.75 -21.45
CA ALA A 78 12.85 26.47 -21.49
C ALA A 78 11.94 25.37 -22.04
N GLN A 79 12.48 24.55 -22.92
CA GLN A 79 11.76 23.46 -23.60
C GLN A 79 12.10 22.07 -23.05
N VAL A 80 13.22 21.97 -22.34
CA VAL A 80 13.64 20.77 -21.64
C VAL A 80 14.28 21.25 -20.34
N LEU A 81 14.17 20.46 -19.28
CA LEU A 81 14.79 20.81 -18.00
C LEU A 81 15.55 19.62 -17.45
N LEU A 82 16.83 19.86 -17.14
CA LEU A 82 17.68 18.88 -16.52
C LEU A 82 18.00 19.36 -15.11
N PHE A 83 17.64 18.57 -14.10
CA PHE A 83 18.01 18.89 -12.73
C PHE A 83 19.27 18.13 -12.35
N THR A 84 20.20 18.85 -11.71
CA THR A 84 21.46 18.28 -11.27
C THR A 84 21.72 18.65 -9.80
N GLY A 85 22.17 17.67 -9.03
CA GLY A 85 22.57 17.96 -7.67
C GLY A 85 22.92 16.71 -6.91
N VAL A 86 22.84 16.82 -5.59
CA VAL A 86 23.19 15.71 -4.70
C VAL A 86 21.95 15.15 -4.00
N ALA A 87 22.12 14.03 -3.31
CA ALA A 87 21.02 13.38 -2.60
C ALA A 87 21.51 12.51 -1.46
N GLY A 88 20.58 12.13 -0.58
CA GLY A 88 20.83 11.18 0.49
C GLY A 88 20.44 9.78 0.04
N ALA A 89 21.37 8.84 0.13
CA ALA A 89 21.14 7.47 -0.34
C ALA A 89 20.32 6.65 0.67
N PHE A 90 19.30 5.97 0.17
CA PHE A 90 18.48 5.01 0.93
C PHE A 90 18.82 3.57 0.57
N ASN A 91 18.93 3.28 -0.72
CA ASN A 91 19.26 1.95 -1.23
C ASN A 91 20.68 1.60 -0.78
N PRO A 92 20.86 0.51 0.01
CA PRO A 92 22.20 0.17 0.52
C PRO A 92 23.26 -0.14 -0.55
N GLU A 93 22.85 -0.44 -1.78
CA GLU A 93 23.79 -0.60 -2.89
C GLU A 93 24.42 0.71 -3.40
N LEU A 94 23.81 1.85 -3.07
CA LEU A 94 24.38 3.15 -3.43
C LEU A 94 25.51 3.52 -2.46
N GLU A 95 26.61 4.02 -3.03
CA GLU A 95 27.69 4.59 -2.26
C GLU A 95 27.77 6.08 -2.53
N ILE A 96 28.45 6.79 -1.64
CA ILE A 96 28.68 8.22 -1.83
C ILE A 96 29.41 8.43 -3.16
N GLY A 97 28.91 9.38 -3.96
CA GLY A 97 29.42 9.64 -5.30
C GLY A 97 28.65 8.99 -6.43
N ASP A 98 27.83 7.97 -6.13
CA ASP A 98 27.11 7.24 -7.17
C ASP A 98 25.98 8.09 -7.76
N LEU A 99 25.78 7.96 -9.08
CA LEU A 99 24.73 8.66 -9.79
C LEU A 99 23.45 7.85 -9.84
N LEU A 100 22.33 8.52 -9.56
CA LEU A 100 21.00 7.95 -9.64
C LEU A 100 20.13 8.92 -10.43
N TYR A 101 19.43 8.43 -11.46
CA TYR A 101 18.35 9.22 -12.06
C TYR A 101 17.01 8.69 -11.60
N ALA A 102 16.06 9.60 -11.43
CA ALA A 102 14.73 9.25 -10.94
C ALA A 102 13.84 8.84 -12.11
N THR A 103 13.23 7.66 -12.01
CA THR A 103 12.17 7.27 -12.95
C THR A 103 10.85 7.89 -12.53
N LYS A 104 10.62 7.96 -11.22
CA LYS A 104 9.49 8.69 -10.66
C LYS A 104 9.81 9.18 -9.27
N LEU A 105 9.02 10.15 -8.80
CA LEU A 105 9.27 10.84 -7.54
C LEU A 105 7.96 11.12 -6.82
N ALA A 106 8.02 11.15 -5.49
CA ALA A 106 6.87 11.49 -4.66
C ALA A 106 7.29 12.51 -3.59
N GLN A 107 6.31 13.26 -3.09
CA GLN A 107 6.50 14.12 -1.92
C GLN A 107 6.10 13.35 -0.66
N TYR A 108 7.09 12.94 0.13
CA TYR A 108 6.80 12.14 1.35
C TYR A 108 6.15 12.93 2.48
N ASP A 109 6.22 14.26 2.42
CA ASP A 109 5.69 15.14 3.47
C ASP A 109 4.42 15.89 3.05
N LEU A 110 3.80 15.48 1.95
CA LEU A 110 2.52 16.01 1.53
C LEU A 110 1.48 15.07 2.12
N ASP A 111 0.74 15.56 3.12
CA ASP A 111 0.03 14.69 4.05
C ASP A 111 -1.37 15.20 4.36
N ILE A 112 -2.36 14.60 3.69
CA ILE A 112 -3.77 14.77 4.05
C ILE A 112 -4.35 13.42 4.46
N THR A 113 -3.53 12.60 5.12
CA THR A 113 -3.91 11.25 5.53
C THR A 113 -5.06 11.24 6.54
N ALA A 114 -5.28 12.35 7.24
CA ALA A 114 -6.47 12.54 8.08
C ALA A 114 -7.79 12.26 7.35
N PHE A 115 -7.82 12.49 6.04
CA PHE A 115 -9.00 12.23 5.22
C PHE A 115 -9.02 10.84 4.55
N GLY A 116 -8.13 9.95 4.99
CA GLY A 116 -8.10 8.57 4.52
C GLY A 116 -7.44 8.33 3.18
N HIS A 117 -6.69 9.31 2.66
CA HIS A 117 -5.92 9.13 1.44
C HIS A 117 -4.49 8.71 1.79
N PRO A 118 -3.76 8.08 0.84
CA PRO A 118 -2.38 7.72 1.13
C PRO A 118 -1.46 8.93 1.26
N LEU A 119 -0.36 8.75 1.98
CA LEU A 119 0.66 9.78 2.08
C LEU A 119 1.21 10.13 0.69
N GLY A 120 1.37 11.43 0.44
CA GLY A 120 1.87 11.94 -0.83
C GLY A 120 0.80 12.33 -1.83
N PHE A 121 -0.47 12.05 -1.52
CA PHE A 121 -1.57 12.28 -2.44
C PHE A 121 -2.34 13.55 -2.11
N VAL A 122 -2.68 14.34 -3.12
CA VAL A 122 -3.78 15.31 -3.03
C VAL A 122 -4.68 15.17 -4.25
N PRO A 123 -5.98 15.50 -4.11
CA PRO A 123 -6.90 15.35 -5.25
C PRO A 123 -6.48 16.11 -6.49
N GLY A 124 -6.63 15.48 -7.65
CA GLY A 124 -6.23 16.06 -8.92
C GLY A 124 -4.82 15.69 -9.36
N ASN A 125 -4.02 15.18 -8.44
CA ASN A 125 -2.63 14.76 -8.72
C ASN A 125 -2.47 13.27 -8.39
N GLU A 126 -1.31 12.72 -8.70
CA GLU A 126 -0.97 11.34 -8.37
C GLU A 126 0.10 11.35 -7.28
N ILE A 127 0.34 10.19 -6.67
CA ILE A 127 1.38 10.07 -5.66
C ILE A 127 2.75 10.24 -6.29
N PHE A 128 2.97 9.57 -7.42
CA PHE A 128 4.25 9.64 -8.13
C PHE A 128 4.15 10.44 -9.41
N ILE A 129 5.15 11.27 -9.65
CA ILE A 129 5.31 11.97 -10.93
C ILE A 129 6.47 11.32 -11.68
N LYS A 130 6.27 11.08 -12.97
CA LYS A 130 7.26 10.42 -13.82
C LYS A 130 8.13 11.44 -14.52
N THR A 131 9.37 11.05 -14.78
CA THR A 131 10.30 11.82 -15.61
C THR A 131 10.20 11.35 -17.05
N ASP A 132 10.90 12.03 -17.96
CA ASP A 132 10.79 11.77 -19.39
C ASP A 132 11.58 10.53 -19.84
N GLU A 133 10.89 9.58 -20.48
CA GLU A 133 11.52 8.34 -20.94
C GLU A 133 12.66 8.56 -21.93
N LYS A 134 12.49 9.47 -22.89
CA LYS A 134 13.51 9.73 -23.89
C LYS A 134 14.79 10.32 -23.27
N LEU A 135 14.64 11.26 -22.35
CA LEU A 135 15.81 11.80 -21.63
C LEU A 135 16.51 10.72 -20.78
N ASN A 136 15.71 9.88 -20.11
CA ASN A 136 16.28 8.79 -19.33
C ASN A 136 17.08 7.82 -20.21
N ASN A 137 16.56 7.49 -21.39
CA ASN A 137 17.29 6.64 -22.35
C ASN A 137 18.55 7.30 -22.88
N LEU A 138 18.48 8.61 -23.13
CA LEU A 138 19.67 9.38 -23.51
C LEU A 138 20.75 9.32 -22.42
N ALA A 139 20.34 9.44 -21.16
CA ALA A 139 21.27 9.32 -20.04
C ALA A 139 21.95 7.96 -20.01
N LEU A 140 21.19 6.89 -20.26
CA LEU A 140 21.77 5.54 -20.32
C LEU A 140 22.81 5.43 -21.44
N GLU A 141 22.54 6.05 -22.58
CA GLU A 141 23.49 6.10 -23.70
C GLU A 141 24.78 6.85 -23.33
N VAL A 142 24.62 8.01 -22.69
CA VAL A 142 25.76 8.81 -22.23
C VAL A 142 26.59 8.04 -21.20
N ALA A 143 25.92 7.40 -20.25
CA ALA A 143 26.59 6.59 -19.22
C ALA A 143 27.42 5.45 -19.81
N LYS A 144 26.88 4.78 -20.82
CA LYS A 144 27.59 3.71 -21.52
C LYS A 144 28.79 4.26 -22.29
N GLU A 145 28.58 5.34 -23.05
CA GLU A 145 29.63 5.97 -23.85
C GLU A 145 30.83 6.45 -23.02
N LEU A 146 30.54 7.03 -21.86
CA LEU A 146 31.58 7.58 -20.97
C LEU A 146 32.02 6.63 -19.84
N ASN A 147 31.53 5.39 -19.87
CA ASN A 147 31.86 4.38 -18.85
C ASN A 147 31.57 4.88 -17.42
N ILE A 148 30.39 5.44 -17.23
CA ILE A 148 29.95 5.95 -15.93
C ILE A 148 28.86 5.01 -15.45
N LYS A 149 28.94 4.60 -14.19
CA LYS A 149 27.91 3.78 -13.58
C LYS A 149 26.69 4.67 -13.31
N LEU A 150 25.52 4.24 -13.77
CA LEU A 150 24.28 5.00 -13.60
C LEU A 150 23.15 4.06 -13.19
N ARG A 151 22.46 4.40 -12.11
CA ARG A 151 21.38 3.61 -11.56
C ARG A 151 20.06 4.35 -11.74
N ALA A 152 19.00 3.59 -12.00
CA ALA A 152 17.64 4.13 -12.06
C ALA A 152 16.95 3.85 -10.74
N GLY A 153 16.13 4.79 -10.28
CA GLY A 153 15.42 4.58 -9.02
C GLY A 153 14.29 5.55 -8.76
N ILE A 154 13.71 5.39 -7.58
CA ILE A 154 12.63 6.24 -7.10
C ILE A 154 13.21 7.22 -6.11
N ILE A 155 12.85 8.50 -6.24
CA ILE A 155 13.30 9.53 -5.30
C ILE A 155 12.12 10.04 -4.49
N ALA A 156 12.32 10.12 -3.17
CA ALA A 156 11.36 10.70 -2.25
C ALA A 156 11.82 12.12 -1.92
N THR A 157 10.96 13.10 -2.15
CA THR A 157 11.25 14.51 -1.95
C THR A 157 10.44 15.06 -0.78
N GLY A 158 11.08 15.89 0.04
CA GLY A 158 10.36 16.62 1.09
C GLY A 158 11.23 17.73 1.61
N ASP A 159 10.68 18.54 2.50
CA ASP A 159 11.37 19.76 2.96
C ASP A 159 12.18 19.59 4.25
N GLU A 160 12.64 18.36 4.51
CA GLU A 160 13.50 18.06 5.64
C GLU A 160 14.83 17.47 5.16
N PHE A 161 15.93 17.88 5.77
CA PHE A 161 17.20 17.17 5.59
C PHE A 161 17.14 15.93 6.48
N ILE A 162 17.17 14.75 5.86
CA ILE A 162 17.00 13.48 6.57
C ILE A 162 18.34 13.02 7.10
N CYS A 163 18.42 12.83 8.42
CA CYS A 163 19.65 12.38 9.07
C CYS A 163 19.29 11.56 10.29
N ASP A 164 18.46 10.55 10.03
CA ASP A 164 17.76 9.81 11.06
C ASP A 164 17.40 8.46 10.43
N GLU A 165 17.92 7.38 11.02
CA GLU A 165 17.73 6.03 10.46
C GLU A 165 16.26 5.61 10.45
N ALA A 166 15.50 6.04 11.46
CA ALA A 166 14.08 5.69 11.55
C ALA A 166 13.27 6.35 10.43
N LYS A 167 13.51 7.64 10.23
CA LYS A 167 12.85 8.39 9.13
C LYS A 167 13.22 7.84 7.76
N LYS A 168 14.52 7.61 7.56
CA LYS A 168 15.02 6.97 6.35
C LYS A 168 14.29 5.66 6.06
N ALA A 169 14.23 4.79 7.06
CA ALA A 169 13.56 3.49 6.91
C ALA A 169 12.08 3.62 6.58
N LYS A 170 11.39 4.56 7.23
CA LYS A 170 9.96 4.79 7.01
C LYS A 170 9.68 5.28 5.60
N ILE A 171 10.44 6.28 5.13
CA ILE A 171 10.23 6.84 3.79
C ILE A 171 10.58 5.80 2.74
N ARG A 172 11.68 5.09 2.95
CA ARG A 172 12.08 3.99 2.08
C ARG A 172 10.96 2.96 1.94
N GLU A 173 10.38 2.55 3.07
CA GLU A 173 9.33 1.52 3.08
C GLU A 173 8.05 1.99 2.37
N ILE A 174 7.58 3.19 2.69
CA ILE A 174 6.30 3.67 2.16
C ILE A 174 6.38 3.89 0.65
N PHE A 175 7.48 4.45 0.16
CA PHE A 175 7.60 4.85 -1.24
C PHE A 175 8.52 3.97 -2.11
N ASN A 176 9.14 2.96 -1.51
CA ASN A 176 10.16 2.15 -2.18
C ASN A 176 11.26 3.05 -2.77
N ALA A 177 11.66 4.06 -1.99
CA ALA A 177 12.55 5.11 -2.49
C ALA A 177 14.02 4.70 -2.35
N ASP A 178 14.80 5.02 -3.38
CA ASP A 178 16.24 4.73 -3.42
C ASP A 178 17.09 5.87 -2.85
N ALA A 179 16.52 7.07 -2.79
CA ALA A 179 17.21 8.24 -2.27
C ALA A 179 16.21 9.33 -1.89
N CYS A 180 16.67 10.29 -1.11
CA CYS A 180 15.88 11.45 -0.75
C CYS A 180 16.57 12.75 -1.09
N GLU A 181 15.75 13.78 -1.26
CA GLU A 181 16.24 15.13 -1.51
C GLU A 181 15.08 16.11 -1.30
N MET A 182 15.26 17.39 -1.64
CA MET A 182 14.29 18.39 -1.22
C MET A 182 13.70 19.21 -2.38
N GLU A 183 13.94 18.76 -3.61
CA GLU A 183 13.55 19.52 -4.81
C GLU A 183 13.03 18.72 -6.01
N GLY A 184 13.25 17.41 -6.07
CA GLY A 184 13.05 16.66 -7.31
C GLY A 184 11.61 16.55 -7.71
N ALA A 185 10.78 16.08 -6.78
CA ALA A 185 9.36 15.84 -7.08
C ALA A 185 8.66 17.13 -7.48
N SER A 186 9.00 18.22 -6.82
CA SER A 186 8.42 19.54 -7.11
C SER A 186 8.81 20.02 -8.51
N VAL A 187 10.09 19.90 -8.86
CA VAL A 187 10.57 20.28 -10.19
C VAL A 187 9.91 19.40 -11.28
N ALA A 188 9.88 18.10 -11.04
CA ALA A 188 9.27 17.15 -11.98
C ALA A 188 7.79 17.44 -12.18
N LEU A 189 7.08 17.79 -11.10
CA LEU A 189 5.67 18.16 -11.17
C LEU A 189 5.46 19.38 -12.07
N VAL A 190 6.26 20.43 -11.85
CA VAL A 190 6.17 21.64 -12.67
C VAL A 190 6.35 21.31 -14.14
N CYS A 191 7.42 20.56 -14.45
CA CYS A 191 7.72 20.22 -15.83
C CYS A 191 6.61 19.41 -16.48
N ASP A 192 6.09 18.42 -15.77
CA ASP A 192 4.96 17.63 -16.27
C ASP A 192 3.74 18.52 -16.54
N ALA A 193 3.41 19.39 -15.59
CA ALA A 193 2.27 20.30 -15.72
C ALA A 193 2.39 21.20 -16.94
N LEU A 194 3.61 21.68 -17.21
CA LEU A 194 3.86 22.59 -18.33
C LEU A 194 4.33 21.89 -19.62
N LYS A 195 4.23 20.55 -19.66
CA LYS A 195 4.57 19.74 -20.84
C LYS A 195 6.02 19.92 -21.32
N VAL A 196 6.93 19.95 -20.35
CA VAL A 196 8.36 20.07 -20.60
C VAL A 196 9.00 18.75 -20.14
N PRO A 197 9.75 18.07 -21.04
CA PRO A 197 10.49 16.87 -20.64
C PRO A 197 11.50 17.19 -19.53
N CYS A 198 11.49 16.35 -18.49
CA CYS A 198 12.29 16.57 -17.29
C CYS A 198 13.19 15.36 -17.02
N PHE A 199 14.43 15.65 -16.64
CA PHE A 199 15.39 14.65 -16.19
C PHE A 199 15.89 15.07 -14.81
N ILE A 200 15.85 14.15 -13.84
CA ILE A 200 16.31 14.44 -12.48
C ILE A 200 17.49 13.53 -12.16
N LEU A 201 18.68 14.11 -12.06
CA LEU A 201 19.90 13.37 -11.73
C LEU A 201 20.44 13.80 -10.38
N ARG A 202 20.85 12.83 -9.57
CA ARG A 202 21.43 13.10 -8.26
C ARG A 202 22.67 12.23 -8.05
N ALA A 203 23.73 12.84 -7.51
CA ALA A 203 24.91 12.11 -7.02
C ALA A 203 24.84 12.04 -5.51
N MET A 204 25.06 10.86 -4.94
CA MET A 204 24.92 10.69 -3.49
C MET A 204 26.00 11.47 -2.74
N SER A 205 25.58 12.28 -1.77
CA SER A 205 26.49 13.01 -0.87
C SER A 205 26.58 12.41 0.53
N ASP A 206 25.64 11.54 0.88
CA ASP A 206 25.53 11.00 2.23
C ASP A 206 24.51 9.85 2.20
N LYS A 207 24.36 9.18 3.34
CA LYS A 207 23.44 8.05 3.47
C LYS A 207 22.23 8.32 4.37
N ALA A 208 21.98 9.60 4.64
CA ALA A 208 20.73 10.07 5.28
C ALA A 208 20.42 9.49 6.67
N GLY A 209 21.46 9.07 7.39
CA GLY A 209 21.33 8.55 8.75
C GLY A 209 22.07 9.44 9.73
N GLU A 210 22.55 8.83 10.83
CA GLU A 210 23.36 9.56 11.79
C GLU A 210 24.63 10.02 11.11
N LYS A 211 25.01 11.24 11.36
CA LYS A 211 26.19 11.86 10.71
C LYS A 211 26.03 12.17 9.21
N ALA A 212 24.80 12.11 8.68
CA ALA A 212 24.54 12.56 7.30
C ALA A 212 24.95 14.00 7.07
N GLU A 213 24.73 14.87 8.06
CA GLU A 213 25.15 16.27 7.95
C GLU A 213 26.67 16.41 7.74
N PHE A 214 27.46 15.54 8.37
CA PHE A 214 28.92 15.57 8.24
C PHE A 214 29.39 15.01 6.90
N ASP A 215 28.79 13.91 6.46
CA ASP A 215 29.06 13.37 5.13
C ASP A 215 28.66 14.37 4.04
N PHE A 216 27.48 14.98 4.19
CA PHE A 216 27.05 16.00 3.23
C PHE A 216 28.09 17.12 3.13
N ASP A 217 28.55 17.63 4.26
CA ASP A 217 29.56 18.70 4.27
C ASP A 217 30.85 18.27 3.58
N GLU A 218 31.28 17.04 3.84
CA GLU A 218 32.53 16.52 3.27
C GLU A 218 32.45 16.27 1.77
N PHE A 219 31.31 15.79 1.28
CA PHE A 219 31.19 15.26 -0.08
C PHE A 219 30.35 16.07 -1.06
N VAL A 220 29.63 17.09 -0.59
CA VAL A 220 28.73 17.86 -1.47
C VAL A 220 29.44 18.45 -2.69
N ILE A 221 30.61 19.06 -2.49
CA ILE A 221 31.31 19.73 -3.60
C ILE A 221 31.66 18.72 -4.70
N ASN A 222 32.27 17.61 -4.31
CA ASN A 222 32.70 16.60 -5.28
C ASN A 222 31.53 15.88 -5.95
N SER A 223 30.54 15.45 -5.16
CA SER A 223 29.37 14.79 -5.72
C SER A 223 28.57 15.71 -6.65
N ALA A 224 28.48 16.99 -6.28
CA ALA A 224 27.82 17.98 -7.14
C ALA A 224 28.49 18.12 -8.51
N LYS A 225 29.82 18.06 -8.53
CA LYS A 225 30.57 18.12 -9.80
C LYS A 225 30.31 16.91 -10.69
N ILE A 226 30.17 15.73 -10.08
CA ILE A 226 29.92 14.49 -10.83
C ILE A 226 28.57 14.59 -11.57
N SER A 227 27.54 15.03 -10.86
CA SER A 227 26.22 15.22 -11.46
C SER A 227 26.23 16.32 -12.52
N ALA A 228 26.87 17.44 -12.21
CA ALA A 228 26.94 18.59 -13.13
C ALA A 228 27.63 18.23 -14.45
N ASN A 229 28.76 17.53 -14.37
CA ASN A 229 29.48 17.07 -15.56
C ASN A 229 28.56 16.23 -16.45
N PHE A 230 27.81 15.32 -15.84
CA PHE A 230 26.94 14.40 -16.56
C PHE A 230 25.85 15.12 -17.35
N VAL A 231 25.14 16.05 -16.70
CA VAL A 231 24.07 16.79 -17.40
C VAL A 231 24.59 17.66 -18.54
N LEU A 232 25.80 18.20 -18.41
CA LEU A 232 26.42 18.95 -19.51
C LEU A 232 26.74 18.02 -20.69
N LYS A 233 27.16 16.79 -20.41
CA LYS A 233 27.38 15.78 -21.47
C LYS A 233 26.08 15.44 -22.18
N MET A 234 24.98 15.37 -21.43
CA MET A 234 23.66 15.15 -22.04
C MET A 234 23.25 16.28 -23.00
N CYS A 235 23.60 17.52 -22.64
CA CYS A 235 23.34 18.66 -23.52
C CYS A 235 23.99 18.53 -24.89
N GLU A 236 25.19 17.96 -24.94
CA GLU A 236 25.90 17.73 -26.21
C GLU A 236 25.12 16.84 -27.17
N LYS A 237 24.43 15.84 -26.63
CA LYS A 237 23.66 14.88 -27.45
C LYS A 237 22.21 15.30 -27.73
N LEU A 238 21.69 16.30 -27.03
CA LEU A 238 20.33 16.80 -27.29
C LEU A 238 20.27 17.63 -28.58
N GLY B 10 -7.28 50.48 -14.61
CA GLY B 10 -7.26 49.40 -13.57
C GLY B 10 -6.15 48.38 -13.78
N MET B 11 -5.76 47.72 -12.68
CA MET B 11 -4.67 46.73 -12.71
C MET B 11 -5.16 45.31 -12.97
N LYS B 12 -4.25 44.44 -13.36
CA LYS B 12 -4.55 43.01 -13.53
C LYS B 12 -4.43 42.31 -12.19
N ILE B 13 -5.51 41.71 -11.73
CA ILE B 13 -5.60 41.12 -10.39
C ILE B 13 -5.75 39.60 -10.49
N ALA B 14 -4.87 38.89 -9.79
CA ALA B 14 -5.02 37.45 -9.60
C ALA B 14 -5.78 37.19 -8.31
N ILE B 15 -6.76 36.28 -8.38
CA ILE B 15 -7.44 35.77 -7.19
C ILE B 15 -7.21 34.27 -7.18
N LEU B 16 -6.55 33.79 -6.13
CA LEU B 16 -6.10 32.40 -6.04
C LEU B 16 -6.64 31.75 -4.78
N GLY B 17 -7.16 30.53 -4.93
CA GLY B 17 -7.47 29.63 -3.82
C GLY B 17 -6.79 28.29 -4.04
N ALA B 18 -6.97 27.38 -3.10
CA ALA B 18 -6.40 26.03 -3.20
C ALA B 18 -7.39 25.02 -3.76
N MET B 19 -8.64 25.11 -3.34
CA MET B 19 -9.69 24.15 -3.71
C MET B 19 -10.82 24.82 -4.48
N SER B 20 -11.56 24.01 -5.23
CA SER B 20 -12.71 24.50 -6.00
CA SER B 20 -12.71 24.50 -6.00
C SER B 20 -13.68 25.28 -5.12
N GLU B 21 -13.92 24.79 -3.90
CA GLU B 21 -14.81 25.43 -2.94
C GLU B 21 -14.42 26.87 -2.60
N GLU B 22 -13.14 27.20 -2.70
CA GLU B 22 -12.63 28.53 -2.38
C GLU B 22 -12.77 29.53 -3.53
N ILE B 23 -12.93 29.05 -4.76
CA ILE B 23 -12.97 29.91 -5.95
C ILE B 23 -14.30 29.87 -6.72
N THR B 24 -14.97 28.72 -6.74
CA THR B 24 -16.25 28.58 -7.43
C THR B 24 -17.31 29.65 -7.04
N PRO B 25 -17.39 30.04 -5.74
CA PRO B 25 -18.28 31.14 -5.37
C PRO B 25 -18.05 32.46 -6.12
N LEU B 26 -16.78 32.77 -6.41
CA LEU B 26 -16.45 33.95 -7.21
C LEU B 26 -16.90 33.81 -8.65
N LEU B 27 -16.69 32.63 -9.24
CA LEU B 27 -17.13 32.37 -10.61
C LEU B 27 -18.64 32.47 -10.76
N GLU B 28 -19.37 31.98 -9.76
CA GLU B 28 -20.84 32.08 -9.73
C GLU B 28 -21.32 33.54 -9.63
N THR B 29 -20.60 34.37 -8.88
CA THR B 29 -20.90 35.80 -8.76
C THR B 29 -20.58 36.54 -10.06
N LEU B 30 -19.41 36.26 -10.64
CA LEU B 30 -18.99 36.91 -11.88
C LEU B 30 -19.83 36.52 -13.09
N LYS B 31 -20.27 35.26 -13.13
CA LYS B 31 -21.17 34.73 -14.19
C LYS B 31 -20.53 34.61 -15.58
N ASP B 32 -20.03 35.71 -16.12
CA ASP B 32 -19.37 35.73 -17.42
C ASP B 32 -17.86 35.71 -17.28
N TYR B 33 -17.24 34.69 -17.85
CA TYR B 33 -15.78 34.54 -17.84
C TYR B 33 -15.33 33.60 -18.95
N THR B 34 -14.06 33.68 -19.32
CA THR B 34 -13.43 32.75 -20.27
C THR B 34 -12.47 31.83 -19.51
N LYS B 35 -12.19 30.67 -20.09
CA LYS B 35 -11.30 29.66 -19.50
C LYS B 35 -10.07 29.46 -20.37
N ILE B 36 -8.92 29.18 -19.75
CA ILE B 36 -7.76 28.63 -20.46
C ILE B 36 -7.24 27.43 -19.68
N GLU B 37 -7.01 26.33 -20.39
CA GLU B 37 -6.40 25.12 -19.80
C GLU B 37 -4.88 25.34 -19.88
N HIS B 38 -4.22 25.27 -18.74
CA HIS B 38 -2.78 25.50 -18.65
C HIS B 38 -2.26 24.95 -17.33
N ALA B 39 -1.05 24.41 -17.34
CA ALA B 39 -0.41 23.92 -16.11
C ALA B 39 -1.25 22.86 -15.39
N ASN B 40 -1.84 21.96 -16.17
CA ASN B 40 -2.73 20.90 -15.70
C ASN B 40 -3.82 21.44 -14.75
N ASN B 41 -4.44 22.52 -15.20
CA ASN B 41 -5.42 23.25 -14.39
C ASN B 41 -6.23 24.15 -15.33
N THR B 42 -7.24 24.82 -14.79
CA THR B 42 -8.00 25.82 -15.54
C THR B 42 -7.81 27.19 -14.92
N TYR B 43 -7.51 28.18 -15.75
CA TYR B 43 -7.41 29.57 -15.32
C TYR B 43 -8.57 30.34 -15.94
N TYR B 44 -9.23 31.14 -15.12
CA TYR B 44 -10.46 31.84 -15.49
C TYR B 44 -10.19 33.33 -15.63
N PHE B 45 -10.78 33.95 -16.65
CA PHE B 45 -10.55 35.36 -16.93
C PHE B 45 -11.88 36.11 -16.99
N ALA B 46 -11.96 37.22 -16.27
CA ALA B 46 -13.18 38.02 -16.18
C ALA B 46 -12.84 39.49 -16.03
N LYS B 47 -13.72 40.35 -16.52
CA LYS B 47 -13.62 41.79 -16.26
C LYS B 47 -14.56 42.13 -15.12
N TYR B 48 -14.10 42.97 -14.19
CA TYR B 48 -14.88 43.31 -12.99
C TYR B 48 -14.48 44.70 -12.50
N LYS B 49 -15.39 45.67 -12.64
CA LYS B 49 -15.19 47.05 -12.18
C LYS B 49 -13.92 47.72 -12.74
N ASP B 50 -13.69 47.63 -14.05
CA ASP B 50 -12.48 48.18 -14.70
C ASP B 50 -11.17 47.38 -14.48
N HIS B 51 -11.25 46.24 -13.79
CA HIS B 51 -10.09 45.36 -13.57
C HIS B 51 -10.23 44.09 -14.38
N GLU B 52 -9.12 43.65 -14.95
CA GLU B 52 -9.03 42.31 -15.54
C GLU B 52 -8.64 41.36 -14.41
N LEU B 53 -9.47 40.34 -14.18
CA LEU B 53 -9.19 39.31 -13.18
C LEU B 53 -8.67 38.04 -13.83
N VAL B 54 -7.74 37.36 -13.15
CA VAL B 54 -7.40 35.98 -13.45
C VAL B 54 -7.65 35.19 -12.17
N LEU B 55 -8.42 34.11 -12.26
CA LEU B 55 -8.78 33.29 -11.11
C LEU B 55 -8.40 31.84 -11.33
N ALA B 56 -8.09 31.14 -10.24
CA ALA B 56 -7.86 29.70 -10.28
C ALA B 56 -7.84 29.12 -8.88
N TYR B 57 -8.11 27.83 -8.77
CA TYR B 57 -7.73 27.09 -7.58
C TYR B 57 -6.52 26.23 -7.94
N SER B 58 -5.51 26.22 -7.07
CA SER B 58 -4.22 25.62 -7.39
C SER B 58 -4.13 24.10 -7.26
N LYS B 59 -5.06 23.54 -6.48
CA LYS B 59 -4.95 22.23 -5.81
C LYS B 59 -4.12 22.39 -4.56
N ILE B 60 -4.21 21.41 -3.68
CA ILE B 60 -3.74 21.57 -2.31
C ILE B 60 -2.22 21.57 -2.19
N GLY B 61 -1.72 22.46 -1.34
CA GLY B 61 -0.34 22.37 -0.86
C GLY B 61 0.63 23.36 -1.44
N LYS B 62 1.86 23.30 -0.95
CA LYS B 62 2.86 24.33 -1.23
C LYS B 62 3.32 24.35 -2.69
N VAL B 63 3.59 23.16 -3.24
CA VAL B 63 4.08 23.06 -4.61
C VAL B 63 3.00 23.53 -5.60
N ASN B 64 1.79 23.01 -5.44
CA ASN B 64 0.69 23.38 -6.33
C ASN B 64 0.40 24.88 -6.31
N SER B 65 0.36 25.46 -5.11
CA SER B 65 0.09 26.89 -4.96
C SER B 65 1.22 27.76 -5.47
N THR B 66 2.47 27.32 -5.28
CA THR B 66 3.63 28.02 -5.84
C THR B 66 3.53 28.09 -7.36
N LEU B 67 3.23 26.95 -7.97
CA LEU B 67 3.11 26.88 -9.43
C LEU B 67 2.02 27.83 -9.94
N SER B 68 0.84 27.79 -9.31
CA SER B 68 -0.27 28.65 -9.76
C SER B 68 0.04 30.14 -9.61
N ALA B 69 0.61 30.54 -8.48
CA ALA B 69 1.02 31.95 -8.31
C ALA B 69 2.04 32.37 -9.37
N SER B 70 3.02 31.49 -9.63
CA SER B 70 4.05 31.75 -10.63
CA SER B 70 4.05 31.75 -10.63
C SER B 70 3.45 31.88 -12.04
N VAL B 71 2.52 30.99 -12.37
CA VAL B 71 1.81 31.03 -13.66
C VAL B 71 1.00 32.31 -13.80
N MET B 72 0.25 32.67 -12.77
CA MET B 72 -0.60 33.86 -12.82
C MET B 72 0.19 35.14 -13.06
N ILE B 73 1.39 35.21 -12.49
CA ILE B 73 2.27 36.37 -12.65
C ILE B 73 3.10 36.27 -13.94
N GLU B 74 3.86 35.19 -14.08
CA GLU B 74 4.83 35.08 -15.20
C GLU B 74 4.17 34.88 -16.56
N LYS B 75 3.10 34.09 -16.62
CA LYS B 75 2.40 33.83 -17.88
C LYS B 75 1.26 34.82 -18.12
N PHE B 76 0.41 35.02 -17.11
CA PHE B 76 -0.80 35.82 -17.29
C PHE B 76 -0.70 37.27 -16.82
N GLY B 77 0.48 37.69 -16.37
CA GLY B 77 0.76 39.11 -16.10
C GLY B 77 0.05 39.76 -14.94
N ALA B 78 -0.35 38.98 -13.94
CA ALA B 78 -0.99 39.54 -12.74
C ALA B 78 -0.07 40.54 -12.06
N GLN B 79 -0.62 41.68 -11.67
CA GLN B 79 0.12 42.78 -11.02
C GLN B 79 -0.13 42.87 -9.52
N VAL B 80 -1.20 42.25 -9.04
CA VAL B 80 -1.53 42.10 -7.63
C VAL B 80 -2.13 40.71 -7.48
N LEU B 81 -1.94 40.09 -6.32
CA LEU B 81 -2.50 38.76 -6.05
C LEU B 81 -3.19 38.74 -4.70
N LEU B 82 -4.45 38.33 -4.71
CA LEU B 82 -5.24 38.15 -3.51
C LEU B 82 -5.49 36.65 -3.34
N PHE B 83 -5.05 36.09 -2.22
CA PHE B 83 -5.35 34.70 -1.90
C PHE B 83 -6.57 34.63 -0.99
N THR B 84 -7.48 33.73 -1.31
CA THR B 84 -8.71 33.51 -0.54
C THR B 84 -8.89 32.02 -0.25
N GLY B 85 -9.26 31.72 0.99
CA GLY B 85 -9.59 30.35 1.33
C GLY B 85 -9.85 30.17 2.80
N VAL B 86 -9.70 28.94 3.27
CA VAL B 86 -9.96 28.59 4.66
C VAL B 86 -8.67 28.24 5.40
N ALA B 87 -8.76 28.08 6.71
CA ALA B 87 -7.59 27.78 7.55
C ALA B 87 -8.00 27.11 8.85
N GLY B 88 -7.01 26.52 9.51
CA GLY B 88 -7.17 25.93 10.85
C GLY B 88 -6.76 26.95 11.90
N ALA B 89 -7.66 27.25 12.83
CA ALA B 89 -7.42 28.26 13.85
C ALA B 89 -6.52 27.75 14.99
N PHE B 90 -5.50 28.54 15.33
CA PHE B 90 -4.61 28.30 16.48
C PHE B 90 -4.93 29.24 17.64
N ASN B 91 -5.11 30.52 17.34
CA ASN B 91 -5.43 31.53 18.34
C ASN B 91 -6.81 31.22 18.93
N PRO B 92 -6.90 30.97 20.26
CA PRO B 92 -8.20 30.59 20.84
C PRO B 92 -9.31 31.64 20.74
N GLU B 93 -8.97 32.90 20.45
CA GLU B 93 -9.98 33.94 20.18
C GLU B 93 -10.67 33.80 18.82
N LEU B 94 -10.07 33.04 17.89
CA LEU B 94 -10.71 32.77 16.60
C LEU B 94 -11.79 31.70 16.73
N GLU B 95 -12.93 31.96 16.10
CA GLU B 95 -13.99 30.97 15.96
C GLU B 95 -14.12 30.57 14.50
N ILE B 96 -14.78 29.43 14.28
CA ILE B 96 -15.06 28.98 12.93
C ILE B 96 -15.86 30.06 12.19
N GLY B 97 -15.44 30.40 10.98
CA GLY B 97 -16.02 31.48 10.19
C GLY B 97 -15.29 32.81 10.26
N ASP B 98 -14.44 33.01 11.27
CA ASP B 98 -13.74 34.29 11.44
C ASP B 98 -12.67 34.50 10.38
N LEU B 99 -12.55 35.76 9.94
CA LEU B 99 -11.57 36.14 8.94
C LEU B 99 -10.26 36.59 9.58
N LEU B 100 -9.16 36.09 9.03
CA LEU B 100 -7.81 36.48 9.43
C LEU B 100 -7.02 36.80 8.18
N TYR B 101 -6.37 37.96 8.13
CA TYR B 101 -5.35 38.21 7.10
C TYR B 101 -3.96 38.08 7.72
N ALA B 102 -3.03 37.56 6.91
CA ALA B 102 -1.67 37.34 7.37
C ALA B 102 -0.82 38.59 7.19
N THR B 103 -0.19 39.04 8.26
CA THR B 103 0.83 40.09 8.15
C THR B 103 2.16 39.51 7.71
N LYS B 104 2.46 38.30 8.19
CA LYS B 104 3.60 37.53 7.71
C LYS B 104 3.34 36.04 7.89
N LEU B 105 4.12 35.23 7.18
CA LEU B 105 3.92 33.80 7.11
C LEU B 105 5.25 33.07 7.10
N ALA B 106 5.26 31.86 7.66
CA ALA B 106 6.45 30.99 7.65
C ALA B 106 6.06 29.59 7.21
N GLN B 107 7.05 28.85 6.71
CA GLN B 107 6.90 27.41 6.43
C GLN B 107 7.39 26.62 7.64
N TYR B 108 6.46 26.04 8.42
CA TYR B 108 6.85 25.30 9.64
C TYR B 108 7.53 23.96 9.36
N ASP B 109 7.42 23.44 8.13
CA ASP B 109 7.98 22.14 7.76
C ASP B 109 9.19 22.24 6.82
N LEU B 110 9.75 23.44 6.70
CA LEU B 110 10.99 23.64 5.97
C LEU B 110 12.10 23.54 7.01
N ASP B 111 12.87 22.46 6.93
CA ASP B 111 13.67 21.99 8.07
C ASP B 111 15.07 21.55 7.64
N ILE B 112 16.03 22.44 7.87
CA ILE B 112 17.46 22.10 7.77
C ILE B 112 18.12 22.28 9.13
N THR B 113 17.36 21.99 10.20
CA THR B 113 17.83 22.18 11.58
C THR B 113 19.01 21.29 11.93
N ALA B 114 19.22 20.21 11.19
CA ALA B 114 20.43 19.39 11.31
C ALA B 114 21.73 20.21 11.19
N PHE B 115 21.69 21.29 10.42
CA PHE B 115 22.84 22.17 10.22
C PHE B 115 22.89 23.36 11.20
N GLY B 116 22.05 23.34 12.24
CA GLY B 116 22.05 24.38 13.26
C GLY B 116 21.33 25.67 12.93
N HIS B 117 20.53 25.69 11.85
CA HIS B 117 19.69 26.83 11.56
C HIS B 117 18.30 26.66 12.17
N PRO B 118 17.57 27.77 12.37
CA PRO B 118 16.21 27.62 12.95
C PRO B 118 15.24 26.97 11.97
N LEU B 119 14.19 26.37 12.51
CA LEU B 119 13.12 25.80 11.73
C LEU B 119 12.46 26.91 10.87
N GLY B 120 12.22 26.59 9.58
CA GLY B 120 11.65 27.51 8.64
C GLY B 120 12.63 28.30 7.79
N PHE B 121 13.93 28.18 8.11
CA PHE B 121 14.96 28.98 7.44
C PHE B 121 15.71 28.15 6.41
N VAL B 122 15.96 28.75 5.25
CA VAL B 122 17.04 28.28 4.35
C VAL B 122 17.87 29.49 3.91
N PRO B 123 19.17 29.28 3.61
CA PRO B 123 20.03 30.39 3.21
C PRO B 123 19.50 31.17 2.02
N GLY B 124 19.62 32.50 2.09
CA GLY B 124 19.13 33.38 1.03
C GLY B 124 17.72 33.89 1.26
N ASN B 125 16.97 33.25 2.16
CA ASN B 125 15.60 33.63 2.50
C ASN B 125 15.51 33.96 3.99
N GLU B 126 14.35 34.44 4.44
CA GLU B 126 14.09 34.68 5.84
C GLU B 126 13.08 33.66 6.33
N ILE B 127 12.90 33.59 7.65
CA ILE B 127 11.91 32.69 8.25
C ILE B 127 10.50 33.15 7.87
N PHE B 128 10.24 34.45 8.00
CA PHE B 128 8.93 35.01 7.69
C PHE B 128 8.95 35.82 6.41
N ILE B 129 7.90 35.65 5.60
CA ILE B 129 7.66 36.50 4.44
C ILE B 129 6.49 37.41 4.74
N LYS B 130 6.62 38.69 4.40
CA LYS B 130 5.59 39.69 4.68
C LYS B 130 4.65 39.85 3.49
N THR B 131 3.40 40.21 3.81
CA THR B 131 2.41 40.60 2.81
C THR B 131 2.44 42.11 2.61
N ASP B 132 1.67 42.61 1.65
CA ASP B 132 1.72 44.02 1.26
C ASP B 132 0.94 44.93 2.22
N GLU B 133 1.63 45.93 2.76
CA GLU B 133 1.01 46.86 3.72
C GLU B 133 -0.20 47.61 3.16
N LYS B 134 -0.10 48.09 1.92
CA LYS B 134 -1.20 48.85 1.30
C LYS B 134 -2.45 48.00 1.12
N LEU B 135 -2.28 46.75 0.66
CA LEU B 135 -3.42 45.83 0.54
C LEU B 135 -4.03 45.50 1.91
N ASN B 136 -3.19 45.30 2.90
CA ASN B 136 -3.66 45.03 4.26
C ASN B 136 -4.49 46.21 4.80
N ASN B 137 -4.02 47.44 4.56
CA ASN B 137 -4.77 48.64 4.98
C ASN B 137 -6.09 48.79 4.21
N LEU B 138 -6.08 48.45 2.93
CA LEU B 138 -7.31 48.41 2.14
C LEU B 138 -8.32 47.43 2.72
N ALA B 139 -7.83 46.25 3.12
CA ALA B 139 -8.71 45.25 3.75
C ALA B 139 -9.34 45.78 5.04
N LEU B 140 -8.55 46.49 5.85
CA LEU B 140 -9.08 47.10 7.08
C LEU B 140 -10.19 48.13 6.77
N GLU B 141 -10.01 48.91 5.70
CA GLU B 141 -11.02 49.86 5.25
C GLU B 141 -12.30 49.16 4.79
N VAL B 142 -12.15 48.09 4.00
CA VAL B 142 -13.30 47.28 3.54
C VAL B 142 -14.04 46.67 4.72
N ALA B 143 -13.29 46.10 5.67
CA ALA B 143 -13.87 45.49 6.87
C ALA B 143 -14.70 46.47 7.69
N LYS B 144 -14.18 47.70 7.85
CA LYS B 144 -14.90 48.74 8.56
C LYS B 144 -16.17 49.18 7.81
N GLU B 145 -16.02 49.41 6.51
CA GLU B 145 -17.15 49.84 5.65
C GLU B 145 -18.31 48.84 5.64
N LEU B 146 -17.99 47.55 5.58
CA LEU B 146 -18.99 46.49 5.52
C LEU B 146 -19.33 45.85 6.87
N ASN B 147 -18.80 46.41 7.97
CA ASN B 147 -19.03 45.91 9.32
C ASN B 147 -18.71 44.42 9.46
N ILE B 148 -17.53 44.05 8.96
CA ILE B 148 -17.04 42.67 9.03
C ILE B 148 -15.89 42.66 10.02
N LYS B 149 -15.89 41.70 10.94
CA LYS B 149 -14.80 41.54 11.88
C LYS B 149 -13.59 40.95 11.12
N LEU B 150 -12.43 41.60 11.26
CA LEU B 150 -11.21 41.19 10.58
C LEU B 150 -10.04 41.27 11.53
N ARG B 151 -9.30 40.15 11.65
CA ARG B 151 -8.15 40.05 12.55
C ARG B 151 -6.87 39.96 11.73
N ALA B 152 -5.81 40.56 12.24
CA ALA B 152 -4.48 40.45 11.66
C ALA B 152 -3.70 39.41 12.44
N GLY B 153 -2.87 38.63 11.75
CA GLY B 153 -2.09 37.62 12.43
C GLY B 153 -1.00 36.99 11.61
N ILE B 154 -0.36 36.00 12.23
CA ILE B 154 0.73 35.25 11.62
C ILE B 154 0.15 33.91 11.18
N ILE B 155 0.48 33.49 9.96
CA ILE B 155 0.06 32.17 9.46
C ILE B 155 1.27 31.26 9.30
N ALA B 156 1.13 30.04 9.80
CA ALA B 156 2.14 29.00 9.62
C ALA B 156 1.65 28.07 8.51
N THR B 157 2.48 27.88 7.48
CA THR B 157 2.14 27.09 6.31
C THR B 157 3.00 25.83 6.27
N GLY B 158 2.39 24.70 5.92
CA GLY B 158 3.13 23.48 5.67
C GLY B 158 2.26 22.50 4.93
N ASP B 159 2.83 21.36 4.54
CA ASP B 159 2.13 20.41 3.68
C ASP B 159 1.41 19.28 4.43
N GLU B 160 1.01 19.55 5.67
CA GLU B 160 0.24 18.62 6.49
C GLU B 160 -1.10 19.25 6.89
N PHE B 161 -2.17 18.47 6.84
CA PHE B 161 -3.42 18.87 7.48
C PHE B 161 -3.26 18.62 8.98
N ILE B 162 -3.30 19.69 9.78
CA ILE B 162 -3.03 19.61 11.21
C ILE B 162 -4.32 19.27 11.95
N CYS B 163 -4.30 18.16 12.69
CA CYS B 163 -5.49 17.72 13.43
C CYS B 163 -5.03 17.00 14.69
N ASP B 164 -4.20 17.71 15.44
CA ASP B 164 -3.42 17.15 16.54
C ASP B 164 -3.08 18.31 17.46
N GLU B 165 -3.53 18.24 18.71
CA GLU B 165 -3.35 19.35 19.66
CA GLU B 165 -3.35 19.34 19.66
C GLU B 165 -1.88 19.61 19.97
N ALA B 166 -1.07 18.55 20.01
CA ALA B 166 0.36 18.69 20.31
C ALA B 166 1.09 19.42 19.18
N LYS B 167 0.82 19.02 17.94
CA LYS B 167 1.39 19.69 16.77
C LYS B 167 0.96 21.15 16.66
N LYS B 168 -0.34 21.38 16.83
CA LYS B 168 -0.90 22.73 16.89
C LYS B 168 -0.15 23.60 17.90
N ALA B 169 -0.01 23.10 19.12
CA ALA B 169 0.65 23.84 20.19
C ALA B 169 2.12 24.14 19.86
N LYS B 170 2.82 23.17 19.29
CA LYS B 170 4.22 23.32 18.91
C LYS B 170 4.41 24.38 17.82
N ILE B 171 3.62 24.31 16.76
CA ILE B 171 3.73 25.27 15.66
C ILE B 171 3.34 26.68 16.15
N ARG B 172 2.27 26.75 16.93
CA ARG B 172 1.84 28.00 17.55
C ARG B 172 2.99 28.62 18.37
N GLU B 173 3.63 27.83 19.21
CA GLU B 173 4.71 28.30 20.07
C GLU B 173 5.94 28.79 19.29
N ILE B 174 6.40 27.99 18.34
CA ILE B 174 7.63 28.30 17.59
C ILE B 174 7.47 29.56 16.74
N PHE B 175 6.33 29.70 16.07
CA PHE B 175 6.11 30.77 15.10
C PHE B 175 5.16 31.89 15.55
N ASN B 176 4.61 31.78 16.76
CA ASN B 176 3.58 32.71 17.27
C ASN B 176 2.42 32.80 16.26
N ALA B 177 2.02 31.66 15.72
CA ALA B 177 1.07 31.59 14.61
C ALA B 177 -0.36 31.60 15.11
N ASP B 178 -1.21 32.34 14.41
CA ASP B 178 -2.64 32.44 14.73
C ASP B 178 -3.49 31.41 14.00
N ALA B 179 -2.95 30.85 12.91
CA ALA B 179 -3.64 29.85 12.13
C ALA B 179 -2.64 29.08 11.27
N CYS B 180 -3.08 27.93 10.76
CA CYS B 180 -2.30 27.14 9.82
C CYS B 180 -3.06 26.86 8.54
N GLU B 181 -2.29 26.60 7.49
CA GLU B 181 -2.83 26.24 6.19
C GLU B 181 -1.70 25.67 5.34
N MET B 182 -1.94 25.41 4.06
CA MET B 182 -0.98 24.64 3.27
C MET B 182 -0.49 25.36 2.01
N GLU B 183 -0.77 26.66 1.90
CA GLU B 183 -0.48 27.43 0.68
C GLU B 183 0.01 28.88 0.86
N GLY B 184 -0.18 29.48 2.03
CA GLY B 184 -0.03 30.94 2.17
C GLY B 184 1.39 31.40 2.02
N ALA B 185 2.29 30.79 2.80
CA ALA B 185 3.70 31.21 2.80
C ALA B 185 4.34 31.05 1.43
N SER B 186 3.98 29.97 0.74
CA SER B 186 4.50 29.69 -0.60
C SER B 186 4.01 30.74 -1.61
N VAL B 187 2.73 31.06 -1.57
CA VAL B 187 2.16 32.08 -2.48
C VAL B 187 2.78 33.45 -2.18
N ALA B 188 2.87 33.80 -0.90
CA ALA B 188 3.47 35.08 -0.49
C ALA B 188 4.93 35.20 -0.92
N LEU B 189 5.66 34.09 -0.81
CA LEU B 189 7.06 34.05 -1.26
C LEU B 189 7.19 34.33 -2.75
N VAL B 190 6.35 33.66 -3.56
CA VAL B 190 6.35 33.86 -5.01
C VAL B 190 6.10 35.33 -5.33
N CYS B 191 5.06 35.89 -4.73
CA CYS B 191 4.68 37.28 -4.99
C CYS B 191 5.80 38.25 -4.61
N ASP B 192 6.39 38.06 -3.44
CA ASP B 192 7.52 38.88 -3.00
C ASP B 192 8.69 38.79 -4.00
N ALA B 193 9.03 37.56 -4.40
CA ALA B 193 10.12 37.31 -5.33
C ALA B 193 9.91 38.02 -6.68
N LEU B 194 8.66 38.03 -7.15
CA LEU B 194 8.31 38.64 -8.44
C LEU B 194 7.80 40.09 -8.33
N LYS B 195 7.95 40.70 -7.15
CA LYS B 195 7.59 42.11 -6.89
C LYS B 195 6.11 42.41 -7.18
N VAL B 196 5.25 41.50 -6.74
CA VAL B 196 3.80 41.63 -6.87
C VAL B 196 3.23 41.76 -5.46
N PRO B 197 2.46 42.83 -5.18
CA PRO B 197 1.78 42.96 -3.89
C PRO B 197 0.84 41.78 -3.65
N CYS B 198 0.92 41.20 -2.45
CA CYS B 198 0.18 40.00 -2.07
C CYS B 198 -0.65 40.24 -0.82
N PHE B 199 -1.88 39.73 -0.84
CA PHE B 199 -2.78 39.73 0.30
C PHE B 199 -3.22 38.28 0.54
N ILE B 200 -3.11 37.81 1.78
CA ILE B 200 -3.49 36.43 2.13
C ILE B 200 -4.63 36.49 3.15
N LEU B 201 -5.84 36.11 2.73
CA LEU B 201 -7.00 36.07 3.60
C LEU B 201 -7.49 34.64 3.81
N ARG B 202 -7.83 34.32 5.06
CA ARG B 202 -8.33 33.00 5.42
C ARG B 202 -9.54 33.12 6.35
N ALA B 203 -10.58 32.33 6.08
CA ALA B 203 -11.70 32.16 7.02
C ALA B 203 -11.54 30.82 7.73
N MET B 204 -11.69 30.81 9.04
CA MET B 204 -11.46 29.57 9.80
C MET B 204 -12.52 28.50 9.47
N SER B 205 -12.07 27.30 9.13
CA SER B 205 -12.94 26.15 8.90
C SER B 205 -12.93 25.13 10.04
N ASP B 206 -11.94 25.23 10.93
CA ASP B 206 -11.74 24.24 12.00
C ASP B 206 -10.70 24.79 12.97
N LYS B 207 -10.46 24.06 14.05
CA LYS B 207 -9.50 24.47 15.09
C LYS B 207 -8.25 23.60 15.15
N ALA B 208 -8.01 22.81 14.10
CA ALA B 208 -6.74 22.09 13.90
C ALA B 208 -6.33 21.10 15.02
N GLY B 209 -7.33 20.59 15.74
CA GLY B 209 -7.10 19.59 16.80
C GLY B 209 -7.81 18.30 16.47
N GLU B 210 -8.20 17.57 17.50
CA GLU B 210 -8.97 16.34 17.32
C GLU B 210 -10.29 16.71 16.66
N LYS B 211 -10.69 15.94 15.67
CA LYS B 211 -11.91 16.21 14.91
C LYS B 211 -11.86 17.43 13.98
N ALA B 212 -10.66 17.98 13.74
CA ALA B 212 -10.50 19.04 12.73
C ALA B 212 -10.97 18.61 11.34
N GLU B 213 -10.72 17.35 10.97
CA GLU B 213 -11.19 16.82 9.69
C GLU B 213 -12.72 16.90 9.55
N PHE B 214 -13.44 16.67 10.65
CA PHE B 214 -14.90 16.71 10.64
C PHE B 214 -15.43 18.14 10.59
N ASP B 215 -14.83 19.04 11.36
CA ASP B 215 -15.18 20.46 11.28
C ASP B 215 -14.86 21.02 9.89
N PHE B 216 -13.70 20.68 9.35
CA PHE B 216 -13.35 21.11 8.01
C PHE B 216 -14.43 20.69 6.99
N ASP B 217 -14.83 19.43 7.05
CA ASP B 217 -15.87 18.91 6.14
C ASP B 217 -17.19 19.67 6.30
N GLU B 218 -17.57 19.95 7.55
CA GLU B 218 -18.83 20.63 7.82
C GLU B 218 -18.84 22.11 7.41
N PHE B 219 -17.71 22.80 7.57
CA PHE B 219 -17.66 24.26 7.46
C PHE B 219 -16.92 24.83 6.24
N VAL B 220 -16.20 23.99 5.50
CA VAL B 220 -15.38 24.49 4.39
C VAL B 220 -16.16 25.33 3.36
N ILE B 221 -17.33 24.84 2.96
CA ILE B 221 -18.11 25.53 1.92
C ILE B 221 -18.49 26.95 2.38
N ASN B 222 -19.05 27.06 3.59
CA ASN B 222 -19.51 28.33 4.11
C ASN B 222 -18.35 29.30 4.41
N SER B 223 -17.32 28.81 5.08
CA SER B 223 -16.15 29.64 5.39
C SER B 223 -15.45 30.12 4.11
N ALA B 224 -15.37 29.26 3.10
CA ALA B 224 -14.79 29.62 1.81
C ALA B 224 -15.55 30.78 1.14
N LYS B 225 -16.88 30.78 1.25
CA LYS B 225 -17.69 31.85 0.71
C LYS B 225 -17.45 33.20 1.41
N ILE B 226 -17.25 33.16 2.72
CA ILE B 226 -16.99 34.37 3.51
C ILE B 226 -15.71 35.05 3.03
N SER B 227 -14.64 34.26 2.89
CA SER B 227 -13.37 34.78 2.39
C SER B 227 -13.48 35.28 0.95
N ALA B 228 -14.13 34.49 0.09
CA ALA B 228 -14.30 34.84 -1.32
C ALA B 228 -15.04 36.16 -1.52
N ASN B 229 -16.15 36.33 -0.79
CA ASN B 229 -16.91 37.58 -0.84
C ASN B 229 -16.02 38.79 -0.50
N PHE B 230 -15.21 38.64 0.55
CA PHE B 230 -14.36 39.72 1.01
C PHE B 230 -13.33 40.17 -0.03
N VAL B 231 -12.64 39.22 -0.65
CA VAL B 231 -11.62 39.58 -1.66
C VAL B 231 -12.24 40.23 -2.90
N LEU B 232 -13.46 39.84 -3.27
CA LEU B 232 -14.15 40.49 -4.38
C LEU B 232 -14.51 41.94 -4.03
N LYS B 233 -14.88 42.19 -2.77
CA LYS B 233 -15.14 43.56 -2.30
C LYS B 233 -13.86 44.40 -2.35
N MET B 234 -12.71 43.81 -2.02
CA MET B 234 -11.43 44.50 -2.15
C MET B 234 -11.11 44.91 -3.60
N CYS B 235 -11.47 44.06 -4.56
CA CYS B 235 -11.29 44.37 -5.98
C CYS B 235 -12.01 45.65 -6.41
N GLU B 236 -13.20 45.89 -5.84
CA GLU B 236 -13.98 47.10 -6.13
C GLU B 236 -13.22 48.38 -5.76
N LYS B 237 -12.48 48.34 -4.65
CA LYS B 237 -11.73 49.51 -4.16
C LYS B 237 -10.30 49.65 -4.74
N LEU B 238 -9.77 48.61 -5.39
CA LEU B 238 -8.44 48.70 -6.01
C LEU B 238 -8.47 49.53 -7.29
N GLY C 10 -5.61 9.40 -52.15
CA GLY C 10 -5.80 8.94 -50.75
C GLY C 10 -6.91 9.65 -50.00
N MET C 11 -7.46 8.97 -48.99
CA MET C 11 -8.57 9.49 -48.19
C MET C 11 -8.11 10.29 -46.97
N LYS C 12 -9.02 11.09 -46.43
CA LYS C 12 -8.75 11.85 -45.21
C LYS C 12 -9.07 10.96 -44.02
N ILE C 13 -8.06 10.71 -43.18
CA ILE C 13 -8.17 9.73 -42.08
C ILE C 13 -8.08 10.46 -40.75
N ALA C 14 -9.05 10.21 -39.88
CA ALA C 14 -8.99 10.65 -38.49
C ALA C 14 -8.39 9.54 -37.64
N ILE C 15 -7.44 9.89 -36.78
CA ILE C 15 -6.92 8.98 -35.77
C ILE C 15 -7.20 9.63 -34.42
N LEU C 16 -8.00 8.95 -33.59
CA LEU C 16 -8.50 9.50 -32.34
C LEU C 16 -8.13 8.60 -31.18
N GLY C 17 -7.64 9.21 -30.10
CA GLY C 17 -7.49 8.56 -28.80
C GLY C 17 -8.18 9.40 -27.74
N ALA C 18 -8.15 8.93 -26.49
CA ALA C 18 -8.75 9.65 -25.37
C ALA C 18 -7.73 10.51 -24.62
N MET C 19 -6.52 9.96 -24.42
CA MET C 19 -5.49 10.63 -23.62
C MET C 19 -4.25 10.92 -24.46
N SER C 20 -3.45 11.88 -23.99
CA SER C 20 -2.20 12.25 -24.67
CA SER C 20 -2.20 12.25 -24.67
C SER C 20 -1.30 11.03 -24.92
N GLU C 21 -1.24 10.13 -23.96
CA GLU C 21 -0.44 8.90 -24.06
C GLU C 21 -0.81 8.02 -25.25
N GLU C 22 -2.08 8.09 -25.68
CA GLU C 22 -2.57 7.28 -26.79
C GLU C 22 -2.26 7.87 -28.18
N ILE C 23 -1.97 9.17 -28.24
CA ILE C 23 -1.75 9.87 -29.52
C ILE C 23 -0.35 10.47 -29.68
N THR C 24 0.27 10.90 -28.60
CA THR C 24 1.63 11.47 -28.66
C THR C 24 2.67 10.56 -29.37
N PRO C 25 2.61 9.23 -29.18
CA PRO C 25 3.50 8.36 -29.96
C PRO C 25 3.39 8.51 -31.48
N LEU C 26 2.17 8.75 -31.99
CA LEU C 26 1.97 9.01 -33.42
C LEU C 26 2.58 10.34 -33.83
N LEU C 27 2.38 11.38 -33.02
CA LEU C 27 2.94 12.70 -33.29
C LEU C 27 4.47 12.66 -33.34
N GLU C 28 5.08 11.90 -32.44
CA GLU C 28 6.54 11.71 -32.41
C GLU C 28 7.06 10.98 -33.66
N THR C 29 6.29 10.01 -34.16
CA THR C 29 6.62 9.31 -35.39
C THR C 29 6.47 10.20 -36.63
N LEU C 30 5.37 10.94 -36.68
CA LEU C 30 5.09 11.83 -37.81
C LEU C 30 6.06 13.02 -37.88
N LYS C 31 6.45 13.55 -36.71
CA LYS C 31 7.44 14.64 -36.58
C LYS C 31 6.96 16.01 -37.07
N ASP C 32 6.58 16.09 -38.34
CA ASP C 32 6.09 17.33 -38.94
C ASP C 32 4.56 17.32 -38.99
N TYR C 33 3.95 18.31 -38.34
CA TYR C 33 2.50 18.46 -38.32
C TYR C 33 2.13 19.88 -37.94
N THR C 34 0.91 20.28 -38.31
CA THR C 34 0.34 21.58 -37.93
C THR C 34 -0.74 21.36 -36.87
N LYS C 35 -0.99 22.39 -36.07
CA LYS C 35 -1.98 22.37 -35.00
C LYS C 35 -3.10 23.35 -35.28
N ILE C 36 -4.33 23.01 -34.89
CA ILE C 36 -5.44 23.97 -34.84
C ILE C 36 -6.13 23.83 -33.49
N GLU C 37 -6.35 24.95 -32.82
CA GLU C 37 -7.11 24.99 -31.58
C GLU C 37 -8.57 25.08 -31.95
N HIS C 38 -9.37 24.13 -31.46
CA HIS C 38 -10.79 24.10 -31.74
C HIS C 38 -11.49 23.20 -30.72
N ALA C 39 -12.71 23.56 -30.34
CA ALA C 39 -13.51 22.74 -29.42
C ALA C 39 -12.80 22.47 -28.09
N ASN C 40 -12.14 23.50 -27.57
CA ASN C 40 -11.36 23.43 -26.33
C ASN C 40 -10.37 22.25 -26.33
N ASN C 41 -9.67 22.13 -27.45
CA ASN C 41 -8.75 21.02 -27.69
C ASN C 41 -7.81 21.41 -28.83
N THR C 42 -6.82 20.56 -29.09
CA THR C 42 -5.92 20.74 -30.22
C THR C 42 -6.11 19.60 -31.21
N TYR C 43 -6.25 19.94 -32.49
CA TYR C 43 -6.33 18.96 -33.57
C TYR C 43 -5.08 19.10 -34.41
N TYR C 44 -4.46 17.96 -34.74
CA TYR C 44 -3.16 17.90 -35.39
C TYR C 44 -3.34 17.41 -36.82
N PHE C 45 -2.60 17.99 -37.75
CA PHE C 45 -2.72 17.67 -39.16
C PHE C 45 -1.37 17.29 -39.75
N ALA C 46 -1.32 16.16 -40.44
CA ALA C 46 -0.08 15.65 -41.03
C ALA C 46 -0.38 14.88 -42.30
N LYS C 47 0.59 14.86 -43.22
CA LYS C 47 0.52 14.01 -44.40
C LYS C 47 1.33 12.75 -44.13
N TYR C 48 0.79 11.60 -44.54
CA TYR C 48 1.44 10.30 -44.32
C TYR C 48 1.05 9.32 -45.42
N LYS C 49 2.01 8.97 -46.28
CA LYS C 49 1.83 8.00 -47.37
C LYS C 49 0.65 8.33 -48.32
N ASP C 50 0.57 9.57 -48.79
CA ASP C 50 -0.54 10.03 -49.66
C ASP C 50 -1.88 10.28 -48.95
N HIS C 51 -1.94 10.13 -47.62
CA HIS C 51 -3.15 10.39 -46.84
C HIS C 51 -2.97 11.64 -46.02
N GLU C 52 -4.03 12.45 -45.95
CA GLU C 52 -4.09 13.56 -45.01
C GLU C 52 -4.65 13.00 -43.71
N LEU C 53 -3.91 13.16 -42.62
CA LEU C 53 -4.34 12.71 -41.29
C LEU C 53 -4.84 13.88 -40.46
N VAL C 54 -5.88 13.66 -39.66
CA VAL C 54 -6.22 14.54 -38.56
C VAL C 54 -6.17 13.70 -37.30
N LEU C 55 -5.43 14.18 -36.29
CA LEU C 55 -5.25 13.45 -35.03
C LEU C 55 -5.66 14.31 -33.86
N ALA C 56 -6.12 13.65 -32.80
CA ALA C 56 -6.42 14.32 -31.53
C ALA C 56 -6.57 13.30 -30.43
N TYR C 57 -6.37 13.74 -29.20
CA TYR C 57 -6.91 13.02 -28.05
C TYR C 57 -8.11 13.82 -27.54
N SER C 58 -9.19 13.13 -27.25
CA SER C 58 -10.47 13.78 -26.98
C SER C 58 -10.62 14.33 -25.56
N LYS C 59 -9.80 13.80 -24.64
CA LYS C 59 -10.04 13.80 -23.19
C LYS C 59 -11.01 12.67 -22.86
N ILE C 60 -11.05 12.29 -21.59
CA ILE C 60 -11.65 11.02 -21.20
C ILE C 60 -13.17 11.04 -21.27
N GLY C 61 -13.74 9.94 -21.75
CA GLY C 61 -15.16 9.66 -21.58
C GLY C 61 -16.02 9.85 -22.81
N LYS C 62 -17.31 9.54 -22.63
CA LYS C 62 -18.23 9.45 -23.76
C LYS C 62 -18.53 10.79 -24.42
N VAL C 63 -18.78 11.81 -23.61
CA VAL C 63 -19.11 13.13 -24.14
C VAL C 63 -17.92 13.72 -24.91
N ASN C 64 -16.76 13.70 -24.27
CA ASN C 64 -15.54 14.25 -24.90
C ASN C 64 -15.21 13.54 -26.23
N SER C 65 -15.30 12.22 -26.23
CA SER C 65 -14.98 11.44 -27.43
C SER C 65 -16.03 11.62 -28.54
N THR C 66 -17.30 11.75 -28.15
CA THR C 66 -18.37 12.06 -29.10
C THR C 66 -18.10 13.39 -29.81
N LEU C 67 -17.76 14.41 -29.01
CA LEU C 67 -17.49 15.73 -29.56
C LEU C 67 -16.31 15.69 -30.55
N SER C 68 -15.22 15.04 -30.16
CA SER C 68 -14.04 14.97 -31.03
C SER C 68 -14.30 14.22 -32.34
N ALA C 69 -14.99 13.08 -32.27
CA ALA C 69 -15.37 12.36 -33.49
C ALA C 69 -16.23 13.23 -34.41
N SER C 70 -17.20 13.94 -33.81
CA SER C 70 -18.09 14.83 -34.56
CA SER C 70 -18.09 14.83 -34.56
C SER C 70 -17.33 15.97 -35.22
N VAL C 71 -16.40 16.56 -34.48
CA VAL C 71 -15.56 17.65 -34.99
C VAL C 71 -14.68 17.16 -36.14
N MET C 72 -14.03 16.01 -35.96
CA MET C 72 -13.13 15.47 -36.98
C MET C 72 -13.84 15.20 -38.31
N ILE C 73 -15.10 14.78 -38.24
CA ILE C 73 -15.90 14.50 -39.42
C ILE C 73 -16.59 15.77 -39.95
N GLU C 74 -17.36 16.44 -39.11
CA GLU C 74 -18.19 17.57 -39.56
C GLU C 74 -17.38 18.81 -39.92
N LYS C 75 -16.35 19.12 -39.12
CA LYS C 75 -15.52 20.30 -39.38
C LYS C 75 -14.33 19.98 -40.25
N PHE C 76 -13.59 18.91 -39.94
CA PHE C 76 -12.32 18.62 -40.62
C PHE C 76 -12.42 17.58 -41.74
N GLY C 77 -13.63 17.10 -42.04
CA GLY C 77 -13.88 16.30 -43.22
C GLY C 77 -13.30 14.90 -43.26
N ALA C 78 -13.04 14.29 -42.10
CA ALA C 78 -12.53 12.93 -42.05
C ALA C 78 -13.49 11.97 -42.74
N GLN C 79 -12.94 11.08 -43.56
CA GLN C 79 -13.71 10.10 -44.33
C GLN C 79 -13.65 8.69 -43.76
N VAL C 80 -12.66 8.43 -42.91
CA VAL C 80 -12.51 7.19 -42.15
C VAL C 80 -11.98 7.62 -40.77
N LEU C 81 -12.34 6.86 -39.75
CA LEU C 81 -11.86 7.13 -38.39
C LEU C 81 -11.33 5.86 -37.75
N LEU C 82 -10.09 5.93 -37.27
CA LEU C 82 -9.45 4.84 -36.55
C LEU C 82 -9.27 5.30 -35.11
N PHE C 83 -9.86 4.58 -34.16
CA PHE C 83 -9.64 4.86 -32.75
C PHE C 83 -8.53 3.96 -32.21
N THR C 84 -7.62 4.56 -31.45
CA THR C 84 -6.50 3.84 -30.85
C THR C 84 -6.39 4.18 -29.37
N GLY C 85 -6.17 3.17 -28.54
CA GLY C 85 -5.93 3.42 -27.13
C GLY C 85 -5.86 2.14 -26.34
N VAL C 86 -6.10 2.27 -25.04
CA VAL C 86 -6.01 1.12 -24.14
C VAL C 86 -7.39 0.73 -23.61
N ALA C 87 -7.47 -0.40 -22.91
CA ALA C 87 -8.73 -0.90 -22.37
C ALA C 87 -8.50 -1.83 -21.18
N GLY C 88 -9.57 -2.08 -20.44
CA GLY C 88 -9.59 -3.05 -19.34
C GLY C 88 -10.09 -4.39 -19.86
N ALA C 89 -9.29 -5.44 -19.67
CA ALA C 89 -9.63 -6.77 -20.17
C ALA C 89 -10.66 -7.48 -19.30
N PHE C 90 -11.70 -8.04 -19.94
CA PHE C 90 -12.72 -8.87 -19.30
C PHE C 90 -12.52 -10.36 -19.65
N ASN C 91 -12.26 -10.65 -20.92
CA ASN C 91 -12.04 -12.02 -21.39
C ASN C 91 -10.75 -12.54 -20.75
N PRO C 92 -10.82 -13.64 -19.95
CA PRO C 92 -9.62 -14.13 -19.27
C PRO C 92 -8.46 -14.59 -20.17
N GLU C 93 -8.73 -14.84 -21.45
CA GLU C 93 -7.66 -15.13 -22.42
C GLU C 93 -6.82 -13.91 -22.83
N LEU C 94 -7.32 -12.71 -22.58
CA LEU C 94 -6.55 -11.48 -22.83
C LEU C 94 -5.53 -11.24 -21.72
N GLU C 95 -4.32 -10.89 -22.13
CA GLU C 95 -3.27 -10.44 -21.22
C GLU C 95 -2.99 -8.97 -21.46
N ILE C 96 -2.34 -8.35 -20.49
CA ILE C 96 -1.91 -6.96 -20.63
C ILE C 96 -0.99 -6.84 -21.85
N GLY C 97 -1.26 -5.85 -22.70
CA GLY C 97 -0.56 -5.66 -23.96
C GLY C 97 -1.24 -6.24 -25.19
N ASP C 98 -2.21 -7.14 -25.01
CA ASP C 98 -2.89 -7.79 -26.14
C ASP C 98 -3.80 -6.81 -26.87
N LEU C 99 -3.84 -6.93 -28.19
CA LEU C 99 -4.68 -6.10 -29.06
C LEU C 99 -6.04 -6.75 -29.28
N LEU C 100 -7.08 -5.94 -29.15
CA LEU C 100 -8.45 -6.34 -29.42
C LEU C 100 -9.09 -5.27 -30.30
N TYR C 101 -9.69 -5.66 -31.42
CA TYR C 101 -10.58 -4.75 -32.16
C TYR C 101 -12.03 -5.11 -31.89
N ALA C 102 -12.88 -4.08 -31.83
CA ALA C 102 -14.30 -4.27 -31.55
C ALA C 102 -15.06 -4.56 -32.82
N THR C 103 -15.82 -5.66 -32.83
CA THR C 103 -16.79 -5.91 -33.90
C THR C 103 -18.07 -5.13 -33.65
N LYS C 104 -18.45 -5.03 -32.38
CA LYS C 104 -19.55 -4.16 -31.97
C LYS C 104 -19.37 -3.71 -30.53
N LEU C 105 -20.09 -2.65 -30.17
CA LEU C 105 -19.93 -2.00 -28.88
C LEU C 105 -21.26 -1.54 -28.33
N ALA C 106 -21.38 -1.53 -27.00
CA ALA C 106 -22.58 -1.04 -26.32
C ALA C 106 -22.19 -0.09 -25.19
N GLN C 107 -23.14 0.77 -24.80
CA GLN C 107 -23.00 1.61 -23.61
C GLN C 107 -23.63 0.91 -22.42
N TYR C 108 -22.81 0.38 -21.51
CA TYR C 108 -23.34 -0.36 -20.34
C TYR C 108 -24.03 0.51 -19.29
N ASP C 109 -23.80 1.83 -19.34
CA ASP C 109 -24.35 2.76 -18.33
C ASP C 109 -25.46 3.66 -18.90
N LEU C 110 -25.97 3.31 -20.09
CA LEU C 110 -27.12 3.99 -20.66
C LEU C 110 -28.32 3.17 -20.21
N ASP C 111 -29.12 3.75 -19.31
CA ASP C 111 -30.03 2.98 -18.47
C ASP C 111 -31.41 3.63 -18.33
N ILE C 112 -32.36 3.12 -19.11
CA ILE C 112 -33.78 3.44 -18.92
C ILE C 112 -34.54 2.16 -18.57
N THR C 113 -33.88 1.29 -17.80
CA THR C 113 -34.46 -0.01 -17.43
C THR C 113 -35.71 0.12 -16.55
N ALA C 114 -35.88 1.27 -15.89
CA ALA C 114 -37.12 1.60 -15.18
C ALA C 114 -38.38 1.45 -16.06
N PHE C 115 -38.23 1.67 -17.36
CA PHE C 115 -39.34 1.54 -18.31
C PHE C 115 -39.45 0.15 -18.97
N GLY C 116 -38.72 -0.83 -18.44
CA GLY C 116 -38.78 -2.21 -18.91
C GLY C 116 -38.01 -2.53 -20.18
N HIS C 117 -37.11 -1.63 -20.61
CA HIS C 117 -36.21 -1.92 -21.72
C HIS C 117 -34.89 -2.48 -21.21
N PRO C 118 -34.14 -3.17 -22.11
CA PRO C 118 -32.84 -3.69 -21.67
C PRO C 118 -31.82 -2.59 -21.42
N LEU C 119 -30.84 -2.90 -20.59
CA LEU C 119 -29.73 -1.99 -20.36
C LEU C 119 -28.99 -1.72 -21.67
N GLY C 120 -28.65 -0.44 -21.89
CA GLY C 120 -27.94 -0.01 -23.10
C GLY C 120 -28.82 0.47 -24.23
N PHE C 121 -30.14 0.34 -24.07
CA PHE C 121 -31.10 0.68 -25.11
C PHE C 121 -31.75 2.03 -24.84
N VAL C 122 -31.87 2.85 -25.89
CA VAL C 122 -32.86 3.93 -25.91
C VAL C 122 -33.61 3.89 -27.24
N PRO C 123 -34.87 4.38 -27.25
CA PRO C 123 -35.67 4.33 -28.49
C PRO C 123 -35.00 5.02 -29.67
N GLY C 124 -35.10 4.41 -30.85
CA GLY C 124 -34.50 4.94 -32.05
C GLY C 124 -33.11 4.39 -32.34
N ASN C 125 -32.46 3.80 -31.33
CA ASN C 125 -31.13 3.22 -31.45
C ASN C 125 -31.17 1.74 -31.12
N GLU C 126 -30.03 1.07 -31.35
CA GLU C 126 -29.86 -0.32 -30.98
C GLU C 126 -28.92 -0.41 -29.80
N ILE C 127 -28.89 -1.58 -29.16
CA ILE C 127 -28.02 -1.81 -28.02
C ILE C 127 -26.56 -1.79 -28.48
N PHE C 128 -26.28 -2.50 -29.58
CA PHE C 128 -24.93 -2.58 -30.12
C PHE C 128 -24.76 -1.78 -31.40
N ILE C 129 -23.64 -1.08 -31.51
CA ILE C 129 -23.25 -0.41 -32.75
C ILE C 129 -22.08 -1.19 -33.35
N LYS C 130 -22.14 -1.40 -34.67
CA LYS C 130 -21.11 -2.17 -35.37
C LYS C 130 -20.03 -1.27 -35.94
N THR C 131 -18.83 -1.81 -36.02
CA THR C 131 -17.71 -1.17 -36.71
C THR C 131 -17.67 -1.63 -38.17
N ASP C 132 -16.78 -1.04 -38.96
CA ASP C 132 -16.73 -1.29 -40.41
C ASP C 132 -16.03 -2.60 -40.76
N GLU C 133 -16.74 -3.46 -41.50
CA GLU C 133 -16.21 -4.77 -41.90
C GLU C 133 -14.93 -4.69 -42.72
N LYS C 134 -14.87 -3.77 -43.68
CA LYS C 134 -13.68 -3.64 -44.53
C LYS C 134 -12.44 -3.21 -43.74
N LEU C 135 -12.59 -2.26 -42.82
CA LEU C 135 -11.49 -1.87 -41.94
C LEU C 135 -11.05 -3.02 -41.03
N ASN C 136 -12.01 -3.76 -40.49
CA ASN C 136 -11.71 -4.92 -39.65
C ASN C 136 -10.91 -5.97 -40.43
N ASN C 137 -11.31 -6.24 -41.68
CA ASN C 137 -10.58 -7.17 -42.54
C ASN C 137 -9.18 -6.68 -42.89
N LEU C 138 -9.04 -5.37 -43.12
CA LEU C 138 -7.73 -4.76 -43.31
C LEU C 138 -6.83 -4.97 -42.10
N ALA C 139 -7.39 -4.78 -40.91
CA ALA C 139 -6.64 -5.02 -39.67
C ALA C 139 -6.14 -6.47 -39.57
N LEU C 140 -7.00 -7.42 -39.93
CA LEU C 140 -6.61 -8.84 -39.95
C LEU C 140 -5.46 -9.10 -40.93
N GLU C 141 -5.48 -8.45 -42.09
CA GLU C 141 -4.38 -8.53 -43.07
C GLU C 141 -3.09 -7.97 -42.52
N VAL C 142 -3.16 -6.79 -41.88
CA VAL C 142 -1.99 -6.16 -41.26
C VAL C 142 -1.42 -7.04 -40.15
N ALA C 143 -2.29 -7.58 -39.31
CA ALA C 143 -1.89 -8.47 -38.20
C ALA C 143 -1.14 -9.72 -38.71
N LYS C 144 -1.65 -10.31 -39.79
CA LYS C 144 -1.01 -11.47 -40.40
C LYS C 144 0.35 -11.11 -41.02
N GLU C 145 0.39 -10.01 -41.78
CA GLU C 145 1.63 -9.54 -42.43
C GLU C 145 2.75 -9.25 -41.44
N LEU C 146 2.40 -8.61 -40.32
CA LEU C 146 3.38 -8.22 -39.30
C LEU C 146 3.53 -9.23 -38.14
N ASN C 147 2.87 -10.38 -38.25
CA ASN C 147 2.91 -11.43 -37.22
C ASN C 147 2.53 -10.90 -35.82
N ILE C 148 1.43 -10.16 -35.77
CA ILE C 148 0.91 -9.60 -34.53
C ILE C 148 -0.37 -10.35 -34.21
N LYS C 149 -0.50 -10.78 -32.95
CA LYS C 149 -1.71 -11.43 -32.49
C LYS C 149 -2.81 -10.38 -32.35
N LEU C 150 -3.97 -10.63 -32.97
CA LEU C 150 -5.09 -9.70 -32.95
C LEU C 150 -6.38 -10.47 -32.72
N ARG C 151 -7.14 -10.05 -31.72
CA ARG C 151 -8.39 -10.69 -31.35
C ARG C 151 -9.56 -9.80 -31.69
N ALA C 152 -10.67 -10.41 -32.10
CA ALA C 152 -11.93 -9.71 -32.34
C ALA C 152 -12.82 -9.89 -31.12
N GLY C 153 -13.57 -8.86 -30.76
CA GLY C 153 -14.46 -8.98 -29.61
C GLY C 153 -15.47 -7.87 -29.48
N ILE C 154 -16.21 -7.94 -28.39
CA ILE C 154 -17.24 -6.96 -28.05
C ILE C 154 -16.66 -6.06 -26.98
N ILE C 155 -16.85 -4.75 -27.14
CA ILE C 155 -16.40 -3.78 -26.14
C ILE C 155 -17.61 -3.12 -25.48
N ALA C 156 -17.58 -3.06 -24.15
CA ALA C 156 -18.57 -2.36 -23.35
C ALA C 156 -17.99 -1.00 -22.95
N THR C 157 -18.70 0.07 -23.27
CA THR C 157 -18.27 1.43 -23.01
C THR C 157 -19.14 2.09 -21.96
N GLY C 158 -18.53 2.83 -21.05
CA GLY C 158 -19.27 3.65 -20.09
C GLY C 158 -18.36 4.65 -19.45
N ASP C 159 -18.91 5.53 -18.63
CA ASP C 159 -18.14 6.66 -18.08
C ASP C 159 -17.53 6.39 -16.70
N GLU C 160 -17.27 5.12 -16.39
CA GLU C 160 -16.62 4.72 -15.14
C GLU C 160 -15.33 3.97 -15.45
N PHE C 161 -14.27 4.24 -14.68
CA PHE C 161 -13.09 3.39 -14.67
C PHE C 161 -13.43 2.16 -13.83
N ILE C 162 -13.45 0.98 -14.46
CA ILE C 162 -13.89 -0.25 -13.81
C ILE C 162 -12.70 -0.89 -13.09
N CYS C 163 -12.85 -1.09 -11.78
CA CYS C 163 -11.79 -1.67 -10.96
C CYS C 163 -12.42 -2.45 -9.82
N ASP C 164 -13.32 -3.34 -10.20
CA ASP C 164 -14.28 -3.96 -9.31
C ASP C 164 -14.72 -5.24 -10.00
N GLU C 165 -14.44 -6.38 -9.36
CA GLU C 165 -14.73 -7.70 -9.96
CA GLU C 165 -14.73 -7.70 -9.96
C GLU C 165 -16.22 -7.93 -10.17
N ALA C 166 -17.05 -7.41 -9.28
CA ALA C 166 -18.51 -7.56 -9.39
C ALA C 166 -19.05 -6.81 -10.60
N LYS C 167 -18.61 -5.56 -10.77
CA LYS C 167 -19.01 -4.75 -11.93
C LYS C 167 -18.52 -5.36 -13.24
N LYS C 168 -17.25 -5.75 -13.26
CA LYS C 168 -16.65 -6.46 -14.39
C LYS C 168 -17.52 -7.68 -14.80
N ALA C 169 -17.83 -8.52 -13.83
CA ALA C 169 -18.62 -9.73 -14.07
C ALA C 169 -20.01 -9.42 -14.62
N LYS C 170 -20.66 -8.40 -14.05
CA LYS C 170 -22.00 -8.00 -14.48
C LYS C 170 -22.02 -7.48 -15.92
N ILE C 171 -21.08 -6.59 -16.25
CA ILE C 171 -21.01 -6.01 -17.60
C ILE C 171 -20.65 -7.11 -18.61
N ARG C 172 -19.69 -7.96 -18.24
CA ARG C 172 -19.30 -9.09 -19.07
C ARG C 172 -20.52 -9.98 -19.38
N GLU C 173 -21.30 -10.32 -18.35
CA GLU C 173 -22.46 -11.19 -18.49
C GLU C 173 -23.56 -10.58 -19.39
N ILE C 174 -23.92 -9.33 -19.11
CA ILE C 174 -25.04 -8.69 -19.82
C ILE C 174 -24.73 -8.48 -21.30
N PHE C 175 -23.50 -8.06 -21.60
CA PHE C 175 -23.13 -7.68 -22.98
C PHE C 175 -22.21 -8.66 -23.70
N ASN C 176 -21.82 -9.75 -23.05
CA ASN C 176 -20.82 -10.70 -23.58
C ASN C 176 -19.55 -9.94 -23.99
N ALA C 177 -19.13 -8.98 -23.16
CA ALA C 177 -18.06 -8.06 -23.50
C ALA C 177 -16.69 -8.64 -23.18
N ASP C 178 -15.74 -8.43 -24.09
CA ASP C 178 -14.36 -8.89 -23.93
C ASP C 178 -13.47 -7.87 -23.24
N ALA C 179 -13.89 -6.61 -23.25
CA ALA C 179 -13.12 -5.53 -22.61
C ALA C 179 -14.02 -4.33 -22.37
N CYS C 180 -13.56 -3.42 -21.52
CA CYS C 180 -14.25 -2.17 -21.26
C CYS C 180 -13.36 -0.97 -21.47
N GLU C 181 -14.02 0.16 -21.74
CA GLU C 181 -13.34 1.43 -21.91
C GLU C 181 -14.39 2.55 -21.85
N MET C 182 -14.01 3.79 -22.14
CA MET C 182 -14.90 4.93 -21.85
C MET C 182 -15.22 5.78 -23.07
N GLU C 183 -14.88 5.31 -24.27
CA GLU C 183 -15.02 6.10 -25.50
C GLU C 183 -15.47 5.37 -26.77
N GLY C 184 -15.40 4.04 -26.81
CA GLY C 184 -15.52 3.30 -28.07
C GLY C 184 -16.91 3.37 -28.66
N ALA C 185 -17.90 3.01 -27.86
CA ALA C 185 -19.28 2.95 -28.34
C ALA C 185 -19.77 4.30 -28.82
N SER C 186 -19.37 5.36 -28.10
CA SER C 186 -19.75 6.72 -28.44
C SER C 186 -19.13 7.16 -29.77
N VAL C 187 -17.83 6.88 -29.96
CA VAL C 187 -17.15 7.20 -31.21
C VAL C 187 -17.77 6.40 -32.38
N ALA C 188 -17.98 5.11 -32.17
CA ALA C 188 -18.58 4.24 -33.19
C ALA C 188 -19.98 4.71 -33.58
N LEU C 189 -20.76 5.15 -32.60
CA LEU C 189 -22.11 5.69 -32.84
C LEU C 189 -22.04 6.94 -33.74
N VAL C 190 -21.16 7.86 -33.41
CA VAL C 190 -20.98 9.08 -34.21
C VAL C 190 -20.63 8.74 -35.66
N CYS C 191 -19.65 7.86 -35.83
CA CYS C 191 -19.20 7.47 -37.16
C CYS C 191 -20.31 6.81 -37.96
N ASP C 192 -21.04 5.90 -37.34
CA ASP C 192 -22.19 5.27 -38.00
C ASP C 192 -23.23 6.31 -38.43
N ALA C 193 -23.56 7.22 -37.52
CA ALA C 193 -24.55 8.26 -37.77
C ALA C 193 -24.15 9.15 -38.96
N LEU C 194 -22.86 9.46 -39.06
CA LEU C 194 -22.33 10.31 -40.12
C LEU C 194 -21.79 9.55 -41.34
N LYS C 195 -22.06 8.25 -41.42
CA LYS C 195 -21.68 7.38 -42.55
C LYS C 195 -20.18 7.36 -42.83
N VAL C 196 -19.39 7.29 -41.76
CA VAL C 196 -17.94 7.22 -41.82
C VAL C 196 -17.53 5.84 -41.28
N PRO C 197 -16.77 5.07 -42.08
CA PRO C 197 -16.23 3.80 -41.59
C PRO C 197 -15.36 3.99 -40.36
N CYS C 198 -15.60 3.17 -39.34
CA CYS C 198 -14.95 3.28 -38.03
C CYS C 198 -14.26 1.97 -37.66
N PHE C 199 -13.06 2.09 -37.12
CA PHE C 199 -12.29 0.97 -36.57
C PHE C 199 -11.94 1.33 -35.13
N ILE C 200 -12.20 0.43 -34.19
CA ILE C 200 -11.89 0.67 -32.77
C ILE C 200 -10.89 -0.38 -32.30
N LEU C 201 -9.65 0.04 -32.05
CA LEU C 201 -8.59 -0.83 -31.56
C LEU C 201 -8.19 -0.47 -30.14
N ARG C 202 -8.02 -1.48 -29.30
CA ARG C 202 -7.59 -1.27 -27.93
C ARG C 202 -6.49 -2.28 -27.55
N ALA C 203 -5.45 -1.80 -26.87
CA ALA C 203 -4.46 -2.67 -26.24
C ALA C 203 -4.74 -2.73 -24.75
N MET C 204 -4.74 -3.92 -24.17
CA MET C 204 -5.09 -4.06 -22.76
C MET C 204 -4.03 -3.41 -21.85
N SER C 205 -4.49 -2.55 -20.94
CA SER C 205 -3.62 -1.94 -19.92
C SER C 205 -3.80 -2.53 -18.52
N ASP C 206 -4.88 -3.29 -18.31
CA ASP C 206 -5.23 -3.81 -16.99
C ASP C 206 -6.37 -4.82 -17.16
N LYS C 207 -6.77 -5.46 -16.06
CA LYS C 207 -7.82 -6.46 -16.07
C LYS C 207 -9.11 -6.03 -15.33
N ALA C 208 -9.24 -4.73 -15.08
CA ALA C 208 -10.48 -4.11 -14.60
C ALA C 208 -11.06 -4.64 -13.28
N GLY C 209 -10.17 -5.18 -12.42
CA GLY C 209 -10.55 -5.66 -11.10
C GLY C 209 -9.83 -4.86 -10.01
N GLU C 210 -9.54 -5.52 -8.90
CA GLU C 210 -8.89 -4.86 -7.78
C GLU C 210 -7.59 -4.19 -8.07
N LYS C 211 -6.64 -4.76 -8.82
CA LYS C 211 -5.37 -4.05 -9.06
C LYS C 211 -5.50 -2.81 -10.09
N ALA C 212 -6.66 -2.64 -10.72
CA ALA C 212 -6.69 -2.13 -12.10
C ALA C 212 -6.07 -0.74 -12.24
N GLU C 213 -6.32 0.12 -11.26
CA GLU C 213 -5.71 1.47 -11.27
C GLU C 213 -4.18 1.43 -11.30
N PHE C 214 -3.59 0.45 -10.58
CA PHE C 214 -2.14 0.33 -10.52
C PHE C 214 -1.56 -0.28 -11.81
N ASP C 215 -2.23 -1.30 -12.35
CA ASP C 215 -1.84 -1.86 -13.63
C ASP C 215 -1.98 -0.82 -14.73
N PHE C 216 -3.09 -0.08 -14.74
CA PHE C 216 -3.27 0.99 -15.73
C PHE C 216 -2.10 1.98 -15.68
N ASP C 217 -1.74 2.43 -14.48
CA ASP C 217 -0.63 3.37 -14.33
C ASP C 217 0.69 2.79 -14.85
N GLU C 218 0.94 1.52 -14.55
CA GLU C 218 2.19 0.86 -14.97
C GLU C 218 2.27 0.62 -16.48
N PHE C 219 1.15 0.27 -17.10
CA PHE C 219 1.16 -0.23 -18.48
C PHE C 219 0.56 0.67 -19.55
N VAL C 220 -0.09 1.78 -19.16
CA VAL C 220 -0.76 2.64 -20.15
C VAL C 220 0.17 3.14 -21.26
N ILE C 221 1.36 3.60 -20.90
CA ILE C 221 2.29 4.16 -21.90
C ILE C 221 2.66 3.11 -22.94
N ASN C 222 3.08 1.93 -22.48
CA ASN C 222 3.51 0.87 -23.39
C ASN C 222 2.36 0.29 -24.22
N SER C 223 1.24 -0.01 -23.58
CA SER C 223 0.07 -0.53 -24.29
C SER C 223 -0.46 0.47 -25.31
N ALA C 224 -0.45 1.75 -24.97
CA ALA C 224 -0.87 2.81 -25.90
C ALA C 224 0.00 2.84 -27.15
N LYS C 225 1.32 2.63 -27.00
CA LYS C 225 2.23 2.57 -28.15
C LYS C 225 1.94 1.38 -29.07
N ILE C 226 1.58 0.24 -28.50
CA ILE C 226 1.28 -0.97 -29.28
C ILE C 226 0.08 -0.71 -30.19
N SER C 227 -0.99 -0.14 -29.64
CA SER C 227 -2.17 0.21 -30.41
C SER C 227 -1.88 1.27 -31.46
N ALA C 228 -1.16 2.32 -31.06
CA ALA C 228 -0.81 3.42 -31.95
C ALA C 228 0.01 2.97 -33.16
N ASN C 229 1.02 2.14 -32.92
CA ASN C 229 1.83 1.57 -34.00
C ASN C 229 0.95 0.84 -35.01
N PHE C 230 0.02 0.04 -34.52
CA PHE C 230 -0.86 -0.77 -35.37
C PHE C 230 -1.74 0.08 -36.29
N VAL C 231 -2.39 1.11 -35.75
CA VAL C 231 -3.25 1.96 -36.58
C VAL C 231 -2.47 2.74 -37.63
N LEU C 232 -1.23 3.12 -37.33
CA LEU C 232 -0.37 3.78 -38.33
C LEU C 232 -0.01 2.81 -39.46
N LYS C 233 0.21 1.53 -39.13
CA LYS C 233 0.45 0.50 -40.15
C LYS C 233 -0.78 0.32 -41.04
N MET C 234 -1.98 0.39 -40.45
CA MET C 234 -3.22 0.33 -41.24
C MET C 234 -3.35 1.49 -42.23
N CYS C 235 -2.90 2.68 -41.84
CA CYS C 235 -2.90 3.85 -42.74
C CYS C 235 -2.08 3.62 -44.00
N GLU C 236 -0.97 2.90 -43.89
CA GLU C 236 -0.12 2.57 -45.04
C GLU C 236 -0.88 1.77 -46.11
N LYS C 237 -1.75 0.87 -45.68
CA LYS C 237 -2.51 0.00 -46.59
C LYS C 237 -3.85 0.59 -47.07
N LEU C 238 -4.33 1.67 -46.44
CA LEU C 238 -5.57 2.32 -46.88
C LEU C 238 -5.35 3.12 -48.16
N GLY D 10 -19.90 2.75 2.27
CA GLY D 10 -19.92 1.36 2.82
C GLY D 10 -18.74 0.50 2.38
N MET D 11 -18.43 -0.50 3.19
CA MET D 11 -17.30 -1.40 2.94
C MET D 11 -17.70 -2.63 2.11
N LYS D 12 -16.69 -3.30 1.54
CA LYS D 12 -16.92 -4.56 0.82
C LYS D 12 -16.90 -5.69 1.84
N ILE D 13 -18.02 -6.44 1.92
CA ILE D 13 -18.20 -7.47 2.94
C ILE D 13 -18.25 -8.85 2.29
N ALA D 14 -17.41 -9.76 2.76
CA ALA D 14 -17.51 -11.17 2.38
C ALA D 14 -18.40 -11.90 3.38
N ILE D 15 -19.32 -12.71 2.87
CA ILE D 15 -20.08 -13.63 3.71
C ILE D 15 -19.80 -15.04 3.18
N LEU D 16 -19.22 -15.87 4.05
CA LEU D 16 -18.74 -17.18 3.66
C LEU D 16 -19.37 -18.27 4.51
N GLY D 17 -19.81 -19.34 3.86
CA GLY D 17 -20.19 -20.60 4.51
C GLY D 17 -19.45 -21.75 3.87
N ALA D 18 -19.68 -22.96 4.38
CA ALA D 18 -19.04 -24.16 3.85
C ALA D 18 -19.93 -24.89 2.84
N MET D 19 -21.22 -24.97 3.14
CA MET D 19 -22.18 -25.74 2.32
C MET D 19 -23.26 -24.83 1.76
N SER D 20 -23.90 -25.31 0.69
CA SER D 20 -25.00 -24.59 0.05
CA SER D 20 -25.00 -24.59 0.05
C SER D 20 -26.08 -24.19 1.04
N GLU D 21 -26.41 -25.08 1.96
CA GLU D 21 -27.42 -24.84 2.99
C GLU D 21 -27.14 -23.62 3.86
N GLU D 22 -25.86 -23.28 4.03
CA GLU D 22 -25.45 -22.17 4.87
C GLU D 22 -25.51 -20.80 4.16
N ILE D 23 -25.52 -20.80 2.83
CA ILE D 23 -25.48 -19.57 2.04
C ILE D 23 -26.70 -19.33 1.16
N THR D 24 -27.30 -20.39 0.63
CA THR D 24 -28.48 -20.27 -0.24
C THR D 24 -29.63 -19.43 0.38
N PRO D 25 -29.89 -19.56 1.70
CA PRO D 25 -30.89 -18.68 2.32
C PRO D 25 -30.61 -17.17 2.16
N LEU D 26 -29.34 -16.77 2.18
CA LEU D 26 -28.97 -15.37 1.92
C LEU D 26 -29.24 -14.98 0.48
N LEU D 27 -28.89 -15.85 -0.46
CA LEU D 27 -29.14 -15.58 -1.88
C LEU D 27 -30.62 -15.43 -2.18
N GLU D 28 -31.44 -16.27 -1.55
CA GLU D 28 -32.92 -16.17 -1.67
C GLU D 28 -33.47 -14.86 -1.11
N THR D 29 -32.89 -14.37 0.00
CA THR D 29 -33.27 -13.08 0.58
C THR D 29 -32.84 -11.91 -0.29
N LEU D 30 -31.60 -11.97 -0.79
CA LEU D 30 -31.05 -10.90 -1.62
C LEU D 30 -31.73 -10.81 -3.00
N LYS D 31 -32.10 -11.97 -3.55
CA LYS D 31 -32.86 -12.08 -4.82
C LYS D 31 -32.05 -11.71 -6.07
N ASP D 32 -31.56 -10.48 -6.13
CA ASP D 32 -30.79 -9.98 -7.26
C ASP D 32 -29.30 -10.04 -6.95
N TYR D 33 -28.58 -10.79 -7.78
CA TYR D 33 -27.13 -10.92 -7.64
C TYR D 33 -26.51 -11.38 -8.95
N THR D 34 -25.21 -11.14 -9.09
CA THR D 34 -24.41 -11.62 -10.22
C THR D 34 -23.52 -12.76 -9.75
N LYS D 35 -23.14 -13.64 -10.67
CA LYS D 35 -22.27 -14.79 -10.40
C LYS D 35 -20.95 -14.65 -11.14
N ILE D 36 -19.87 -15.12 -10.52
CA ILE D 36 -18.61 -15.35 -11.22
C ILE D 36 -18.13 -16.76 -10.90
N GLU D 37 -17.77 -17.51 -11.95
CA GLU D 37 -17.12 -18.81 -11.78
C GLU D 37 -15.63 -18.56 -11.60
N HIS D 38 -15.08 -19.03 -10.49
CA HIS D 38 -13.68 -18.81 -10.16
C HIS D 38 -13.26 -19.80 -9.07
N ALA D 39 -12.02 -20.26 -9.13
CA ALA D 39 -11.47 -21.16 -8.12
C ALA D 39 -12.32 -22.44 -7.95
N ASN D 40 -12.78 -22.99 -9.08
CA ASN D 40 -13.64 -24.18 -9.12
C ASN D 40 -14.84 -24.06 -8.18
N ASN D 41 -15.49 -22.89 -8.26
CA ASN D 41 -16.60 -22.54 -7.37
C ASN D 41 -17.35 -21.36 -7.99
N THR D 42 -18.46 -20.96 -7.38
CA THR D 42 -19.21 -19.79 -7.78
C THR D 42 -19.16 -18.75 -6.67
N TYR D 43 -18.84 -17.50 -7.03
CA TYR D 43 -18.87 -16.38 -6.10
C TYR D 43 -19.98 -15.44 -6.52
N TYR D 44 -20.78 -15.00 -5.55
CA TYR D 44 -22.00 -14.24 -5.79
C TYR D 44 -21.80 -12.80 -5.33
N PHE D 45 -22.31 -11.84 -6.11
CA PHE D 45 -22.13 -10.43 -5.82
C PHE D 45 -23.48 -9.73 -5.76
N ALA D 46 -23.71 -8.97 -4.68
CA ALA D 46 -24.99 -8.32 -4.44
C ALA D 46 -24.77 -7.03 -3.66
N LYS D 47 -25.67 -6.07 -3.85
CA LYS D 47 -25.67 -4.83 -3.08
C LYS D 47 -26.71 -4.97 -1.97
N TYR D 48 -26.37 -4.51 -0.76
CA TYR D 48 -27.27 -4.61 0.39
C TYR D 48 -26.98 -3.47 1.37
N LYS D 49 -27.92 -2.53 1.48
CA LYS D 49 -27.84 -1.41 2.44
C LYS D 49 -26.55 -0.57 2.31
N ASP D 50 -26.21 -0.16 1.09
CA ASP D 50 -24.96 0.60 0.83
C ASP D 50 -23.65 -0.21 0.86
N HIS D 51 -23.73 -1.53 1.06
CA HIS D 51 -22.56 -2.41 1.07
C HIS D 51 -22.56 -3.29 -0.15
N GLU D 52 -21.38 -3.48 -0.74
CA GLU D 52 -21.18 -4.49 -1.77
C GLU D 52 -20.84 -5.79 -1.05
N LEU D 53 -21.63 -6.84 -1.29
CA LEU D 53 -21.40 -8.15 -0.70
C LEU D 53 -20.76 -9.08 -1.72
N VAL D 54 -19.86 -9.94 -1.24
CA VAL D 54 -19.42 -11.12 -2.00
C VAL D 54 -19.75 -12.32 -1.14
N LEU D 55 -20.45 -13.29 -1.71
CA LEU D 55 -20.88 -14.49 -0.99
C LEU D 55 -20.42 -15.74 -1.69
N ALA D 56 -20.19 -16.80 -0.91
CA ALA D 56 -19.89 -18.12 -1.45
C ALA D 56 -20.06 -19.16 -0.37
N TYR D 57 -20.27 -20.40 -0.79
CA TYR D 57 -19.98 -21.54 0.07
C TYR D 57 -18.70 -22.19 -0.45
N SER D 58 -17.79 -22.51 0.44
CA SER D 58 -16.43 -22.91 0.07
C SER D 58 -16.30 -24.37 -0.38
N LYS D 59 -17.28 -25.20 0.01
CA LYS D 59 -17.18 -26.66 0.12
C LYS D 59 -16.47 -26.99 1.42
N ILE D 60 -16.61 -28.24 1.85
CA ILE D 60 -16.30 -28.62 3.21
C ILE D 60 -14.80 -28.66 3.50
N GLY D 61 -14.42 -28.17 4.67
CA GLY D 61 -13.10 -28.43 5.23
C GLY D 61 -12.12 -27.28 5.17
N LYS D 62 -10.95 -27.53 5.73
CA LYS D 62 -9.95 -26.48 5.97
C LYS D 62 -9.35 -25.91 4.68
N VAL D 63 -8.98 -26.79 3.76
CA VAL D 63 -8.35 -26.34 2.50
C VAL D 63 -9.33 -25.53 1.68
N ASN D 64 -10.54 -26.07 1.48
CA ASN D 64 -11.57 -25.38 0.70
C ASN D 64 -11.91 -24.00 1.27
N SER D 65 -12.09 -23.93 2.59
CA SER D 65 -12.45 -22.66 3.25
C SER D 65 -11.29 -21.67 3.23
N THR D 66 -10.06 -22.15 3.37
CA THR D 66 -8.86 -21.30 3.25
C THR D 66 -8.81 -20.65 1.87
N LEU D 67 -9.00 -21.46 0.84
CA LEU D 67 -8.97 -20.97 -0.53
C LEU D 67 -10.04 -19.90 -0.75
N SER D 68 -11.27 -20.17 -0.32
CA SER D 68 -12.36 -19.20 -0.51
C SER D 68 -12.13 -17.88 0.21
N ALA D 69 -11.69 -17.94 1.47
CA ALA D 69 -11.36 -16.72 2.22
C ALA D 69 -10.25 -15.92 1.51
N SER D 70 -9.23 -16.63 1.04
CA SER D 70 -8.11 -16.00 0.32
CA SER D 70 -8.11 -15.99 0.33
C SER D 70 -8.57 -15.33 -0.96
N VAL D 71 -9.42 -16.03 -1.72
CA VAL D 71 -9.98 -15.50 -2.96
C VAL D 71 -10.84 -14.26 -2.70
N MET D 72 -11.70 -14.35 -1.70
CA MET D 72 -12.61 -13.23 -1.38
C MET D 72 -11.86 -11.96 -1.01
N ILE D 73 -10.73 -12.10 -0.35
CA ILE D 73 -9.89 -10.95 0.05
C ILE D 73 -8.94 -10.54 -1.08
N GLU D 74 -8.12 -11.48 -1.56
CA GLU D 74 -7.05 -11.15 -2.52
C GLU D 74 -7.58 -10.79 -3.91
N LYS D 75 -8.59 -11.51 -4.38
CA LYS D 75 -9.15 -11.26 -5.71
C LYS D 75 -10.31 -10.28 -5.66
N PHE D 76 -11.26 -10.50 -4.76
CA PHE D 76 -12.52 -9.73 -4.75
C PHE D 76 -12.56 -8.57 -3.74
N GLY D 77 -11.42 -8.33 -3.05
CA GLY D 77 -11.23 -7.12 -2.27
C GLY D 77 -12.06 -6.97 -1.01
N ALA D 78 -12.51 -8.08 -0.41
CA ALA D 78 -13.27 -8.02 0.82
C ALA D 78 -12.47 -7.33 1.92
N GLN D 79 -13.15 -6.41 2.64
CA GLN D 79 -12.53 -5.64 3.72
C GLN D 79 -12.94 -6.13 5.11
N VAL D 80 -14.03 -6.90 5.17
CA VAL D 80 -14.48 -7.58 6.37
C VAL D 80 -15.00 -8.94 5.89
N LEU D 81 -14.88 -9.95 6.74
CA LEU D 81 -15.41 -11.28 6.42
C LEU D 81 -16.23 -11.82 7.58
N LEU D 82 -17.47 -12.20 7.27
CA LEU D 82 -18.36 -12.82 8.24
C LEU D 82 -18.58 -14.26 7.81
N PHE D 83 -18.22 -15.21 8.67
CA PHE D 83 -18.49 -16.62 8.41
C PHE D 83 -19.79 -17.02 9.09
N THR D 84 -20.63 -17.75 8.35
CA THR D 84 -21.91 -18.23 8.85
C THR D 84 -22.07 -19.72 8.55
N GLY D 85 -22.55 -20.47 9.53
CA GLY D 85 -22.85 -21.87 9.30
C GLY D 85 -23.25 -22.58 10.56
N VAL D 86 -23.10 -23.91 10.54
CA VAL D 86 -23.49 -24.75 11.66
C VAL D 86 -22.27 -25.36 12.34
N ALA D 87 -22.47 -26.00 13.48
CA ALA D 87 -21.38 -26.62 14.25
C ALA D 87 -21.89 -27.73 15.15
N GLY D 88 -20.95 -28.52 15.63
CA GLY D 88 -21.21 -29.58 16.62
C GLY D 88 -20.94 -29.04 18.02
N ALA D 89 -21.94 -29.12 18.90
CA ALA D 89 -21.83 -28.57 20.25
C ALA D 89 -21.02 -29.48 21.18
N PHE D 90 -20.08 -28.88 21.90
CA PHE D 90 -19.29 -29.54 22.95
C PHE D 90 -19.76 -29.12 24.35
N ASN D 91 -19.94 -27.81 24.53
CA ASN D 91 -20.39 -27.26 25.82
C ASN D 91 -21.82 -27.77 26.09
N PRO D 92 -22.03 -28.50 27.20
CA PRO D 92 -23.37 -29.06 27.46
C PRO D 92 -24.50 -28.04 27.65
N GLU D 93 -24.17 -26.78 27.92
CA GLU D 93 -25.16 -25.70 27.96
C GLU D 93 -25.71 -25.29 26.58
N LEU D 94 -25.01 -25.64 25.50
CA LEU D 94 -25.51 -25.40 24.15
C LEU D 94 -26.56 -26.43 23.75
N GLU D 95 -27.65 -25.95 23.17
CA GLU D 95 -28.65 -26.80 22.55
C GLU D 95 -28.63 -26.62 21.05
N ILE D 96 -29.22 -27.58 20.36
CA ILE D 96 -29.36 -27.50 18.91
C ILE D 96 -30.13 -26.22 18.56
N GLY D 97 -29.60 -25.45 17.61
CA GLY D 97 -30.16 -24.15 17.23
C GLY D 97 -29.49 -22.95 17.87
N ASP D 98 -28.74 -23.14 18.95
CA ASP D 98 -28.11 -22.02 19.66
C ASP D 98 -26.96 -21.43 18.88
N LEU D 99 -26.84 -20.10 18.94
CA LEU D 99 -25.78 -19.37 18.27
C LEU D 99 -24.57 -19.20 19.17
N LEU D 100 -23.40 -19.46 18.59
CA LEU D 100 -22.11 -19.27 19.24
C LEU D 100 -21.21 -18.50 18.30
N TYR D 101 -20.60 -17.40 18.77
CA TYR D 101 -19.50 -16.78 18.03
C TYR D 101 -18.18 -17.14 18.68
N ALA D 102 -17.15 -17.32 17.85
CA ALA D 102 -15.83 -17.70 18.31
C ALA D 102 -15.03 -16.49 18.72
N THR D 103 -14.51 -16.48 19.94
CA THR D 103 -13.53 -15.47 20.35
C THR D 103 -12.14 -15.86 19.84
N LYS D 104 -11.85 -17.15 19.86
CA LYS D 104 -10.64 -17.68 19.25
C LYS D 104 -10.85 -19.13 18.82
N LEU D 105 -9.97 -19.61 17.93
CA LEU D 105 -10.11 -20.90 17.31
C LEU D 105 -8.76 -21.59 17.15
N ALA D 106 -8.75 -22.91 17.22
CA ALA D 106 -7.55 -23.72 16.99
C ALA D 106 -7.82 -24.86 16.03
N GLN D 107 -6.76 -25.36 15.39
CA GLN D 107 -6.83 -26.57 14.57
C GLN D 107 -6.44 -27.77 15.42
N TYR D 108 -7.40 -28.59 15.82
CA TYR D 108 -7.12 -29.75 16.70
C TYR D 108 -6.36 -30.90 16.02
N ASP D 109 -6.35 -30.91 14.68
CA ASP D 109 -5.71 -32.00 13.92
C ASP D 109 -4.41 -31.55 13.22
N LEU D 110 -3.88 -30.40 13.61
CA LEU D 110 -2.58 -29.94 13.14
C LEU D 110 -1.58 -30.43 14.18
N ASP D 111 -0.77 -31.41 13.79
CA ASP D 111 -0.07 -32.26 14.75
C ASP D 111 1.38 -32.53 14.36
N ILE D 112 2.29 -31.78 14.98
CA ILE D 112 3.73 -32.07 14.92
C ILE D 112 4.23 -32.40 16.33
N THR D 113 3.39 -33.06 17.12
CA THR D 113 3.70 -33.39 18.51
C THR D 113 4.88 -34.35 18.66
N ALA D 114 5.20 -35.08 17.58
CA ALA D 114 6.44 -35.89 17.53
C ALA D 114 7.70 -35.08 17.86
N PHE D 115 7.70 -33.79 17.54
CA PHE D 115 8.82 -32.90 17.82
C PHE D 115 8.73 -32.15 19.16
N GLY D 116 7.80 -32.57 20.02
CA GLY D 116 7.66 -32.01 21.36
C GLY D 116 6.92 -30.70 21.47
N HIS D 117 6.21 -30.28 20.41
CA HIS D 117 5.35 -29.09 20.49
C HIS D 117 3.93 -29.49 20.83
N PRO D 118 3.13 -28.54 21.36
CA PRO D 118 1.74 -28.88 21.66
C PRO D 118 0.90 -29.11 20.40
N LEU D 119 -0.17 -29.87 20.56
CA LEU D 119 -1.13 -30.10 19.49
C LEU D 119 -1.73 -28.76 19.03
N GLY D 120 -1.82 -28.57 17.71
CA GLY D 120 -2.33 -27.36 17.12
C GLY D 120 -1.30 -26.31 16.75
N PHE D 121 -0.04 -26.55 17.13
CA PHE D 121 1.03 -25.59 16.89
C PHE D 121 1.89 -25.98 15.69
N VAL D 122 2.21 -25.00 14.85
CA VAL D 122 3.37 -25.09 13.95
C VAL D 122 4.19 -23.80 14.06
N PRO D 123 5.52 -23.89 13.79
CA PRO D 123 6.36 -22.71 13.91
C PRO D 123 5.89 -21.55 13.03
N GLY D 124 6.00 -20.34 13.58
CA GLY D 124 5.56 -19.13 12.91
C GLY D 124 4.14 -18.72 13.26
N ASN D 125 3.34 -19.65 13.78
CA ASN D 125 1.94 -19.41 14.11
C ASN D 125 1.70 -19.66 15.59
N GLU D 126 0.49 -19.35 16.06
CA GLU D 126 0.07 -19.64 17.43
C GLU D 126 -0.95 -20.75 17.41
N ILE D 127 -1.23 -21.31 18.58
CA ILE D 127 -2.23 -22.37 18.70
C ILE D 127 -3.62 -21.81 18.40
N PHE D 128 -3.93 -20.65 19.00
CA PHE D 128 -5.23 -20.02 18.80
C PHE D 128 -5.14 -18.77 17.94
N ILE D 129 -6.09 -18.61 17.03
CA ILE D 129 -6.25 -17.38 16.26
C ILE D 129 -7.48 -16.65 16.78
N LYS D 130 -7.37 -15.33 16.96
CA LYS D 130 -8.45 -14.52 17.48
C LYS D 130 -9.29 -13.91 16.36
N THR D 131 -10.56 -13.71 16.66
CA THR D 131 -11.47 -12.97 15.78
C THR D 131 -11.48 -11.49 16.19
N ASP D 132 -12.16 -10.66 15.40
CA ASP D 132 -12.14 -9.21 15.59
C ASP D 132 -13.05 -8.74 16.74
N GLU D 133 -12.46 -8.00 17.69
CA GLU D 133 -13.20 -7.52 18.86
C GLU D 133 -14.38 -6.60 18.50
N LYS D 134 -14.17 -5.68 17.54
CA LYS D 134 -15.24 -4.76 17.14
C LYS D 134 -16.43 -5.47 16.50
N LEU D 135 -16.15 -6.44 15.63
CA LEU D 135 -17.24 -7.26 15.06
C LEU D 135 -17.97 -8.06 16.12
N ASN D 136 -17.22 -8.64 17.06
CA ASN D 136 -17.83 -9.40 18.15
C ASN D 136 -18.75 -8.50 18.99
N ASN D 137 -18.32 -7.28 19.28
CA ASN D 137 -19.15 -6.32 20.02
C ASN D 137 -20.38 -5.88 19.23
N LEU D 138 -20.23 -5.71 17.92
CA LEU D 138 -21.37 -5.45 17.04
C LEU D 138 -22.39 -6.58 17.11
N ALA D 139 -21.91 -7.83 17.10
CA ALA D 139 -22.79 -8.98 17.21
C ALA D 139 -23.58 -8.97 18.53
N LEU D 140 -22.90 -8.62 19.62
CA LEU D 140 -23.58 -8.50 20.93
C LEU D 140 -24.67 -7.43 20.90
N GLU D 141 -24.42 -6.31 20.22
CA GLU D 141 -25.43 -5.25 20.04
C GLU D 141 -26.63 -5.75 19.23
N VAL D 142 -26.36 -6.45 18.13
CA VAL D 142 -27.42 -7.03 17.29
C VAL D 142 -28.25 -8.04 18.08
N ALA D 143 -27.58 -8.92 18.82
CA ALA D 143 -28.24 -9.93 19.65
C ALA D 143 -29.19 -9.31 20.69
N LYS D 144 -28.74 -8.23 21.33
CA LYS D 144 -29.55 -7.51 22.31
C LYS D 144 -30.74 -6.83 21.63
N GLU D 145 -30.50 -6.14 20.53
CA GLU D 145 -31.55 -5.42 19.78
C GLU D 145 -32.66 -6.35 19.29
N LEU D 146 -32.29 -7.53 18.79
CA LEU D 146 -33.25 -8.50 18.26
C LEU D 146 -33.70 -9.59 19.25
N ASN D 147 -33.28 -9.46 20.52
CA ASN D 147 -33.62 -10.40 21.58
C ASN D 147 -33.26 -11.85 21.23
N ILE D 148 -32.03 -12.03 20.75
CA ILE D 148 -31.52 -13.33 20.31
C ILE D 148 -30.44 -13.72 21.31
N LYS D 149 -30.48 -14.96 21.78
CA LYS D 149 -29.47 -15.48 22.69
C LYS D 149 -28.18 -15.72 21.89
N LEU D 150 -27.07 -15.18 22.39
CA LEU D 150 -25.78 -15.32 21.72
C LEU D 150 -24.70 -15.62 22.76
N ARG D 151 -23.94 -16.68 22.53
CA ARG D 151 -22.90 -17.13 23.44
C ARG D 151 -21.53 -16.92 22.78
N ALA D 152 -20.54 -16.56 23.59
CA ALA D 152 -19.15 -16.45 23.14
C ALA D 152 -18.42 -17.73 23.54
N GLY D 153 -17.51 -18.20 22.70
CA GLY D 153 -16.75 -19.40 23.02
C GLY D 153 -15.56 -19.67 22.14
N ILE D 154 -14.94 -20.81 22.40
CA ILE D 154 -13.78 -21.27 21.67
C ILE D 154 -14.25 -22.35 20.70
N ILE D 155 -13.79 -22.27 19.45
CA ILE D 155 -14.11 -23.30 18.47
C ILE D 155 -12.86 -24.09 18.08
N ALA D 156 -12.99 -25.40 18.06
CA ALA D 156 -11.95 -26.30 17.61
C ALA D 156 -12.29 -26.74 16.18
N THR D 157 -11.35 -26.52 15.27
CA THR D 157 -11.54 -26.81 13.84
C THR D 157 -10.64 -27.96 13.42
N GLY D 158 -11.17 -28.86 12.60
CA GLY D 158 -10.35 -29.91 11.99
C GLY D 158 -11.12 -30.53 10.84
N ASP D 159 -10.48 -31.43 10.11
CA ASP D 159 -11.04 -31.98 8.88
C ASP D 159 -11.78 -33.30 9.07
N GLU D 160 -12.32 -33.52 10.27
CA GLU D 160 -13.13 -34.70 10.58
C GLU D 160 -14.52 -34.27 11.05
N PHE D 161 -15.56 -34.96 10.59
CA PHE D 161 -16.88 -34.82 11.20
C PHE D 161 -16.86 -35.63 12.49
N ILE D 162 -17.02 -34.94 13.63
CA ILE D 162 -16.90 -35.57 14.95
C ILE D 162 -18.25 -36.16 15.34
N CYS D 163 -18.26 -37.46 15.62
CA CYS D 163 -19.49 -38.16 16.00
C CYS D 163 -19.13 -39.31 16.93
N ASP D 164 -18.40 -38.94 17.97
CA ASP D 164 -17.72 -39.89 18.84
C ASP D 164 -17.51 -39.17 20.17
N GLU D 165 -18.09 -39.70 21.24
CA GLU D 165 -18.04 -39.05 22.56
C GLU D 165 -16.61 -38.93 23.10
N ALA D 166 -15.77 -39.92 22.81
CA ALA D 166 -14.39 -39.92 23.28
C ALA D 166 -13.58 -38.80 22.61
N LYS D 167 -13.71 -38.70 21.29
CA LYS D 167 -13.04 -37.62 20.54
C LYS D 167 -13.52 -36.24 20.94
N LYS D 168 -14.84 -36.09 21.06
CA LYS D 168 -15.45 -34.87 21.56
C LYS D 168 -14.84 -34.45 22.90
N ALA D 169 -14.80 -35.39 23.85
CA ALA D 169 -14.27 -35.13 25.18
C ALA D 169 -12.79 -34.71 25.16
N LYS D 170 -12.01 -35.41 24.32
CA LYS D 170 -10.58 -35.12 24.19
C LYS D 170 -10.32 -33.72 23.62
N ILE D 171 -11.00 -33.37 22.54
CA ILE D 171 -10.81 -32.07 21.90
C ILE D 171 -11.29 -30.96 22.83
N ARG D 172 -12.45 -31.19 23.47
CA ARG D 172 -12.97 -30.25 24.47
C ARG D 172 -11.94 -29.99 25.57
N GLU D 173 -11.35 -31.07 26.11
CA GLU D 173 -10.38 -30.94 27.20
C GLU D 173 -9.10 -30.20 26.79
N ILE D 174 -8.51 -30.59 25.66
CA ILE D 174 -7.24 -30.02 25.23
C ILE D 174 -7.36 -28.54 24.90
N PHE D 175 -8.44 -28.15 24.22
CA PHE D 175 -8.60 -26.78 23.71
C PHE D 175 -9.62 -25.91 24.45
N ASN D 176 -10.28 -26.46 25.47
CA ASN D 176 -11.38 -25.79 26.18
C ASN D 176 -12.43 -25.31 25.18
N ALA D 177 -12.74 -26.17 24.19
CA ALA D 177 -13.58 -25.80 23.07
C ALA D 177 -15.04 -25.99 23.38
N ASP D 178 -15.85 -25.02 22.94
CA ASP D 178 -17.31 -25.05 23.12
C ASP D 178 -18.04 -25.73 21.96
N ALA D 179 -17.39 -25.83 20.81
CA ALA D 179 -17.96 -26.47 19.64
C ALA D 179 -16.87 -26.84 18.65
N CYS D 180 -17.21 -27.71 17.71
CA CYS D 180 -16.31 -28.09 16.63
C CYS D 180 -16.93 -27.85 15.27
N GLU D 181 -16.05 -27.69 14.28
CA GLU D 181 -16.46 -27.54 12.90
C GLU D 181 -15.21 -27.74 12.03
N MET D 182 -15.31 -27.48 10.72
CA MET D 182 -14.25 -27.90 9.80
C MET D 182 -13.66 -26.75 8.98
N GLU D 183 -13.99 -25.51 9.33
CA GLU D 183 -13.60 -24.33 8.54
C GLU D 183 -13.20 -23.06 9.30
N GLY D 184 -13.52 -22.95 10.59
CA GLY D 184 -13.45 -21.67 11.29
C GLY D 184 -12.03 -21.18 11.48
N ALA D 185 -11.19 -22.04 12.05
CA ALA D 185 -9.81 -21.66 12.37
C ALA D 185 -9.04 -21.28 11.12
N SER D 186 -9.28 -22.02 10.04
CA SER D 186 -8.61 -21.77 8.76
C SER D 186 -9.03 -20.41 8.17
N VAL D 187 -10.33 -20.13 8.19
CA VAL D 187 -10.84 -18.84 7.69
C VAL D 187 -10.29 -17.68 8.55
N ALA D 188 -10.35 -17.85 9.87
CA ALA D 188 -9.86 -16.83 10.81
C ALA D 188 -8.36 -16.57 10.62
N LEU D 189 -7.59 -17.63 10.37
CA LEU D 189 -6.16 -17.50 10.11
C LEU D 189 -5.91 -16.67 8.86
N VAL D 190 -6.62 -16.98 7.77
CA VAL D 190 -6.48 -16.22 6.52
C VAL D 190 -6.77 -14.74 6.75
N CYS D 191 -7.88 -14.46 7.41
CA CYS D 191 -8.29 -13.07 7.66
C CYS D 191 -7.26 -12.32 8.50
N ASP D 192 -6.79 -12.95 9.56
CA ASP D 192 -5.74 -12.37 10.40
C ASP D 192 -4.47 -12.07 9.58
N ALA D 193 -4.05 -13.04 8.78
CA ALA D 193 -2.84 -12.91 7.95
C ALA D 193 -2.95 -11.76 6.97
N LEU D 194 -4.15 -11.56 6.40
CA LEU D 194 -4.40 -10.50 5.41
C LEU D 194 -4.96 -9.20 6.01
N LYS D 195 -4.97 -9.09 7.34
CA LYS D 195 -5.42 -7.90 8.08
C LYS D 195 -6.85 -7.49 7.78
N VAL D 196 -7.73 -8.50 7.70
CA VAL D 196 -9.15 -8.32 7.46
C VAL D 196 -9.89 -8.75 8.75
N PRO D 197 -10.72 -7.85 9.33
CA PRO D 197 -11.54 -8.24 10.47
C PRO D 197 -12.46 -9.40 10.14
N CYS D 198 -12.47 -10.40 11.03
CA CYS D 198 -13.18 -11.65 10.84
C CYS D 198 -14.15 -11.91 12.00
N PHE D 199 -15.35 -12.38 11.64
CA PHE D 199 -16.36 -12.81 12.60
C PHE D 199 -16.75 -14.24 12.23
N ILE D 200 -16.74 -15.15 13.19
CA ILE D 200 -17.11 -16.55 12.95
C ILE D 200 -18.33 -16.88 13.79
N LEU D 201 -19.48 -17.07 13.14
CA LEU D 201 -20.73 -17.44 13.81
C LEU D 201 -21.16 -18.84 13.43
N ARG D 202 -21.61 -19.61 14.42
CA ARG D 202 -22.10 -20.96 14.19
C ARG D 202 -23.39 -21.20 14.97
N ALA D 203 -24.36 -21.82 14.32
CA ALA D 203 -25.57 -22.33 14.99
C ALA D 203 -25.42 -23.85 15.16
N MET D 204 -25.71 -24.35 16.35
CA MET D 204 -25.51 -25.78 16.60
C MET D 204 -26.50 -26.64 15.80
N SER D 205 -25.97 -27.62 15.08
CA SER D 205 -26.78 -28.61 14.34
C SER D 205 -26.84 -29.98 15.01
N ASP D 206 -25.95 -30.24 15.95
CA ASP D 206 -25.82 -31.55 16.58
C ASP D 206 -24.89 -31.42 17.78
N LYS D 207 -24.72 -32.52 18.52
CA LYS D 207 -23.88 -32.54 19.73
C LYS D 207 -22.61 -33.37 19.58
N ALA D 208 -22.25 -33.70 18.33
CA ALA D 208 -20.94 -34.30 18.00
C ALA D 208 -20.61 -35.63 18.68
N GLY D 209 -21.64 -36.38 19.05
CA GLY D 209 -21.48 -37.71 19.65
C GLY D 209 -22.10 -38.78 18.78
N GLU D 210 -22.57 -39.86 19.42
CA GLU D 210 -23.26 -40.91 18.69
C GLU D 210 -24.53 -40.32 18.10
N LYS D 211 -24.81 -40.64 16.85
CA LYS D 211 -25.97 -40.09 16.14
C LYS D 211 -25.87 -38.60 15.77
N ALA D 212 -24.68 -38.01 15.86
CA ALA D 212 -24.45 -36.64 15.37
C ALA D 212 -24.79 -36.51 13.88
N GLU D 213 -24.46 -37.52 13.09
CA GLU D 213 -24.80 -37.51 11.66
C GLU D 213 -26.31 -37.38 11.42
N PHE D 214 -27.12 -38.01 12.27
CA PHE D 214 -28.58 -37.96 12.14
C PHE D 214 -29.15 -36.62 12.60
N ASP D 215 -28.64 -36.10 13.71
CA ASP D 215 -29.03 -34.75 14.16
C ASP D 215 -28.62 -33.71 13.13
N PHE D 216 -27.39 -33.82 12.60
CA PHE D 216 -26.95 -32.90 11.56
C PHE D 216 -27.91 -32.90 10.37
N ASP D 217 -28.28 -34.08 9.89
CA ASP D 217 -29.22 -34.20 8.77
C ASP D 217 -30.57 -33.56 9.09
N GLU D 218 -31.07 -33.78 10.30
CA GLU D 218 -32.37 -33.24 10.71
C GLU D 218 -32.38 -31.72 10.87
N PHE D 219 -31.29 -31.16 11.40
CA PHE D 219 -31.29 -29.77 11.86
C PHE D 219 -30.45 -28.78 11.03
N VAL D 220 -29.64 -29.27 10.09
CA VAL D 220 -28.74 -28.39 9.35
C VAL D 220 -29.46 -27.23 8.63
N ILE D 221 -30.57 -27.53 7.96
CA ILE D 221 -31.27 -26.49 7.19
C ILE D 221 -31.73 -25.35 8.10
N ASN D 222 -32.41 -25.70 9.21
CA ASN D 222 -32.95 -24.70 10.12
C ASN D 222 -31.85 -23.94 10.86
N SER D 223 -30.88 -24.66 11.41
CA SER D 223 -29.76 -24.01 12.11
C SER D 223 -28.96 -23.09 11.18
N ALA D 224 -28.76 -23.51 9.94
CA ALA D 224 -28.07 -22.69 8.95
C ALA D 224 -28.79 -21.36 8.68
N LYS D 225 -30.12 -21.40 8.65
CA LYS D 225 -30.92 -20.18 8.46
C LYS D 225 -30.78 -19.21 9.63
N ILE D 226 -30.72 -19.73 10.85
CA ILE D 226 -30.58 -18.91 12.05
C ILE D 226 -29.27 -18.11 12.00
N SER D 227 -28.18 -18.79 11.68
CA SER D 227 -26.88 -18.13 11.54
C SER D 227 -26.87 -17.13 10.39
N ALA D 228 -27.41 -17.54 9.24
CA ALA D 228 -27.44 -16.69 8.05
C ALA D 228 -28.22 -15.39 8.28
N ASN D 229 -29.39 -15.50 8.90
CA ASN D 229 -30.19 -14.32 9.23
C ASN D 229 -29.40 -13.34 10.08
N PHE D 230 -28.69 -13.86 11.08
CA PHE D 230 -27.92 -13.03 12.01
C PHE D 230 -26.81 -12.23 11.32
N VAL D 231 -26.02 -12.89 10.47
CA VAL D 231 -24.93 -12.17 9.78
C VAL D 231 -25.44 -11.10 8.81
N LEU D 232 -26.60 -11.33 8.19
CA LEU D 232 -27.22 -10.31 7.34
C LEU D 232 -27.66 -9.10 8.18
N LYS D 233 -28.16 -9.33 9.39
CA LYS D 233 -28.51 -8.24 10.31
C LYS D 233 -27.27 -7.44 10.72
N MET D 234 -26.14 -8.12 10.91
CA MET D 234 -24.87 -7.43 11.19
C MET D 234 -24.43 -6.51 10.04
N CYS D 235 -24.67 -6.94 8.79
CA CYS D 235 -24.37 -6.11 7.63
C CYS D 235 -25.10 -4.77 7.63
N GLU D 236 -26.34 -4.76 8.12
CA GLU D 236 -27.12 -3.52 8.23
C GLU D 236 -26.45 -2.47 9.11
N LYS D 237 -25.81 -2.93 10.20
CA LYS D 237 -25.13 -2.03 11.15
C LYS D 237 -23.68 -1.69 10.81
N LEU D 238 -23.06 -2.41 9.89
CA LEU D 238 -21.69 -2.11 9.45
C LEU D 238 -21.63 -0.86 8.57
N GLY E 10 10.59 17.28 21.21
CA GLY E 10 10.38 15.97 21.86
C GLY E 10 11.47 14.97 21.54
N MET E 11 11.66 14.00 22.44
CA MET E 11 12.69 12.97 22.29
C MET E 11 12.17 11.73 21.56
N LYS E 12 13.10 10.92 21.05
CA LYS E 12 12.76 9.65 20.42
C LYS E 12 12.65 8.59 21.52
N ILE E 13 11.46 7.98 21.62
CA ILE E 13 11.17 7.06 22.72
C ILE E 13 10.97 5.65 22.17
N ALA E 14 11.70 4.69 22.75
CA ALA E 14 11.45 3.28 22.49
C ALA E 14 10.49 2.73 23.52
N ILE E 15 9.48 1.99 23.06
CA ILE E 15 8.60 1.23 23.95
C ILE E 15 8.74 -0.23 23.56
N LEU E 16 9.20 -1.05 24.51
CA LEU E 16 9.55 -2.44 24.24
C LEU E 16 8.79 -3.37 25.16
N GLY E 17 8.24 -4.43 24.60
CA GLY E 17 7.72 -5.58 25.35
C GLY E 17 8.34 -6.85 24.83
N ALA E 18 7.98 -7.98 25.43
CA ALA E 18 8.50 -9.28 25.00
C ALA E 18 7.55 -9.99 24.04
N MET E 19 6.25 -9.91 24.32
CA MET E 19 5.23 -10.64 23.54
C MET E 19 4.26 -9.67 22.89
N SER E 20 3.58 -10.16 21.84
CA SER E 20 2.58 -9.39 21.11
CA SER E 20 2.58 -9.39 21.11
C SER E 20 1.53 -8.79 22.05
N GLU E 21 1.10 -9.58 23.04
CA GLU E 21 0.10 -9.15 24.02
C GLU E 21 0.51 -7.91 24.80
N GLU E 22 1.82 -7.69 24.97
CA GLU E 22 2.34 -6.54 25.72
C GLU E 22 2.42 -5.25 24.91
N ILE E 23 2.42 -5.36 23.59
CA ILE E 23 2.60 -4.21 22.69
C ILE E 23 1.41 -3.91 21.78
N THR E 24 0.70 -4.95 21.34
CA THR E 24 -0.47 -4.77 20.46
C THR E 24 -1.52 -3.78 21.01
N PRO E 25 -1.78 -3.75 22.34
CA PRO E 25 -2.68 -2.72 22.88
C PRO E 25 -2.25 -1.27 22.57
N LEU E 26 -0.94 -1.00 22.56
CA LEU E 26 -0.42 0.32 22.19
C LEU E 26 -0.65 0.60 20.71
N LEU E 27 -0.39 -0.39 19.86
CA LEU E 27 -0.60 -0.24 18.41
C LEU E 27 -2.08 0.04 18.09
N GLU E 28 -2.98 -0.62 18.78
CA GLU E 28 -4.42 -0.38 18.64
C GLU E 28 -4.84 1.03 19.08
N THR E 29 -4.22 1.55 20.13
CA THR E 29 -4.45 2.92 20.60
C THR E 29 -3.89 3.95 19.62
N LEU E 30 -2.67 3.72 19.13
CA LEU E 30 -2.01 4.64 18.21
C LEU E 30 -2.67 4.67 16.84
N LYS E 31 -3.17 3.51 16.39
CA LYS E 31 -3.91 3.35 15.12
C LYS E 31 -3.07 3.51 13.86
N ASP E 32 -2.43 4.68 13.70
CA ASP E 32 -1.60 4.99 12.55
C ASP E 32 -0.12 4.79 12.89
N TYR E 33 0.52 3.90 12.16
CA TYR E 33 1.95 3.63 12.33
C TYR E 33 2.52 2.98 11.08
N THR E 34 3.85 3.08 10.91
CA THR E 34 4.56 2.38 9.85
C THR E 34 5.34 1.21 10.45
N LYS E 35 5.55 0.18 9.64
CA LYS E 35 6.25 -1.05 10.06
C LYS E 35 7.55 -1.18 9.27
N ILE E 36 8.61 -1.65 9.92
CA ILE E 36 9.85 -1.99 9.21
C ILE E 36 10.30 -3.36 9.71
N GLU E 37 10.62 -4.24 8.76
CA GLU E 37 11.15 -5.55 9.06
C GLU E 37 12.66 -5.39 9.25
N HIS E 38 13.16 -5.82 10.40
CA HIS E 38 14.57 -5.72 10.72
C HIS E 38 14.88 -6.66 11.88
N ALA E 39 16.08 -7.26 11.85
CA ALA E 39 16.53 -8.14 12.92
C ALA E 39 15.55 -9.29 13.21
N ASN E 40 15.03 -9.87 12.12
CA ASN E 40 14.06 -10.97 12.19
C ASN E 40 12.87 -10.64 13.09
N ASN E 41 12.35 -9.43 12.93
CA ASN E 41 11.28 -8.88 13.76
C ASN E 41 10.66 -7.69 13.05
N THR E 42 9.60 -7.15 13.62
CA THR E 42 8.94 -5.95 13.10
C THR E 42 9.10 -4.82 14.12
N TYR E 43 9.54 -3.66 13.64
CA TYR E 43 9.63 -2.46 14.46
C TYR E 43 8.60 -1.46 13.93
N TYR E 44 7.84 -0.86 14.86
CA TYR E 44 6.71 -0.01 14.53
C TYR E 44 7.06 1.43 14.86
N PHE E 45 6.66 2.36 13.98
CA PHE E 45 7.00 3.77 14.15
C PHE E 45 5.73 4.61 14.12
N ALA E 46 5.59 5.47 15.12
CA ALA E 46 4.41 6.31 15.27
C ALA E 46 4.78 7.63 15.91
N LYS E 47 4.00 8.67 15.62
CA LYS E 47 4.11 9.95 16.31
C LYS E 47 3.03 9.98 17.40
N TYR E 48 3.39 10.48 18.59
CA TYR E 48 2.47 10.56 19.71
C TYR E 48 2.84 11.77 20.59
N LYS E 49 1.95 12.80 20.56
CA LYS E 49 2.11 14.02 21.29
C LYS E 49 3.31 14.61 20.59
N ASP E 50 4.33 15.14 21.26
CA ASP E 50 5.48 15.70 20.49
C ASP E 50 6.54 14.66 20.00
N HIS E 51 6.28 13.37 20.25
CA HIS E 51 7.36 12.35 20.34
C HIS E 51 7.29 11.39 19.19
N GLU E 52 8.46 11.04 18.67
CA GLU E 52 8.58 9.94 17.71
C GLU E 52 8.76 8.67 18.55
N LEU E 53 7.88 7.69 18.35
CA LEU E 53 7.96 6.42 19.05
C LEU E 53 8.53 5.34 18.13
N VAL E 54 9.31 4.43 18.70
CA VAL E 54 9.60 3.14 18.06
C VAL E 54 9.12 2.07 19.03
N LEU E 55 8.33 1.14 18.53
CA LEU E 55 7.76 0.06 19.35
C LEU E 55 8.11 -1.29 18.76
N ALA E 56 8.22 -2.28 19.64
CA ALA E 56 8.40 -3.67 19.22
C ALA E 56 8.09 -4.59 20.38
N TYR E 57 7.74 -5.83 20.05
CA TYR E 57 7.90 -6.92 21.01
C TYR E 57 9.11 -7.74 20.56
N SER E 58 9.96 -8.08 21.51
CA SER E 58 11.28 -8.65 21.20
C SER E 58 11.27 -10.14 20.89
N LYS E 59 10.21 -10.82 21.32
CA LYS E 59 10.15 -12.26 21.53
C LYS E 59 10.79 -12.57 22.88
N ILE E 60 10.51 -13.75 23.40
CA ILE E 60 10.76 -14.04 24.81
C ILE E 60 12.24 -14.21 25.12
N GLY E 61 12.65 -13.67 26.26
CA GLY E 61 13.92 -14.03 26.87
C GLY E 61 15.03 -13.00 26.74
N LYS E 62 16.16 -13.33 27.35
CA LYS E 62 17.24 -12.37 27.52
C LYS E 62 17.92 -11.98 26.21
N VAL E 63 18.22 -12.97 25.36
CA VAL E 63 18.91 -12.70 24.11
C VAL E 63 18.02 -11.86 23.19
N ASN E 64 16.78 -12.28 23.02
CA ASN E 64 15.85 -11.56 22.14
C ASN E 64 15.64 -10.10 22.59
N SER E 65 15.45 -9.91 23.89
CA SER E 65 15.23 -8.57 24.44
C SER E 65 16.48 -7.69 24.37
N THR E 66 17.67 -8.30 24.57
CA THR E 66 18.93 -7.58 24.41
C THR E 66 19.08 -7.06 22.98
N LEU E 67 18.80 -7.94 22.00
CA LEU E 67 18.92 -7.58 20.60
C LEU E 67 17.97 -6.42 20.26
N SER E 68 16.71 -6.52 20.69
CA SER E 68 15.73 -5.47 20.38
C SER E 68 16.09 -4.12 21.00
N ALA E 69 16.49 -4.11 22.27
CA ALA E 69 16.95 -2.87 22.90
C ALA E 69 18.15 -2.27 22.16
N SER E 70 19.09 -3.12 21.77
CA SER E 70 20.28 -2.68 21.04
CA SER E 70 20.28 -2.68 21.04
C SER E 70 19.91 -2.09 19.69
N VAL E 71 19.00 -2.75 18.98
CA VAL E 71 18.52 -2.29 17.67
C VAL E 71 17.80 -0.94 17.80
N MET E 72 16.91 -0.84 18.79
CA MET E 72 16.14 0.39 18.98
C MET E 72 17.03 1.61 19.24
N ILE E 73 18.13 1.40 19.96
CA ILE E 73 19.07 2.47 20.28
C ILE E 73 20.09 2.66 19.15
N GLU E 74 20.82 1.61 18.79
CA GLU E 74 21.94 1.73 17.85
C GLU E 74 21.50 2.00 16.41
N LYS E 75 20.42 1.36 15.97
CA LYS E 75 19.93 1.54 14.60
C LYS E 75 18.88 2.66 14.52
N PHE E 76 17.89 2.64 15.40
CA PHE E 76 16.75 3.57 15.31
C PHE E 76 16.85 4.81 16.21
N GLY E 77 17.96 4.97 16.91
CA GLY E 77 18.27 6.21 17.63
C GLY E 77 17.41 6.57 18.82
N ALA E 78 16.82 5.57 19.48
CA ALA E 78 16.01 5.82 20.68
C ALA E 78 16.87 6.50 21.76
N GLN E 79 16.30 7.53 22.39
CA GLN E 79 16.99 8.30 23.42
C GLN E 79 16.52 7.98 24.84
N VAL E 80 15.36 7.34 24.95
CA VAL E 80 14.82 6.83 26.20
C VAL E 80 14.14 5.51 25.84
N LEU E 81 14.13 4.57 26.78
CA LEU E 81 13.46 3.29 26.56
C LEU E 81 12.58 2.95 27.75
N LEU E 82 11.31 2.68 27.45
CA LEU E 82 10.33 2.24 28.44
C LEU E 82 9.97 0.80 28.13
N PHE E 83 10.21 -0.10 29.09
CA PHE E 83 9.79 -1.49 28.94
C PHE E 83 8.44 -1.70 29.62
N THR E 84 7.55 -2.38 28.93
CA THR E 84 6.21 -2.68 29.44
C THR E 84 5.90 -4.16 29.25
N GLY E 85 5.31 -4.77 30.28
CA GLY E 85 4.88 -6.14 30.17
C GLY E 85 4.39 -6.70 31.47
N VAL E 86 4.39 -8.02 31.56
CA VAL E 86 3.89 -8.73 32.74
C VAL E 86 5.04 -9.40 33.49
N ALA E 87 4.75 -9.92 34.68
CA ALA E 87 5.76 -10.58 35.51
C ALA E 87 5.12 -11.56 36.49
N GLY E 88 5.96 -12.42 37.05
CA GLY E 88 5.56 -13.34 38.11
C GLY E 88 5.87 -12.73 39.46
N ALA E 89 4.85 -12.63 40.32
CA ALA E 89 5.01 -12.00 41.63
C ALA E 89 5.69 -12.92 42.65
N PHE E 90 6.69 -12.38 43.35
CA PHE E 90 7.38 -13.05 44.46
C PHE E 90 6.95 -12.47 45.82
N ASN E 91 6.91 -11.14 45.91
CA ASN E 91 6.51 -10.45 47.12
C ASN E 91 5.03 -10.77 47.40
N PRO E 92 4.72 -11.38 48.58
CA PRO E 92 3.32 -11.76 48.84
C PRO E 92 2.31 -10.61 48.93
N GLU E 93 2.78 -9.37 49.09
CA GLU E 93 1.90 -8.19 49.02
C GLU E 93 1.41 -7.85 47.60
N LEU E 94 2.09 -8.36 46.58
CA LEU E 94 1.64 -8.16 45.19
C LEU E 94 0.49 -9.11 44.84
N GLU E 95 -0.52 -8.56 44.19
CA GLU E 95 -1.61 -9.34 43.62
C GLU E 95 -1.56 -9.29 42.12
N ILE E 96 -2.24 -10.23 41.49
CA ILE E 96 -2.34 -10.24 40.02
C ILE E 96 -2.96 -8.92 39.57
N GLY E 97 -2.34 -8.28 38.57
CA GLY E 97 -2.74 -6.96 38.09
C GLY E 97 -1.95 -5.79 38.64
N ASP E 98 -1.25 -5.98 39.76
CA ASP E 98 -0.51 -4.89 40.40
C ASP E 98 0.71 -4.47 39.58
N LEU E 99 0.97 -3.16 39.55
CA LEU E 99 2.11 -2.60 38.85
C LEU E 99 3.33 -2.49 39.75
N LEU E 100 4.47 -2.91 39.21
CA LEU E 100 5.76 -2.82 39.89
C LEU E 100 6.75 -2.24 38.89
N TYR E 101 7.48 -1.19 39.29
CA TYR E 101 8.65 -0.75 38.52
C TYR E 101 9.92 -1.22 39.23
N ALA E 102 10.93 -1.57 38.44
CA ALA E 102 12.19 -2.07 38.98
C ALA E 102 13.11 -0.92 39.29
N THR E 103 13.62 -0.86 40.52
CA THR E 103 14.70 0.07 40.86
C THR E 103 16.04 -0.51 40.43
N LYS E 104 16.18 -1.82 40.58
CA LYS E 104 17.35 -2.54 40.05
C LYS E 104 16.98 -3.98 39.73
N LEU E 105 17.81 -4.61 38.91
CA LEU E 105 17.53 -5.94 38.39
C LEU E 105 18.81 -6.76 38.33
N ALA E 106 18.66 -8.07 38.49
CA ALA E 106 19.78 -9.03 38.37
C ALA E 106 19.39 -10.21 37.47
N GLN E 107 20.40 -10.85 36.91
CA GLN E 107 20.21 -12.12 36.18
C GLN E 107 20.46 -13.28 37.14
N TYR E 108 19.39 -13.96 37.57
CA TYR E 108 19.53 -15.06 38.54
C TYR E 108 20.17 -16.34 37.99
N ASP E 109 20.21 -16.46 36.65
CA ASP E 109 20.74 -17.66 35.98
C ASP E 109 22.08 -17.43 35.30
N LEU E 110 22.74 -16.31 35.61
CA LEU E 110 24.09 -16.04 35.15
C LEU E 110 25.02 -16.56 36.25
N ASP E 111 25.72 -17.65 35.95
CA ASP E 111 26.28 -18.51 36.99
C ASP E 111 27.71 -18.97 36.66
N ILE E 112 28.69 -18.28 37.24
CA ILE E 112 30.09 -18.72 37.25
C ILE E 112 30.52 -18.96 38.70
N THR E 113 29.58 -19.47 39.52
CA THR E 113 29.83 -19.69 40.94
C THR E 113 30.90 -20.76 41.19
N ALA E 114 31.16 -21.62 40.21
CA ALA E 114 32.31 -22.54 40.25
C ALA E 114 33.64 -21.85 40.56
N PHE E 115 33.78 -20.59 40.15
CA PHE E 115 34.98 -19.80 40.42
C PHE E 115 34.93 -18.96 41.70
N GLY E 116 33.94 -19.22 42.55
CA GLY E 116 33.82 -18.57 43.86
C GLY E 116 33.24 -17.17 43.86
N HIS E 117 32.62 -16.73 42.76
CA HIS E 117 31.91 -15.48 42.72
C HIS E 117 30.42 -15.70 43.03
N PRO E 118 29.72 -14.63 43.46
CA PRO E 118 28.29 -14.80 43.72
C PRO E 118 27.48 -15.02 42.44
N LEU E 119 26.33 -15.65 42.61
CA LEU E 119 25.38 -15.84 41.52
C LEU E 119 24.96 -14.49 40.95
N GLY E 120 24.92 -14.41 39.61
CA GLY E 120 24.55 -13.20 38.91
C GLY E 120 25.71 -12.30 38.48
N PHE E 121 26.93 -12.66 38.91
CA PHE E 121 28.11 -11.85 38.65
C PHE E 121 28.94 -12.41 37.49
N VAL E 122 29.39 -11.53 36.60
CA VAL E 122 30.54 -11.81 35.75
C VAL E 122 31.50 -10.61 35.80
N PRO E 123 32.81 -10.87 35.58
CA PRO E 123 33.78 -9.77 35.65
C PRO E 123 33.48 -8.62 34.71
N GLY E 124 33.67 -7.39 35.20
CA GLY E 124 33.40 -6.19 34.42
C GLY E 124 32.01 -5.63 34.63
N ASN E 125 31.09 -6.43 35.18
CA ASN E 125 29.73 -6.02 35.47
C ASN E 125 29.44 -6.13 36.96
N GLU E 126 28.27 -5.64 37.36
CA GLU E 126 27.81 -5.80 38.75
C GLU E 126 26.66 -6.79 38.77
N ILE E 127 26.29 -7.24 39.96
CA ILE E 127 25.16 -8.16 40.12
C ILE E 127 23.86 -7.46 39.76
N PHE E 128 23.67 -6.23 40.24
CA PHE E 128 22.45 -5.48 39.96
C PHE E 128 22.71 -4.33 38.99
N ILE E 129 21.80 -4.14 38.04
CA ILE E 129 21.80 -2.98 37.16
C ILE E 129 20.65 -2.07 37.60
N LYS E 130 20.89 -0.77 37.64
CA LYS E 130 19.88 0.20 38.05
C LYS E 130 19.14 0.78 36.86
N THR E 131 17.89 1.15 37.10
CA THR E 131 17.09 1.91 36.14
C THR E 131 17.26 3.41 36.41
N ASP E 132 16.67 4.24 35.54
CA ASP E 132 16.89 5.70 35.61
C ASP E 132 16.02 6.36 36.69
N GLU E 133 16.69 7.09 37.59
CA GLU E 133 15.99 7.76 38.70
C GLU E 133 14.94 8.78 38.25
N LYS E 134 15.27 9.58 37.23
CA LYS E 134 14.33 10.59 36.74
C LYS E 134 13.07 9.98 36.13
N LEU E 135 13.22 8.91 35.35
CA LEU E 135 12.05 8.19 34.82
C LEU E 135 11.23 7.55 35.92
N ASN E 136 11.89 6.97 36.92
CA ASN E 136 11.18 6.39 38.06
C ASN E 136 10.37 7.45 38.81
N ASN E 137 10.95 8.64 39.02
CA ASN E 137 10.23 9.75 39.66
C ASN E 137 9.07 10.26 38.81
N LEU E 138 9.24 10.30 37.49
CA LEU E 138 8.17 10.63 36.56
C LEU E 138 7.02 9.63 36.70
N ALA E 139 7.34 8.34 36.79
CA ALA E 139 6.32 7.30 36.99
C ALA E 139 5.54 7.52 38.28
N LEU E 140 6.22 7.87 39.36
CA LEU E 140 5.56 8.19 40.63
C LEU E 140 4.60 9.37 40.50
N GLU E 141 4.99 10.39 39.74
CA GLU E 141 4.13 11.55 39.45
C GLU E 141 2.90 11.15 38.65
N VAL E 142 3.09 10.32 37.62
CA VAL E 142 1.98 9.82 36.80
C VAL E 142 1.02 8.98 37.64
N ALA E 143 1.57 8.09 38.46
CA ALA E 143 0.77 7.24 39.35
C ALA E 143 -0.09 8.05 40.32
N LYS E 144 0.48 9.11 40.90
CA LYS E 144 -0.26 10.01 41.79
C LYS E 144 -1.35 10.77 41.04
N GLU E 145 -1.00 11.34 39.89
CA GLU E 145 -1.95 12.11 39.07
C GLU E 145 -3.16 11.30 38.63
N LEU E 146 -2.93 10.05 38.22
CA LEU E 146 -4.00 9.17 37.73
C LEU E 146 -4.57 8.22 38.78
N ASN E 147 -4.17 8.38 40.04
CA ASN E 147 -4.63 7.55 41.15
C ASN E 147 -4.44 6.04 40.88
N ILE E 148 -3.24 5.70 40.44
CA ILE E 148 -2.86 4.31 40.15
C ILE E 148 -1.87 3.90 41.23
N LYS E 149 -2.08 2.71 41.79
CA LYS E 149 -1.17 2.14 42.78
C LYS E 149 0.09 1.68 42.05
N LEU E 150 1.25 2.11 42.53
CA LEU E 150 2.54 1.74 41.92
C LEU E 150 3.55 1.41 43.00
N ARG E 151 4.18 0.24 42.89
CA ARG E 151 5.16 -0.23 43.85
C ARG E 151 6.54 -0.26 43.22
N ALA E 152 7.56 0.05 44.02
CA ALA E 152 8.96 -0.06 43.60
C ALA E 152 9.52 -1.37 44.13
N GLY E 153 10.38 -2.02 43.34
CA GLY E 153 10.97 -3.27 43.78
C GLY E 153 12.17 -3.72 42.98
N ILE E 154 12.67 -4.89 43.35
CA ILE E 154 13.80 -5.54 42.69
C ILE E 154 13.22 -6.64 41.81
N ILE E 155 13.69 -6.72 40.56
CA ILE E 155 13.27 -7.76 39.63
C ILE E 155 14.43 -8.70 39.34
N ALA E 156 14.17 -10.00 39.42
CA ALA E 156 15.12 -11.04 39.06
C ALA E 156 14.74 -11.55 37.66
N THR E 157 15.71 -11.51 36.75
CA THR E 157 15.52 -11.89 35.36
C THR E 157 16.29 -13.16 35.04
N GLY E 158 15.68 -14.06 34.28
CA GLY E 158 16.38 -15.23 33.78
C GLY E 158 15.58 -15.86 32.66
N ASP E 159 16.13 -16.89 32.03
CA ASP E 159 15.52 -17.47 30.84
C ASP E 159 14.62 -18.68 31.10
N GLU E 160 14.06 -18.75 32.31
CA GLU E 160 13.11 -19.79 32.68
C GLU E 160 11.77 -19.18 33.08
N PHE E 161 10.66 -19.78 32.66
CA PHE E 161 9.36 -19.45 33.22
C PHE E 161 9.27 -20.15 34.57
N ILE E 162 9.17 -19.36 35.64
CA ILE E 162 9.21 -19.88 37.00
C ILE E 162 7.80 -20.29 37.42
N CYS E 163 7.63 -21.55 37.79
CA CYS E 163 6.34 -22.08 38.19
C CYS E 163 6.56 -23.19 39.22
N ASP E 164 7.31 -22.83 40.24
CA ASP E 164 7.90 -23.78 41.18
C ASP E 164 8.19 -22.99 42.44
N GLU E 165 7.56 -23.39 43.54
CA GLU E 165 7.69 -22.67 44.82
CA GLU E 165 7.68 -22.66 44.82
C GLU E 165 9.11 -22.66 45.36
N ALA E 166 9.83 -23.75 45.14
CA ALA E 166 11.23 -23.86 45.61
C ALA E 166 12.14 -22.89 44.88
N LYS E 167 12.01 -22.84 43.56
CA LYS E 167 12.79 -21.90 42.73
C LYS E 167 12.45 -20.45 43.07
N LYS E 168 11.16 -20.16 43.16
CA LYS E 168 10.68 -18.84 43.59
C LYS E 168 11.32 -18.42 44.91
N ALA E 169 11.26 -19.30 45.91
CA ALA E 169 11.84 -19.02 47.24
C ALA E 169 13.34 -18.76 47.19
N LYS E 170 14.05 -19.57 46.41
CA LYS E 170 15.51 -19.45 46.27
C LYS E 170 15.91 -18.12 45.62
N ILE E 171 15.26 -17.77 44.51
CA ILE E 171 15.59 -16.53 43.80
C ILE E 171 15.22 -15.33 44.67
N ARG E 172 14.04 -15.40 45.29
CA ARG E 172 13.60 -14.36 46.24
C ARG E 172 14.65 -14.13 47.33
N GLU E 173 15.12 -15.22 47.94
CA GLU E 173 16.10 -15.14 49.04
C GLU E 173 17.45 -14.55 48.60
N ILE E 174 17.99 -15.07 47.50
CA ILE E 174 19.33 -14.66 47.06
C ILE E 174 19.37 -13.20 46.63
N PHE E 175 18.34 -12.75 45.90
CA PHE E 175 18.34 -11.42 45.30
C PHE E 175 17.39 -10.40 45.95
N ASN E 176 16.65 -10.82 46.99
CA ASN E 176 15.61 -9.97 47.61
C ASN E 176 14.63 -9.48 46.54
N ALA E 177 14.27 -10.37 45.63
CA ALA E 177 13.50 -9.96 44.43
C ALA E 177 12.00 -9.97 44.72
N ASP E 178 11.31 -8.96 44.20
CA ASP E 178 9.86 -8.82 44.36
C ASP E 178 9.07 -9.49 43.24
N ALA E 179 9.73 -9.75 42.11
CA ALA E 179 9.10 -10.39 40.97
C ALA E 179 10.16 -10.97 40.04
N CYS E 180 9.73 -11.85 39.15
CA CYS E 180 10.60 -12.41 38.13
C CYS E 180 10.03 -12.21 36.73
N GLU E 181 10.93 -12.23 35.77
CA GLU E 181 10.57 -12.15 34.36
C GLU E 181 11.80 -12.55 33.53
N MET E 182 11.75 -12.39 32.22
CA MET E 182 12.77 -13.00 31.36
C MET E 182 13.49 -11.99 30.45
N GLU E 183 13.30 -10.69 30.71
CA GLU E 183 13.82 -9.63 29.83
C GLU E 183 14.36 -8.36 30.50
N GLY E 184 14.02 -8.11 31.76
CA GLY E 184 14.24 -6.80 32.36
C GLY E 184 15.71 -6.45 32.54
N ALA E 185 16.43 -7.35 33.20
CA ALA E 185 17.84 -7.09 33.51
C ALA E 185 18.67 -6.90 32.25
N SER E 186 18.36 -7.69 31.23
CA SER E 186 19.06 -7.63 29.95
C SER E 186 18.80 -6.29 29.24
N VAL E 187 17.54 -5.87 29.21
CA VAL E 187 17.19 -4.57 28.60
C VAL E 187 17.83 -3.41 29.37
N ALA E 188 17.75 -3.46 30.71
CA ALA E 188 18.35 -2.43 31.56
C ALA E 188 19.85 -2.34 31.38
N LEU E 189 20.51 -3.49 31.24
CA LEU E 189 21.95 -3.55 30.97
C LEU E 189 22.31 -2.86 29.66
N VAL E 190 21.58 -3.17 28.60
CA VAL E 190 21.81 -2.55 27.29
C VAL E 190 21.68 -1.05 27.39
N CYS E 191 20.59 -0.58 27.98
CA CYS E 191 20.35 0.85 28.10
C CYS E 191 21.42 1.56 28.89
N ASP E 192 21.83 0.98 30.03
CA ASP E 192 22.92 1.53 30.82
C ASP E 192 24.22 1.62 30.00
N ALA E 193 24.55 0.54 29.30
CA ALA E 193 25.76 0.46 28.48
C ALA E 193 25.79 1.54 27.40
N LEU E 194 24.62 1.80 26.80
CA LEU E 194 24.49 2.79 25.71
C LEU E 194 24.06 4.19 26.18
N LYS E 195 24.06 4.42 27.50
CA LYS E 195 23.74 5.72 28.12
C LYS E 195 22.35 6.24 27.75
N VAL E 196 21.38 5.33 27.77
CA VAL E 196 19.98 5.63 27.48
C VAL E 196 19.20 5.39 28.78
N PRO E 197 18.46 6.42 29.26
CA PRO E 197 17.59 6.21 30.42
C PRO E 197 16.56 5.12 30.18
N CYS E 198 16.44 4.21 31.15
CA CYS E 198 15.59 3.03 31.04
C CYS E 198 14.59 2.98 32.20
N PHE E 199 13.34 2.63 31.87
CA PHE E 199 12.29 2.39 32.84
C PHE E 199 11.74 0.99 32.58
N ILE E 200 11.64 0.17 33.63
CA ILE E 200 11.12 -1.20 33.49
C ILE E 200 9.86 -1.32 34.34
N LEU E 201 8.72 -1.45 33.68
CA LEU E 201 7.43 -1.61 34.35
C LEU E 201 6.84 -2.97 34.06
N ARG E 202 6.30 -3.61 35.10
CA ARG E 202 5.66 -4.91 34.98
C ARG E 202 4.34 -4.95 35.75
N ALA E 203 3.30 -5.52 35.13
CA ALA E 203 2.04 -5.83 35.81
C ALA E 203 2.02 -7.33 36.11
N MET E 204 1.67 -7.71 37.32
CA MET E 204 1.71 -9.13 37.69
C MET E 204 0.65 -9.94 36.93
N SER E 205 1.07 -11.03 36.31
CA SER E 205 0.17 -11.97 35.64
C SER E 205 -0.04 -13.27 36.40
N ASP E 206 0.80 -13.55 37.39
CA ASP E 206 0.78 -14.82 38.12
C ASP E 206 1.69 -14.70 39.33
N LYS E 207 1.73 -15.74 40.15
CA LYS E 207 2.54 -15.75 41.38
C LYS E 207 3.72 -16.74 41.33
N ALA E 208 4.06 -17.21 40.12
CA ALA E 208 5.29 -17.96 39.86
C ALA E 208 5.47 -19.26 40.66
N GLY E 209 4.35 -19.87 41.06
CA GLY E 209 4.36 -21.15 41.77
C GLY E 209 3.64 -22.21 40.96
N GLU E 210 3.05 -23.17 41.67
CA GLU E 210 2.26 -24.21 41.01
C GLU E 210 1.07 -23.54 40.34
N LYS E 211 0.77 -23.92 39.12
CA LYS E 211 -0.31 -23.30 38.34
C LYS E 211 -0.04 -21.87 37.85
N ALA E 212 1.21 -21.40 37.94
CA ALA E 212 1.58 -20.11 37.33
C ALA E 212 1.29 -20.06 35.84
N GLU E 213 1.52 -21.17 35.14
CA GLU E 213 1.22 -21.23 33.70
C GLU E 213 -0.26 -20.96 33.41
N PHE E 214 -1.15 -21.43 34.28
CA PHE E 214 -2.59 -21.24 34.10
C PHE E 214 -3.02 -19.82 34.43
N ASP E 215 -2.48 -19.26 35.52
CA ASP E 215 -2.73 -17.84 35.84
C ASP E 215 -2.19 -16.93 34.75
N PHE E 216 -0.97 -17.22 34.28
CA PHE E 216 -0.40 -16.43 33.18
C PHE E 216 -1.33 -16.43 31.96
N ASP E 217 -1.82 -17.61 31.57
CA ASP E 217 -2.74 -17.71 30.44
C ASP E 217 -4.02 -16.91 30.64
N GLU E 218 -4.56 -16.98 31.87
CA GLU E 218 -5.81 -16.28 32.19
C GLU E 218 -5.66 -14.76 32.24
N PHE E 219 -4.53 -14.27 32.75
CA PHE E 219 -4.39 -12.85 33.10
C PHE E 219 -3.43 -12.03 32.24
N VAL E 220 -2.66 -12.68 31.35
CA VAL E 220 -1.65 -11.95 30.56
C VAL E 220 -2.24 -10.79 29.75
N ILE E 221 -3.35 -11.02 29.07
CA ILE E 221 -3.94 -9.98 28.21
C ILE E 221 -4.30 -8.73 29.03
N ASN E 222 -5.02 -8.93 30.13
CA ASN E 222 -5.47 -7.80 30.95
C ASN E 222 -4.32 -7.09 31.67
N SER E 223 -3.42 -7.87 32.28
CA SER E 223 -2.27 -7.29 32.98
C SER E 223 -1.36 -6.53 32.00
N ALA E 224 -1.18 -7.08 30.80
CA ALA E 224 -0.39 -6.40 29.76
C ALA E 224 -0.96 -5.04 29.37
N LYS E 225 -2.29 -4.94 29.32
CA LYS E 225 -2.96 -3.66 29.02
C LYS E 225 -2.73 -2.61 30.11
N ILE E 226 -2.73 -3.04 31.37
CA ILE E 226 -2.52 -2.14 32.51
C ILE E 226 -1.13 -1.50 32.42
N SER E 227 -0.11 -2.31 32.18
CA SER E 227 1.26 -1.81 32.02
C SER E 227 1.39 -0.91 30.79
N ALA E 228 0.82 -1.35 29.67
CA ALA E 228 0.89 -0.61 28.41
C ALA E 228 0.27 0.78 28.52
N ASN E 229 -0.91 0.85 29.13
CA ASN E 229 -1.58 2.14 29.35
C ASN E 229 -0.68 3.10 30.13
N PHE E 230 -0.05 2.58 31.18
CA PHE E 230 0.79 3.41 32.05
C PHE E 230 1.99 4.01 31.31
N VAL E 231 2.71 3.20 30.54
CA VAL E 231 3.88 3.73 29.81
C VAL E 231 3.50 4.75 28.73
N LEU E 232 2.33 4.60 28.12
CA LEU E 232 1.84 5.61 27.17
C LEU E 232 1.54 6.94 27.88
N LYS E 233 1.00 6.86 29.10
CA LYS E 233 0.79 8.07 29.92
C LYS E 233 2.11 8.75 30.27
N MET E 234 3.15 7.97 30.54
CA MET E 234 4.48 8.53 30.76
C MET E 234 5.04 9.28 29.55
N CYS E 235 4.76 8.77 28.35
CA CYS E 235 5.17 9.45 27.11
C CYS E 235 4.60 10.86 26.99
N GLU E 236 3.36 11.06 27.46
CA GLU E 236 2.74 12.39 27.44
C GLU E 236 3.52 13.42 28.25
N LYS E 237 4.09 13.00 29.38
CA LYS E 237 4.84 13.89 30.26
C LYS E 237 6.34 14.03 29.93
N LEU E 238 6.89 13.16 29.08
CA LEU E 238 8.28 13.28 28.65
C LEU E 238 8.56 14.44 27.73
N GLY F 10 37.85 -5.52 -0.10
CA GLY F 10 37.66 -6.37 1.11
C GLY F 10 36.49 -5.95 1.98
N MET F 11 35.97 -6.91 2.74
CA MET F 11 34.79 -6.70 3.61
C MET F 11 35.19 -6.25 5.02
N LYS F 12 34.23 -5.71 5.76
CA LYS F 12 34.42 -5.37 7.16
C LYS F 12 34.15 -6.61 8.01
N ILE F 13 35.15 -7.04 8.76
CA ILE F 13 35.10 -8.29 9.52
C ILE F 13 35.11 -8.00 11.02
N ALA F 14 34.13 -8.54 11.73
CA ALA F 14 34.14 -8.53 13.19
C ALA F 14 34.79 -9.80 13.71
N ILE F 15 35.70 -9.66 14.67
CA ILE F 15 36.25 -10.80 15.39
C ILE F 15 35.91 -10.61 16.86
N LEU F 16 35.14 -11.53 17.42
CA LEU F 16 34.58 -11.40 18.75
C LEU F 16 34.98 -12.58 19.62
N GLY F 17 35.40 -12.29 20.85
CA GLY F 17 35.55 -13.29 21.91
C GLY F 17 34.78 -12.84 23.14
N ALA F 18 34.82 -13.65 24.19
CA ALA F 18 34.14 -13.33 25.45
C ALA F 18 35.08 -12.70 26.46
N MET F 19 36.31 -13.21 26.54
CA MET F 19 37.28 -12.77 27.55
C MET F 19 38.52 -12.17 26.89
N SER F 20 39.25 -11.37 27.66
CA SER F 20 40.50 -10.74 27.19
C SER F 20 41.46 -11.77 26.62
N GLU F 21 41.56 -12.93 27.29
CA GLU F 21 42.44 -14.03 26.86
C GLU F 21 42.16 -14.51 25.43
N GLU F 22 40.91 -14.39 24.99
CA GLU F 22 40.49 -14.85 23.67
C GLU F 22 40.79 -13.86 22.54
N ILE F 23 40.99 -12.59 22.87
CA ILE F 23 41.19 -11.53 21.88
C ILE F 23 42.56 -10.82 21.94
N THR F 24 43.13 -10.69 23.14
CA THR F 24 44.43 -10.05 23.30
C THR F 24 45.55 -10.64 22.39
N PRO F 25 45.57 -11.98 22.19
CA PRO F 25 46.54 -12.54 21.23
C PRO F 25 46.45 -11.97 19.80
N LEU F 26 45.24 -11.66 19.35
CA LEU F 26 45.05 -11.02 18.05
C LEU F 26 45.57 -9.59 18.03
N LEU F 27 45.29 -8.84 19.11
CA LEU F 27 45.78 -7.47 19.23
C LEU F 27 47.31 -7.41 19.24
N GLU F 28 47.94 -8.36 19.92
CA GLU F 28 49.40 -8.48 19.95
C GLU F 28 50.00 -8.79 18.57
N THR F 29 49.31 -9.62 17.79
CA THR F 29 49.71 -9.94 16.42
C THR F 29 49.54 -8.75 15.48
N LEU F 30 48.40 -8.07 15.60
CA LEU F 30 48.10 -6.92 14.74
C LEU F 30 48.99 -5.71 15.05
N LYS F 31 49.32 -5.52 16.33
CA LYS F 31 50.24 -4.45 16.81
C LYS F 31 49.67 -3.04 16.71
N ASP F 32 49.31 -2.61 15.50
CA ASP F 32 48.76 -1.28 15.26
C ASP F 32 47.24 -1.33 15.15
N TYR F 33 46.58 -0.61 16.04
CA TYR F 33 45.11 -0.53 16.04
C TYR F 33 44.65 0.72 16.79
N THR F 34 43.42 1.14 16.52
CA THR F 34 42.77 2.25 17.23
C THR F 34 41.67 1.67 18.14
N LYS F 35 41.33 2.42 19.19
CA LYS F 35 40.31 2.03 20.18
C LYS F 35 39.14 3.00 20.13
N ILE F 36 37.93 2.48 20.36
CA ILE F 36 36.77 3.31 20.66
C ILE F 36 36.07 2.75 21.89
N GLU F 37 35.76 3.62 22.85
CA GLU F 37 34.98 3.24 24.02
C GLU F 37 33.51 3.36 23.64
N HIS F 38 32.77 2.26 23.78
CA HIS F 38 31.35 2.24 23.45
C HIS F 38 30.69 1.04 24.12
N ALA F 39 29.44 1.20 24.55
CA ALA F 39 28.67 0.11 25.15
C ALA F 39 29.37 -0.50 26.36
N ASN F 40 29.95 0.36 27.20
CA ASN F 40 30.69 -0.03 28.40
C ASN F 40 31.75 -1.08 28.10
N ASN F 41 32.50 -0.85 27.02
CA ASN F 41 33.49 -1.79 26.52
C ASN F 41 34.43 -1.03 25.58
N THR F 42 35.48 -1.70 25.12
CA THR F 42 36.39 -1.15 24.12
C THR F 42 36.31 -1.96 22.85
N TYR F 43 36.17 -1.26 21.72
CA TYR F 43 36.16 -1.87 20.40
C TYR F 43 37.43 -1.43 19.67
N TYR F 44 38.13 -2.40 19.07
CA TYR F 44 39.44 -2.19 18.47
C TYR F 44 39.32 -2.25 16.96
N PHE F 45 40.03 -1.36 16.26
CA PHE F 45 39.95 -1.27 14.80
C PHE F 45 41.34 -1.39 14.20
N ALA F 46 41.47 -2.26 13.20
CA ALA F 46 42.76 -2.53 12.56
C ALA F 46 42.53 -2.89 11.10
N LYS F 47 43.53 -2.59 10.26
CA LYS F 47 43.52 -3.04 8.87
C LYS F 47 44.40 -4.29 8.79
N TYR F 48 43.95 -5.30 8.04
CA TYR F 48 44.66 -6.57 7.91
C TYR F 48 44.35 -7.21 6.55
N LYS F 49 45.35 -7.25 5.67
CA LYS F 49 45.24 -7.88 4.35
C LYS F 49 44.07 -7.35 3.49
N ASP F 50 43.94 -6.03 3.39
CA ASP F 50 42.81 -5.40 2.64
C ASP F 50 41.44 -5.43 3.34
N HIS F 51 41.36 -5.95 4.58
CA HIS F 51 40.13 -5.99 5.35
C HIS F 51 40.22 -5.01 6.51
N GLU F 52 39.12 -4.32 6.77
CA GLU F 52 38.95 -3.55 8.00
C GLU F 52 38.41 -4.51 9.05
N LEU F 53 39.13 -4.63 10.16
CA LEU F 53 38.70 -5.48 11.29
C LEU F 53 38.11 -4.63 12.40
N VAL F 54 37.08 -5.14 13.06
CA VAL F 54 36.65 -4.64 14.36
C VAL F 54 36.73 -5.81 15.34
N LEU F 55 37.41 -5.61 16.46
CA LEU F 55 37.62 -6.65 17.45
C LEU F 55 37.13 -6.21 18.82
N ALA F 56 36.69 -7.18 19.62
CA ALA F 56 36.34 -6.92 21.01
C ALA F 56 36.23 -8.23 21.77
N TYR F 57 36.37 -8.16 23.09
CA TYR F 57 35.86 -9.22 23.94
C TYR F 57 34.60 -8.67 24.62
N SER F 58 33.55 -9.49 24.65
CA SER F 58 32.22 -9.00 25.06
C SER F 58 32.01 -8.91 26.57
N LYS F 59 32.82 -9.65 27.32
CA LYS F 59 32.55 -10.09 28.70
C LYS F 59 31.65 -11.31 28.64
N ILE F 60 31.60 -12.05 29.74
CA ILE F 60 31.06 -13.40 29.73
C ILE F 60 29.55 -13.43 29.60
N GLY F 61 29.06 -14.39 28.80
CA GLY F 61 27.66 -14.77 28.83
C GLY F 61 26.81 -14.28 27.67
N LYS F 62 25.55 -14.69 27.69
CA LYS F 62 24.65 -14.49 26.55
C LYS F 62 24.30 -13.03 26.29
N VAL F 63 23.97 -12.30 27.36
CA VAL F 63 23.58 -10.90 27.22
C VAL F 63 24.74 -10.06 26.71
N ASN F 64 25.90 -10.21 27.36
CA ASN F 64 27.09 -9.44 26.97
C ASN F 64 27.49 -9.70 25.51
N SER F 65 27.50 -10.97 25.11
CA SER F 65 27.88 -11.34 23.76
C SER F 65 26.86 -10.89 22.72
N THR F 66 25.56 -10.96 23.06
CA THR F 66 24.51 -10.44 22.19
C THR F 66 24.70 -8.95 21.93
N LEU F 67 24.96 -8.19 22.99
CA LEU F 67 25.16 -6.75 22.87
C LEU F 67 26.36 -6.44 21.96
N SER F 68 27.49 -7.12 22.19
CA SER F 68 28.69 -6.86 21.38
C SER F 68 28.50 -7.20 19.90
N ALA F 69 27.90 -8.35 19.61
CA ALA F 69 27.59 -8.71 18.21
C ALA F 69 26.68 -7.65 17.57
N SER F 70 25.66 -7.21 18.30
CA SER F 70 24.72 -6.20 17.81
CA SER F 70 24.72 -6.20 17.81
C SER F 70 25.41 -4.88 17.53
N VAL F 71 26.29 -4.46 18.45
CA VAL F 71 27.06 -3.23 18.30
C VAL F 71 28.00 -3.32 17.09
N MET F 72 28.71 -4.42 16.96
CA MET F 72 29.66 -4.60 15.85
C MET F 72 28.99 -4.51 14.48
N ILE F 73 27.77 -5.00 14.38
CA ILE F 73 27.00 -4.96 13.14
C ILE F 73 26.25 -3.64 12.97
N GLU F 74 25.41 -3.30 13.95
CA GLU F 74 24.52 -2.13 13.82
C GLU F 74 25.25 -0.78 13.88
N LYS F 75 26.24 -0.67 14.75
CA LYS F 75 27.00 0.58 14.90
C LYS F 75 28.23 0.59 13.99
N PHE F 76 29.03 -0.47 14.01
CA PHE F 76 30.32 -0.47 13.30
C PHE F 76 30.31 -1.15 11.93
N GLY F 77 29.14 -1.58 11.47
CA GLY F 77 28.95 -2.03 10.09
C GLY F 77 29.63 -3.32 9.68
N ALA F 78 29.90 -4.22 10.62
CA ALA F 78 30.52 -5.50 10.31
C ALA F 78 29.63 -6.28 9.31
N GLN F 79 30.27 -6.86 8.30
CA GLN F 79 29.59 -7.62 7.25
C GLN F 79 29.74 -9.13 7.38
N VAL F 80 30.72 -9.56 8.17
CA VAL F 80 30.94 -10.95 8.53
C VAL F 80 31.41 -10.92 9.99
N LEU F 81 31.09 -11.97 10.74
CA LEU F 81 31.51 -12.08 12.13
C LEU F 81 32.10 -13.45 12.40
N LEU F 82 33.33 -13.45 12.93
CA LEU F 82 34.02 -14.66 13.35
C LEU F 82 34.14 -14.64 14.87
N PHE F 83 33.57 -15.63 15.53
CA PHE F 83 33.74 -15.78 16.96
C PHE F 83 34.89 -16.73 17.27
N THR F 84 35.74 -16.34 18.21
CA THR F 84 36.89 -17.13 18.63
C THR F 84 36.93 -17.25 20.15
N GLY F 85 37.19 -18.44 20.65
CA GLY F 85 37.37 -18.60 22.08
C GLY F 85 37.52 -20.05 22.48
N VAL F 86 37.24 -20.33 23.74
CA VAL F 86 37.38 -21.68 24.29
C VAL F 86 36.01 -22.28 24.62
N ALA F 87 36.00 -23.57 24.96
CA ALA F 87 34.76 -24.27 25.27
C ALA F 87 35.01 -25.49 26.16
N GLY F 88 33.93 -26.00 26.73
CA GLY F 88 33.96 -27.25 27.50
C GLY F 88 33.56 -28.40 26.61
N ALA F 89 34.42 -29.42 26.51
CA ALA F 89 34.19 -30.57 25.63
C ALA F 89 33.17 -31.56 26.20
N PHE F 90 32.20 -31.95 25.37
CA PHE F 90 31.22 -33.00 25.68
C PHE F 90 31.53 -34.30 24.95
N ASN F 91 31.83 -34.19 23.65
CA ASN F 91 32.17 -35.34 22.81
C ASN F 91 33.47 -35.96 23.34
N PRO F 92 33.44 -37.24 23.77
CA PRO F 92 34.66 -37.85 24.34
C PRO F 92 35.86 -37.96 23.38
N GLU F 93 35.65 -37.84 22.07
CA GLU F 93 36.75 -37.77 21.11
C GLU F 93 37.53 -36.44 21.12
N LEU F 94 36.94 -35.38 21.69
CA LEU F 94 37.64 -34.10 21.84
C LEU F 94 38.61 -34.16 23.02
N GLU F 95 39.81 -33.64 22.79
CA GLU F 95 40.79 -33.42 23.85
C GLU F 95 40.99 -31.92 24.06
N ILE F 96 41.56 -31.58 25.21
CA ILE F 96 41.89 -30.20 25.50
C ILE F 96 42.84 -29.68 24.40
N GLY F 97 42.53 -28.49 23.87
CA GLY F 97 43.25 -27.90 22.74
C GLY F 97 42.64 -28.12 21.37
N ASP F 98 41.73 -29.09 21.24
CA ASP F 98 41.13 -29.41 19.93
C ASP F 98 40.16 -28.32 19.48
N LEU F 99 40.18 -28.05 18.18
CA LEU F 99 39.29 -27.06 17.57
C LEU F 99 37.99 -27.68 17.09
N LEU F 100 36.90 -26.99 17.41
CA LEU F 100 35.56 -27.38 16.97
C LEU F 100 34.88 -26.13 16.40
N TYR F 101 34.34 -26.21 15.19
CA TYR F 101 33.42 -25.18 14.71
C TYR F 101 31.98 -25.68 14.80
N ALA F 102 31.07 -24.77 15.11
CA ALA F 102 29.67 -25.10 15.29
C ALA F 102 28.95 -25.05 13.94
N THR F 103 28.27 -26.13 13.58
CA THR F 103 27.36 -26.11 12.44
C THR F 103 26.02 -25.50 12.84
N LYS F 104 25.60 -25.80 14.07
CA LYS F 104 24.44 -25.15 14.66
C LYS F 104 24.55 -25.13 16.19
N LEU F 105 23.76 -24.26 16.80
CA LEU F 105 23.84 -24.00 18.23
C LEU F 105 22.47 -23.79 18.83
N ALA F 106 22.31 -24.19 20.10
CA ALA F 106 21.07 -23.99 20.85
C ALA F 106 21.36 -23.40 22.22
N GLN F 107 20.35 -22.73 22.79
CA GLN F 107 20.40 -22.28 24.18
C GLN F 107 19.76 -23.34 25.08
N TYR F 108 20.58 -24.09 25.83
CA TYR F 108 20.04 -25.16 26.68
C TYR F 108 19.26 -24.67 27.91
N ASP F 109 19.43 -23.40 28.28
CA ASP F 109 18.80 -22.82 29.46
C ASP F 109 17.65 -21.84 29.13
N LEU F 110 17.20 -21.85 27.89
CA LEU F 110 16.03 -21.08 27.48
C LEU F 110 14.85 -22.03 27.61
N ASP F 111 13.99 -21.77 28.60
CA ASP F 111 13.08 -22.80 29.11
C ASP F 111 11.67 -22.25 29.35
N ILE F 112 10.78 -22.51 28.40
CA ILE F 112 9.34 -22.30 28.59
C ILE F 112 8.60 -23.65 28.48
N THR F 113 9.26 -24.71 28.97
CA THR F 113 8.72 -26.07 28.87
C THR F 113 7.43 -26.25 29.66
N ALA F 114 7.17 -25.39 30.64
CA ALA F 114 5.88 -25.34 31.33
C ALA F 114 4.67 -25.25 30.38
N PHE F 115 4.87 -24.61 29.22
CA PHE F 115 3.83 -24.46 28.21
C PHE F 115 3.83 -25.57 27.13
N GLY F 116 4.58 -26.64 27.37
CA GLY F 116 4.61 -27.80 26.48
C GLY F 116 5.47 -27.68 25.23
N HIS F 117 6.35 -26.69 25.17
CA HIS F 117 7.32 -26.59 24.09
C HIS F 117 8.63 -27.25 24.49
N PRO F 118 9.45 -27.63 23.50
CA PRO F 118 10.75 -28.23 23.84
C PRO F 118 11.71 -27.23 24.48
N LEU F 119 12.65 -27.75 25.26
CA LEU F 119 13.73 -26.94 25.82
C LEU F 119 14.52 -26.26 24.70
N GLY F 120 14.81 -24.98 24.90
CA GLY F 120 15.54 -24.17 23.92
C GLY F 120 14.68 -23.38 22.95
N PHE F 121 13.37 -23.60 22.98
CA PHE F 121 12.45 -22.96 22.05
C PHE F 121 11.74 -21.78 22.67
N VAL F 122 11.63 -20.67 21.93
CA VAL F 122 10.61 -19.66 22.18
C VAL F 122 9.94 -19.30 20.85
N PRO F 123 8.66 -18.86 20.90
CA PRO F 123 7.95 -18.53 19.66
C PRO F 123 8.65 -17.48 18.81
N GLY F 124 8.66 -17.68 17.50
CA GLY F 124 9.30 -16.78 16.56
C GLY F 124 10.72 -17.21 16.19
N ASN F 125 11.33 -18.08 17.01
CA ASN F 125 12.69 -18.57 16.80
C ASN F 125 12.67 -20.09 16.65
N GLU F 126 13.83 -20.64 16.29
CA GLU F 126 14.00 -22.10 16.23
C GLU F 126 14.89 -22.54 17.37
N ILE F 127 14.92 -23.84 17.63
CA ILE F 127 15.75 -24.38 18.71
C ILE F 127 17.22 -24.21 18.36
N PHE F 128 17.58 -24.56 17.11
CA PHE F 128 18.95 -24.44 16.65
C PHE F 128 19.10 -23.28 15.67
N ILE F 129 20.18 -22.51 15.83
CA ILE F 129 20.57 -21.49 14.86
C ILE F 129 21.79 -22.02 14.11
N LYS F 130 21.77 -21.84 12.78
CA LYS F 130 22.84 -22.34 11.92
C LYS F 130 23.88 -21.25 11.68
N THR F 131 25.12 -21.69 11.49
CA THR F 131 26.20 -20.82 11.07
C THR F 131 26.31 -20.85 9.54
N ASP F 132 27.18 -20.00 9.00
CA ASP F 132 27.27 -19.81 7.54
C ASP F 132 28.05 -20.93 6.85
N GLU F 133 27.42 -21.57 5.86
CA GLU F 133 28.04 -22.68 5.13
C GLU F 133 29.34 -22.30 4.41
N LYS F 134 29.37 -21.14 3.77
CA LYS F 134 30.57 -20.71 3.05
C LYS F 134 31.76 -20.47 3.98
N LEU F 135 31.52 -19.83 5.13
CA LEU F 135 32.58 -19.65 6.14
C LEU F 135 33.07 -21.00 6.69
N ASN F 136 32.13 -21.91 6.95
CA ASN F 136 32.50 -23.23 7.44
C ASN F 136 33.37 -23.99 6.42
N ASN F 137 33.02 -23.90 5.14
CA ASN F 137 33.83 -24.51 4.07
C ASN F 137 35.21 -23.86 3.95
N LEU F 138 35.27 -22.54 4.11
CA LEU F 138 36.55 -21.83 4.14
C LEU F 138 37.42 -22.32 5.30
N ALA F 139 36.82 -22.53 6.47
CA ALA F 139 37.55 -23.06 7.62
C ALA F 139 38.14 -24.45 7.32
N LEU F 140 37.36 -25.30 6.67
CA LEU F 140 37.84 -26.63 6.27
C LEU F 140 39.05 -26.54 5.31
N GLU F 141 39.00 -25.58 4.39
CA GLU F 141 40.12 -25.32 3.46
C GLU F 141 41.37 -24.86 4.22
N VAL F 142 41.19 -23.93 5.15
CA VAL F 142 42.30 -23.43 5.97
C VAL F 142 42.91 -24.55 6.82
N ALA F 143 42.05 -25.36 7.44
CA ALA F 143 42.49 -26.50 8.26
C ALA F 143 43.33 -27.50 7.45
N LYS F 144 42.89 -27.79 6.23
CA LYS F 144 43.63 -28.70 5.35
C LYS F 144 44.98 -28.09 4.93
N GLU F 145 44.96 -26.82 4.51
CA GLU F 145 46.18 -26.11 4.08
C GLU F 145 47.25 -26.03 5.17
N LEU F 146 46.83 -25.77 6.40
CA LEU F 146 47.76 -25.62 7.53
C LEU F 146 47.94 -26.90 8.36
N ASN F 147 47.37 -28.02 7.92
CA ASN F 147 47.46 -29.31 8.61
C ASN F 147 47.01 -29.22 10.07
N ILE F 148 45.85 -28.59 10.28
CA ILE F 148 45.25 -28.43 11.60
C ILE F 148 44.02 -29.33 11.64
N LYS F 149 43.89 -30.10 12.72
CA LYS F 149 42.72 -30.95 12.92
C LYS F 149 41.54 -30.05 13.28
N LEU F 150 40.43 -30.20 12.56
CA LEU F 150 39.24 -29.38 12.78
C LEU F 150 38.00 -30.26 12.73
N ARG F 151 37.18 -30.19 13.77
CA ARG F 151 35.97 -31.00 13.90
C ARG F 151 34.75 -30.09 13.76
N ALA F 152 33.70 -30.62 13.13
CA ALA F 152 32.41 -29.95 13.05
C ALA F 152 31.50 -30.53 14.12
N GLY F 153 30.66 -29.68 14.71
CA GLY F 153 29.75 -30.16 15.72
C GLY F 153 28.67 -29.20 16.14
N ILE F 154 27.90 -29.63 17.13
CA ILE F 154 26.80 -28.85 17.70
C ILE F 154 27.30 -28.27 19.01
N ILE F 155 27.03 -26.99 19.23
CA ILE F 155 27.38 -26.34 20.50
C ILE F 155 26.12 -25.98 21.27
N ALA F 156 26.10 -26.31 22.56
CA ALA F 156 25.05 -25.92 23.47
C ALA F 156 25.53 -24.72 24.28
N THR F 157 24.76 -23.65 24.26
CA THR F 157 25.10 -22.40 24.92
C THR F 157 24.15 -22.13 26.08
N GLY F 158 24.68 -21.66 27.18
CA GLY F 158 23.86 -21.21 28.31
C GLY F 158 24.70 -20.38 29.24
N ASP F 159 24.07 -19.80 30.25
CA ASP F 159 24.73 -18.85 31.15
C ASP F 159 25.30 -19.49 32.43
N GLU F 160 25.65 -20.77 32.35
CA GLU F 160 26.29 -21.49 33.45
C GLU F 160 27.63 -22.05 33.00
N PHE F 161 28.65 -21.95 33.86
CA PHE F 161 29.88 -22.72 33.66
C PHE F 161 29.60 -24.15 34.09
N ILE F 162 29.67 -25.08 33.16
CA ILE F 162 29.30 -26.48 33.40
C ILE F 162 30.50 -27.23 33.96
N CYS F 163 30.35 -27.82 35.14
CA CYS F 163 31.44 -28.54 35.79
C CYS F 163 30.84 -29.67 36.63
N ASP F 164 30.02 -30.46 35.96
CA ASP F 164 29.15 -31.44 36.58
C ASP F 164 28.85 -32.49 35.53
N GLU F 165 29.23 -33.74 35.79
CA GLU F 165 29.08 -34.82 34.81
CA GLU F 165 29.07 -34.83 34.81
C GLU F 165 27.61 -35.10 34.45
N ALA F 166 26.71 -34.95 35.44
CA ALA F 166 25.29 -35.19 35.20
C ALA F 166 24.69 -34.14 34.27
N LYS F 167 25.01 -32.87 34.53
CA LYS F 167 24.55 -31.77 33.66
C LYS F 167 25.11 -31.88 32.26
N LYS F 168 26.41 -32.15 32.16
CA LYS F 168 27.07 -32.42 30.89
C LYS F 168 26.34 -33.50 30.09
N ALA F 169 26.07 -34.64 30.74
CA ALA F 169 25.40 -35.77 30.09
C ALA F 169 23.98 -35.40 29.62
N LYS F 170 23.25 -34.66 30.44
CA LYS F 170 21.90 -34.23 30.13
C LYS F 170 21.85 -33.29 28.92
N ILE F 171 22.70 -32.28 28.92
CA ILE F 171 22.74 -31.31 27.81
C ILE F 171 23.20 -32.00 26.53
N ARG F 172 24.23 -32.85 26.66
CA ARG F 172 24.70 -33.65 25.53
C ARG F 172 23.56 -34.48 24.92
N GLU F 173 22.80 -35.16 25.77
CA GLU F 173 21.70 -36.03 25.31
C GLU F 173 20.58 -35.24 24.62
N ILE F 174 20.12 -34.16 25.25
CA ILE F 174 18.97 -33.41 24.74
C ILE F 174 19.29 -32.73 23.40
N PHE F 175 20.49 -32.17 23.28
CA PHE F 175 20.85 -31.37 22.10
C PHE F 175 21.86 -32.01 21.14
N ASN F 176 22.31 -33.23 21.46
CA ASN F 176 23.37 -33.91 20.69
C ASN F 176 24.60 -33.00 20.57
N ALA F 177 24.95 -32.32 21.67
CA ALA F 177 25.96 -31.28 21.67
C ALA F 177 27.35 -31.87 21.86
N ASP F 178 28.30 -31.34 21.12
CA ASP F 178 29.71 -31.74 21.18
C ASP F 178 30.52 -30.91 22.18
N ALA F 179 30.02 -29.74 22.53
CA ALA F 179 30.68 -28.86 23.49
C ALA F 179 29.68 -27.84 24.04
N CYS F 180 30.07 -27.20 25.14
CA CYS F 180 29.29 -26.13 25.73
C CYS F 180 30.10 -24.85 25.90
N GLU F 181 29.39 -23.74 25.95
CA GLU F 181 29.99 -22.44 26.19
C GLU F 181 28.87 -21.45 26.53
N MET F 182 29.17 -20.15 26.63
CA MET F 182 28.21 -19.21 27.20
C MET F 182 27.87 -18.04 26.28
N GLU F 183 28.27 -18.13 25.01
CA GLU F 183 28.11 -17.01 24.05
C GLU F 183 27.74 -17.37 22.60
N GLY F 184 27.91 -18.63 22.19
CA GLY F 184 27.86 -18.96 20.77
C GLY F 184 26.49 -18.79 20.15
N ALA F 185 25.50 -19.42 20.78
CA ALA F 185 24.13 -19.41 20.23
C ALA F 185 23.58 -18.00 20.15
N SER F 186 23.89 -17.19 21.16
CA SER F 186 23.44 -15.80 21.21
C SER F 186 24.08 -14.96 20.09
N VAL F 187 25.38 -15.12 19.89
CA VAL F 187 26.08 -14.40 18.81
C VAL F 187 25.56 -14.85 17.43
N ALA F 188 25.41 -16.16 17.26
CA ALA F 188 24.89 -16.72 16.00
C ALA F 188 23.48 -16.24 15.70
N LEU F 189 22.64 -16.13 16.73
CA LEU F 189 21.28 -15.62 16.60
C LEU F 189 21.28 -14.17 16.11
N VAL F 190 22.11 -13.33 16.72
CA VAL F 190 22.22 -11.93 16.32
C VAL F 190 22.62 -11.84 14.84
N CYS F 191 23.66 -12.57 14.47
CA CYS F 191 24.16 -12.53 13.10
C CYS F 191 23.10 -12.99 12.09
N ASP F 192 22.42 -14.09 12.40
CA ASP F 192 21.33 -14.56 11.55
C ASP F 192 20.23 -13.51 11.39
N ALA F 193 19.83 -12.91 12.52
CA ALA F 193 18.78 -11.89 12.53
C ALA F 193 19.13 -10.69 11.67
N LEU F 194 20.41 -10.29 11.70
CA LEU F 194 20.91 -9.13 10.95
C LEU F 194 21.51 -9.48 9.58
N LYS F 195 21.34 -10.73 9.13
CA LYS F 195 21.80 -11.21 7.82
C LYS F 195 23.31 -11.05 7.61
N VAL F 196 24.07 -11.38 8.64
CA VAL F 196 25.52 -11.34 8.63
C VAL F 196 26.02 -12.78 8.75
N PRO F 197 26.84 -13.25 7.80
CA PRO F 197 27.46 -14.58 7.92
C PRO F 197 28.28 -14.71 9.18
N CYS F 198 28.08 -15.80 9.90
CA CYS F 198 28.69 -16.05 11.21
C CYS F 198 29.46 -17.36 11.22
N PHE F 199 30.64 -17.33 11.83
CA PHE F 199 31.45 -18.52 12.07
C PHE F 199 31.75 -18.57 13.57
N ILE F 200 31.51 -19.72 14.19
CA ILE F 200 31.77 -19.89 15.63
C ILE F 200 32.82 -20.97 15.81
N LEU F 201 34.02 -20.57 16.24
CA LEU F 201 35.13 -21.50 16.50
C LEU F 201 35.46 -21.54 17.98
N ARG F 202 35.67 -22.75 18.50
CA ARG F 202 36.06 -22.94 19.90
C ARG F 202 37.20 -23.95 20.01
N ALA F 203 38.19 -23.64 20.85
CA ALA F 203 39.23 -24.59 21.25
C ALA F 203 38.91 -25.10 22.65
N MET F 204 38.98 -26.41 22.86
CA MET F 204 38.59 -26.97 24.16
C MET F 204 39.57 -26.57 25.25
N SER F 205 39.05 -26.03 26.35
CA SER F 205 39.84 -25.69 27.55
C SER F 205 39.68 -26.67 28.70
N ASP F 206 38.64 -27.51 28.64
CA ASP F 206 38.29 -28.42 29.73
C ASP F 206 37.23 -29.39 29.22
N LYS F 207 36.86 -30.35 30.06
CA LYS F 207 35.86 -31.37 29.70
C LYS F 207 34.54 -31.24 30.47
N ALA F 208 34.32 -30.08 31.08
CA ALA F 208 33.01 -29.71 31.66
C ALA F 208 32.45 -30.65 32.74
N GLY F 209 33.35 -31.35 33.44
CA GLY F 209 32.96 -32.24 34.54
C GLY F 209 33.59 -31.77 35.84
N GLU F 210 33.85 -32.72 36.74
CA GLU F 210 34.52 -32.40 37.99
C GLU F 210 35.92 -31.88 37.66
N LYS F 211 36.32 -30.81 38.33
CA LYS F 211 37.60 -30.16 38.06
C LYS F 211 37.71 -29.41 36.72
N ALA F 212 36.58 -29.18 36.04
CA ALA F 212 36.58 -28.33 34.85
C ALA F 212 37.10 -26.91 35.14
N GLU F 213 36.77 -26.37 36.29
CA GLU F 213 37.28 -25.04 36.68
C GLU F 213 38.82 -25.00 36.73
N PHE F 214 39.43 -26.10 37.17
CA PHE F 214 40.90 -26.17 37.27
C PHE F 214 41.56 -26.36 35.90
N ASP F 215 40.97 -27.21 35.06
CA ASP F 215 41.43 -27.36 33.68
C ASP F 215 41.27 -26.06 32.92
N PHE F 216 40.12 -25.40 33.07
CA PHE F 216 39.90 -24.10 32.43
C PHE F 216 41.00 -23.11 32.80
N ASP F 217 41.30 -23.01 34.10
CA ASP F 217 42.35 -22.10 34.57
C ASP F 217 43.71 -22.44 33.96
N GLU F 218 44.03 -23.74 33.90
CA GLU F 218 45.32 -24.18 33.37
C GLU F 218 45.47 -23.97 31.86
N PHE F 219 44.39 -24.16 31.10
CA PHE F 219 44.48 -24.25 29.64
C PHE F 219 43.86 -23.11 28.84
N VAL F 220 43.12 -22.21 29.50
CA VAL F 220 42.43 -21.13 28.77
C VAL F 220 43.36 -20.29 27.89
N ILE F 221 44.51 -19.88 28.42
CA ILE F 221 45.41 -19.01 27.67
C ILE F 221 45.89 -19.69 26.38
N ASN F 222 46.36 -20.93 26.49
CA ASN F 222 46.88 -21.66 25.34
C ASN F 222 45.79 -22.01 24.32
N SER F 223 44.67 -22.54 24.80
CA SER F 223 43.56 -22.90 23.91
C SER F 223 42.99 -21.67 23.20
N ALA F 224 42.92 -20.54 23.92
CA ALA F 224 42.45 -19.29 23.32
C ALA F 224 43.36 -18.83 22.16
N LYS F 225 44.67 -19.02 22.30
CA LYS F 225 45.62 -18.69 21.23
C LYS F 225 45.42 -19.54 19.98
N ILE F 226 45.12 -20.83 20.18
CA ILE F 226 44.91 -21.77 19.07
C ILE F 226 43.72 -21.31 18.22
N SER F 227 42.61 -20.99 18.88
CA SER F 227 41.42 -20.50 18.18
C SER F 227 41.68 -19.15 17.51
N ALA F 228 42.32 -18.24 18.23
CA ALA F 228 42.62 -16.90 17.71
C ALA F 228 43.48 -16.94 16.44
N ASN F 229 44.54 -17.75 16.48
CA ASN F 229 45.41 -17.93 15.31
C ASN F 229 44.60 -18.37 14.08
N PHE F 230 43.70 -19.34 14.29
CA PHE F 230 42.91 -19.90 13.21
C PHE F 230 42.00 -18.86 12.54
N VAL F 231 41.26 -18.09 13.33
CA VAL F 231 40.37 -17.08 12.75
C VAL F 231 41.12 -15.98 12.00
N LEU F 232 42.32 -15.63 12.46
CA LEU F 232 43.15 -14.66 11.72
C LEU F 232 43.60 -15.23 10.37
N LYS F 233 43.89 -16.54 10.32
CA LYS F 233 44.21 -17.21 9.05
C LYS F 233 43.03 -17.19 8.09
N MET F 234 41.81 -17.36 8.62
CA MET F 234 40.60 -17.25 7.81
C MET F 234 40.42 -15.86 7.20
N CYS F 235 40.78 -14.81 7.95
CA CYS F 235 40.71 -13.44 7.43
C CYS F 235 41.57 -13.23 6.18
N GLU F 236 42.74 -13.89 6.13
CA GLU F 236 43.61 -13.82 4.96
C GLU F 236 42.94 -14.30 3.67
N LYS F 237 42.12 -15.35 3.78
CA LYS F 237 41.43 -15.94 2.63
C LYS F 237 40.07 -15.32 2.29
N LEU F 238 39.51 -14.51 3.19
CA LEU F 238 38.24 -13.83 2.91
C LEU F 238 38.41 -12.66 1.93
N GLY G 10 -31.14 39.16 -37.46
CA GLY G 10 -31.37 38.09 -36.44
C GLY G 10 -30.34 36.97 -36.50
N MET G 11 -30.16 36.29 -35.36
CA MET G 11 -29.20 35.19 -35.24
C MET G 11 -29.79 33.82 -35.57
N LYS G 12 -28.91 32.87 -35.84
CA LYS G 12 -29.33 31.48 -36.10
C LYS G 12 -29.45 30.78 -34.74
N ILE G 13 -30.65 30.28 -34.43
CA ILE G 13 -30.94 29.72 -33.11
C ILE G 13 -31.23 28.24 -33.23
N ALA G 14 -30.52 27.43 -32.44
CA ALA G 14 -30.84 26.01 -32.29
C ALA G 14 -31.78 25.83 -31.11
N ILE G 15 -32.84 25.05 -31.32
CA ILE G 15 -33.70 24.62 -30.22
C ILE G 15 -33.65 23.10 -30.19
N LEU G 16 -33.18 22.55 -29.07
CA LEU G 16 -32.90 21.12 -28.94
C LEU G 16 -33.66 20.54 -27.77
N GLY G 17 -34.28 19.39 -27.99
CA GLY G 17 -34.82 18.53 -26.93
C GLY G 17 -34.27 17.13 -27.09
N ALA G 18 -34.67 16.24 -26.19
CA ALA G 18 -34.23 14.84 -26.24
C ALA G 18 -35.25 13.94 -26.91
N MET G 19 -36.54 14.16 -26.64
CA MET G 19 -37.61 13.31 -27.15
C MET G 19 -38.57 14.11 -28.03
N SER G 20 -39.31 13.38 -28.87
CA SER G 20 -40.30 13.96 -29.76
CA SER G 20 -40.31 13.97 -29.77
C SER G 20 -41.29 14.86 -29.00
N GLU G 21 -41.70 14.41 -27.82
CA GLU G 21 -42.64 15.16 -26.97
C GLU G 21 -42.15 16.56 -26.59
N GLU G 22 -40.83 16.73 -26.53
CA GLU G 22 -40.23 18.00 -26.15
C GLU G 22 -40.11 19.01 -27.31
N ILE G 23 -40.17 18.53 -28.53
CA ILE G 23 -39.97 19.38 -29.72
C ILE G 23 -41.18 19.47 -30.66
N THR G 24 -41.96 18.39 -30.77
CA THR G 24 -43.14 18.38 -31.64
C THR G 24 -44.12 19.54 -31.38
N PRO G 25 -44.33 19.94 -30.10
CA PRO G 25 -45.17 21.14 -29.86
C PRO G 25 -44.68 22.42 -30.55
N LEU G 26 -43.36 22.60 -30.67
CA LEU G 26 -42.80 23.74 -31.40
C LEU G 26 -43.07 23.61 -32.90
N LEU G 27 -42.89 22.41 -33.45
CA LEU G 27 -43.15 22.18 -34.87
C LEU G 27 -44.62 22.45 -35.23
N GLU G 28 -45.53 22.04 -34.35
CA GLU G 28 -46.97 22.30 -34.52
C GLU G 28 -47.31 23.80 -34.48
N THR G 29 -46.61 24.55 -33.62
CA THR G 29 -46.77 26.01 -33.55
C THR G 29 -46.21 26.71 -34.78
N LEU G 30 -45.03 26.29 -35.21
CA LEU G 30 -44.35 26.89 -36.38
C LEU G 30 -45.07 26.57 -37.69
N LYS G 31 -45.63 25.36 -37.79
CA LYS G 31 -46.45 24.90 -38.95
C LYS G 31 -45.64 24.68 -40.23
N ASP G 32 -44.97 25.72 -40.72
CA ASP G 32 -44.18 25.65 -41.94
C ASP G 32 -42.70 25.48 -41.61
N TYR G 33 -42.12 24.38 -42.08
CA TYR G 33 -40.70 24.09 -41.89
C TYR G 33 -40.21 23.09 -42.91
N THR G 34 -38.89 23.07 -43.12
CA THR G 34 -38.24 22.09 -43.99
C THR G 34 -37.47 21.09 -43.12
N LYS G 35 -37.25 19.88 -43.66
CA LYS G 35 -36.54 18.80 -42.98
C LYS G 35 -35.24 18.47 -43.69
N ILE G 36 -34.22 18.10 -42.93
CA ILE G 36 -33.01 17.47 -43.50
C ILE G 36 -32.68 16.24 -42.67
N GLU G 37 -32.45 15.12 -43.35
CA GLU G 37 -32.00 13.89 -42.70
C GLU G 37 -30.49 13.98 -42.57
N HIS G 38 -29.99 13.86 -41.35
CA HIS G 38 -28.56 13.91 -41.09
C HIS G 38 -28.27 13.29 -39.72
N ALA G 39 -27.13 12.62 -39.59
CA ALA G 39 -26.69 12.05 -38.31
C ALA G 39 -27.73 11.10 -37.70
N ASN G 40 -28.32 10.27 -38.57
CA ASN G 40 -29.36 9.30 -38.21
C ASN G 40 -30.50 9.97 -37.41
N ASN G 41 -30.95 11.11 -37.90
CA ASN G 41 -31.94 11.93 -37.25
C ASN G 41 -32.51 12.92 -38.26
N THR G 42 -33.54 13.66 -37.85
CA THR G 42 -34.11 14.72 -38.69
C THR G 42 -33.89 16.07 -38.02
N TYR G 43 -33.40 17.03 -38.80
CA TYR G 43 -33.22 18.40 -38.34
C TYR G 43 -34.22 19.27 -39.10
N TYR G 44 -34.92 20.14 -38.36
CA TYR G 44 -36.02 20.93 -38.88
C TYR G 44 -35.60 22.39 -38.97
N PHE G 45 -35.99 23.07 -40.05
CA PHE G 45 -35.60 24.45 -40.30
C PHE G 45 -36.83 25.31 -40.52
N ALA G 46 -36.89 26.43 -39.79
CA ALA G 46 -38.04 27.33 -39.86
C ALA G 46 -37.57 28.77 -39.62
N LYS G 47 -38.30 29.73 -40.19
CA LYS G 47 -38.10 31.14 -39.90
C LYS G 47 -39.14 31.56 -38.86
N TYR G 48 -38.71 32.35 -37.87
CA TYR G 48 -39.57 32.80 -36.78
C TYR G 48 -39.10 34.17 -36.26
N LYS G 49 -39.89 35.21 -36.52
CA LYS G 49 -39.61 36.58 -36.04
C LYS G 49 -38.21 37.11 -36.43
N ASP G 50 -37.85 36.98 -37.70
CA ASP G 50 -36.51 37.41 -38.19
C ASP G 50 -35.33 36.47 -37.82
N HIS G 51 -35.60 35.35 -37.15
CA HIS G 51 -34.57 34.37 -36.80
C HIS G 51 -34.73 33.11 -37.62
N GLU G 52 -33.62 32.55 -38.06
CA GLU G 52 -33.59 31.22 -38.64
C GLU G 52 -33.44 30.23 -37.48
N LEU G 53 -34.38 29.30 -37.37
CA LEU G 53 -34.34 28.27 -36.34
C LEU G 53 -33.87 26.95 -36.94
N VAL G 54 -33.10 26.19 -36.16
CA VAL G 54 -32.87 24.77 -36.43
C VAL G 54 -33.35 24.02 -35.19
N LEU G 55 -34.21 23.03 -35.39
CA LEU G 55 -34.79 22.25 -34.29
C LEU G 55 -34.54 20.77 -34.48
N ALA G 56 -34.43 20.05 -33.36
CA ALA G 56 -34.34 18.60 -33.40
C ALA G 56 -34.62 18.05 -32.01
N TYR G 57 -35.04 16.79 -31.95
CA TYR G 57 -34.90 16.02 -30.73
C TYR G 57 -33.75 15.03 -30.95
N SER G 58 -32.87 14.93 -29.96
CA SER G 58 -31.59 14.21 -30.14
C SER G 58 -31.70 12.69 -30.01
N LYS G 59 -32.77 12.22 -29.37
CA LYS G 59 -32.87 10.91 -28.72
C LYS G 59 -32.19 10.98 -27.38
N ILE G 60 -32.49 10.01 -26.51
CA ILE G 60 -32.19 10.13 -25.09
C ILE G 60 -30.71 9.97 -24.80
N GLY G 61 -30.21 10.80 -23.88
CA GLY G 61 -28.93 10.56 -23.23
C GLY G 61 -27.79 11.46 -23.68
N LYS G 62 -26.64 11.25 -23.05
CA LYS G 62 -25.51 12.15 -23.20
C LYS G 62 -24.88 12.12 -24.58
N VAL G 63 -24.67 10.92 -25.11
CA VAL G 63 -24.03 10.77 -26.42
C VAL G 63 -24.92 11.35 -27.52
N ASN G 64 -26.19 10.96 -27.52
CA ASN G 64 -27.13 11.45 -28.53
C ASN G 64 -27.25 12.98 -28.51
N SER G 65 -27.37 13.56 -27.32
CA SER G 65 -27.52 15.01 -27.18
C SER G 65 -26.22 15.75 -27.55
N THR G 66 -25.07 15.18 -27.21
CA THR G 66 -23.77 15.74 -27.61
C THR G 66 -23.67 15.81 -29.13
N LEU G 67 -24.03 14.72 -29.81
CA LEU G 67 -23.96 14.66 -31.25
C LEU G 67 -24.87 15.72 -31.88
N SER G 68 -26.11 15.82 -31.42
CA SER G 68 -27.05 16.79 -31.98
C SER G 68 -26.61 18.23 -31.78
N ALA G 69 -26.16 18.58 -30.58
CA ALA G 69 -25.60 19.93 -30.33
C ALA G 69 -24.43 20.23 -31.26
N SER G 70 -23.52 19.25 -31.41
CA SER G 70 -22.36 19.40 -32.28
CA SER G 70 -22.35 19.40 -32.28
C SER G 70 -22.76 19.61 -33.74
N VAL G 71 -23.73 18.82 -34.20
CA VAL G 71 -24.25 18.93 -35.57
C VAL G 71 -24.90 20.30 -35.80
N MET G 72 -25.74 20.71 -34.86
CA MET G 72 -26.45 21.99 -34.98
C MET G 72 -25.50 23.19 -35.11
N ILE G 73 -24.38 23.13 -34.41
CA ILE G 73 -23.38 24.20 -34.43
C ILE G 73 -22.40 24.01 -35.61
N GLU G 74 -21.74 22.85 -35.68
CA GLU G 74 -20.67 22.64 -36.66
C GLU G 74 -21.16 22.53 -38.10
N LYS G 75 -22.29 21.85 -38.31
CA LYS G 75 -22.84 21.68 -39.65
C LYS G 75 -23.84 22.79 -40.00
N PHE G 76 -24.78 23.06 -39.11
CA PHE G 76 -25.88 23.99 -39.42
C PHE G 76 -25.70 25.42 -38.92
N GLY G 77 -24.55 25.71 -38.32
CA GLY G 77 -24.15 27.08 -38.01
C GLY G 77 -24.93 27.80 -36.93
N ALA G 78 -25.53 27.07 -35.99
CA ALA G 78 -26.25 27.69 -34.89
C ALA G 78 -25.33 28.59 -34.08
N GLN G 79 -25.81 29.78 -33.74
CA GLN G 79 -25.04 30.79 -33.00
C GLN G 79 -25.46 30.90 -31.53
N VAL G 80 -26.64 30.39 -31.21
CA VAL G 80 -27.15 30.27 -29.85
C VAL G 80 -27.90 28.95 -29.80
N LEU G 81 -27.91 28.31 -28.63
CA LEU G 81 -28.65 27.06 -28.44
C LEU G 81 -29.50 27.12 -27.19
N LEU G 82 -30.79 26.84 -27.36
CA LEU G 82 -31.74 26.75 -26.26
C LEU G 82 -32.17 25.30 -26.14
N PHE G 83 -31.93 24.70 -24.98
CA PHE G 83 -32.42 23.36 -24.71
C PHE G 83 -33.75 23.43 -23.96
N THR G 84 -34.70 22.61 -24.41
CA THR G 84 -36.02 22.54 -23.79
C THR G 84 -36.41 21.09 -23.53
N GLY G 85 -36.97 20.83 -22.35
CA GLY G 85 -37.47 19.50 -22.07
C GLY G 85 -37.92 19.37 -20.64
N VAL G 86 -37.97 18.13 -20.17
CA VAL G 86 -38.42 17.82 -18.82
C VAL G 86 -37.29 17.33 -17.94
N ALA G 87 -37.55 17.19 -16.64
CA ALA G 87 -36.53 16.75 -15.68
C ALA G 87 -37.16 16.13 -14.45
N GLY G 88 -36.32 15.44 -13.67
CA GLY G 88 -36.71 14.87 -12.39
C GLY G 88 -36.33 15.83 -11.28
N ALA G 89 -37.29 16.23 -10.46
CA ALA G 89 -37.07 17.21 -9.39
C ALA G 89 -36.36 16.60 -8.18
N PHE G 90 -35.31 17.28 -7.69
CA PHE G 90 -34.61 16.93 -6.46
C PHE G 90 -34.96 17.90 -5.33
N ASN G 91 -34.95 19.20 -5.63
CA ASN G 91 -35.27 20.23 -4.65
C ASN G 91 -36.73 20.07 -4.24
N PRO G 92 -37.01 19.84 -2.94
CA PRO G 92 -38.40 19.61 -2.52
C PRO G 92 -39.37 20.78 -2.74
N GLU G 93 -38.86 21.99 -2.96
CA GLU G 93 -39.70 23.13 -3.34
C GLU G 93 -40.24 23.08 -4.77
N LEU G 94 -39.62 22.26 -5.63
CA LEU G 94 -40.13 22.07 -7.00
C LEU G 94 -41.32 21.12 -7.01
N GLU G 95 -42.35 21.50 -7.76
CA GLU G 95 -43.48 20.64 -8.04
C GLU G 95 -43.48 20.26 -9.52
N ILE G 96 -44.23 19.20 -9.83
CA ILE G 96 -44.40 18.78 -11.21
C ILE G 96 -44.99 19.95 -12.02
N GLY G 97 -44.39 20.23 -13.17
CA GLY G 97 -44.75 21.37 -14.01
C GLY G 97 -43.90 22.62 -13.83
N ASP G 98 -43.15 22.72 -12.72
CA ASP G 98 -42.34 23.92 -12.45
C ASP G 98 -41.14 24.01 -13.38
N LEU G 99 -40.83 25.24 -13.79
CA LEU G 99 -39.70 25.52 -14.67
C LEU G 99 -38.44 25.82 -13.87
N LEU G 100 -37.34 25.20 -14.30
CA LEU G 100 -36.02 25.43 -13.73
C LEU G 100 -35.05 25.66 -14.87
N TYR G 101 -34.27 26.74 -14.84
CA TYR G 101 -33.12 26.88 -15.73
C TYR G 101 -31.83 26.59 -14.96
N ALA G 102 -30.87 25.98 -15.65
CA ALA G 102 -29.61 25.61 -15.04
C ALA G 102 -28.62 26.76 -15.09
N THR G 103 -28.06 27.13 -13.94
CA THR G 103 -26.93 28.07 -13.90
C THR G 103 -25.63 27.33 -14.20
N LYS G 104 -25.53 26.10 -13.70
CA LYS G 104 -24.43 25.22 -14.06
C LYS G 104 -24.86 23.75 -13.94
N LEU G 105 -24.09 22.87 -14.57
CA LEU G 105 -24.44 21.47 -14.67
C LEU G 105 -23.20 20.59 -14.55
N ALA G 106 -23.39 19.39 -14.01
CA ALA G 106 -22.31 18.39 -13.89
C ALA G 106 -22.81 17.03 -14.38
N GLN G 107 -21.86 16.19 -14.78
CA GLN G 107 -22.13 14.78 -15.07
C GLN G 107 -21.88 13.95 -13.82
N TYR G 108 -22.94 13.49 -13.18
CA TYR G 108 -22.80 12.70 -11.92
C TYR G 108 -22.24 11.29 -12.13
N ASP G 109 -22.26 10.79 -13.37
CA ASP G 109 -21.82 9.43 -13.68
C ASP G 109 -20.49 9.39 -14.46
N LEU G 110 -19.79 10.52 -14.50
CA LEU G 110 -18.44 10.58 -15.07
C LEU G 110 -17.50 10.37 -13.91
N ASP G 111 -16.86 9.20 -13.88
CA ASP G 111 -16.29 8.65 -12.65
C ASP G 111 -14.90 8.04 -12.87
N ILE G 112 -13.87 8.81 -12.52
CA ILE G 112 -12.50 8.29 -12.42
C ILE G 112 -12.02 8.41 -10.97
N THR G 113 -12.96 8.22 -10.03
CA THR G 113 -12.67 8.37 -8.60
C THR G 113 -11.67 7.35 -8.08
N ALA G 114 -11.52 6.23 -8.79
CA ALA G 114 -10.45 5.25 -8.50
C ALA G 114 -9.06 5.88 -8.43
N PHE G 115 -8.85 6.95 -9.20
CA PHE G 115 -7.57 7.67 -9.21
C PHE G 115 -7.50 8.86 -8.24
N GLY G 116 -8.47 8.96 -7.33
CA GLY G 116 -8.51 10.03 -6.34
C GLY G 116 -8.96 11.41 -6.83
N HIS G 117 -9.63 11.46 -7.97
CA HIS G 117 -10.25 12.73 -8.40
C HIS G 117 -11.72 12.76 -7.95
N PRO G 118 -12.32 13.95 -7.80
CA PRO G 118 -13.73 14.00 -7.43
C PRO G 118 -14.67 13.47 -8.52
N LEU G 119 -15.83 13.01 -8.10
CA LEU G 119 -16.87 12.56 -9.05
C LEU G 119 -17.25 13.70 -10.00
N GLY G 120 -17.34 13.39 -11.28
CA GLY G 120 -17.69 14.37 -12.32
C GLY G 120 -16.52 15.03 -13.01
N PHE G 121 -15.30 14.77 -12.53
CA PHE G 121 -14.09 15.39 -13.06
C PHE G 121 -13.33 14.45 -13.98
N VAL G 122 -12.87 15.00 -15.11
CA VAL G 122 -11.76 14.39 -15.87
C VAL G 122 -10.75 15.48 -16.21
N PRO G 123 -9.46 15.11 -16.38
CA PRO G 123 -8.43 16.11 -16.66
C PRO G 123 -8.72 16.93 -17.91
N GLY G 124 -8.46 18.23 -17.83
CA GLY G 124 -8.73 19.15 -18.94
C GLY G 124 -10.07 19.85 -18.83
N ASN G 125 -10.99 19.30 -18.03
CA ASN G 125 -12.34 19.85 -17.85
C ASN G 125 -12.55 20.19 -16.37
N GLU G 126 -13.69 20.80 -16.07
CA GLU G 126 -14.10 21.11 -14.71
C GLU G 126 -15.29 20.24 -14.36
N ILE G 127 -15.65 20.23 -13.07
CA ILE G 127 -16.80 19.44 -12.61
C ILE G 127 -18.09 20.07 -13.15
N PHE G 128 -18.22 21.39 -13.04
CA PHE G 128 -19.42 22.10 -13.49
C PHE G 128 -19.16 22.91 -14.75
N ILE G 129 -20.12 22.88 -15.66
CA ILE G 129 -20.12 23.76 -16.83
C ILE G 129 -21.22 24.78 -16.65
N LYS G 130 -20.93 26.05 -16.98
CA LYS G 130 -21.88 27.14 -16.82
C LYS G 130 -22.67 27.38 -18.11
N THR G 131 -23.89 27.88 -17.93
CA THR G 131 -24.71 28.38 -19.02
C THR G 131 -24.48 29.88 -19.22
N ASP G 132 -25.08 30.45 -20.25
CA ASP G 132 -24.83 31.85 -20.64
C ASP G 132 -25.61 32.85 -19.78
N GLU G 133 -24.89 33.78 -19.16
CA GLU G 133 -25.50 34.81 -18.31
C GLU G 133 -26.55 35.68 -19.01
N LYS G 134 -26.26 36.11 -20.22
CA LYS G 134 -27.19 36.97 -20.97
C LYS G 134 -28.49 36.25 -21.31
N LEU G 135 -28.40 34.98 -21.73
CA LEU G 135 -29.60 34.18 -21.98
C LEU G 135 -30.40 33.95 -20.71
N ASN G 136 -29.72 33.67 -19.61
CA ASN G 136 -30.37 33.47 -18.32
C ASN G 136 -31.13 34.75 -17.89
N ASN G 137 -30.50 35.91 -18.08
CA ASN G 137 -31.16 37.19 -17.76
C ASN G 137 -32.35 37.47 -18.68
N LEU G 138 -32.23 37.11 -19.95
CA LEU G 138 -33.36 37.19 -20.87
C LEU G 138 -34.53 36.33 -20.42
N ALA G 139 -34.23 35.12 -19.95
CA ALA G 139 -35.27 34.22 -19.42
C ALA G 139 -35.98 34.85 -18.22
N LEU G 140 -35.22 35.47 -17.32
CA LEU G 140 -35.81 36.17 -16.17
C LEU G 140 -36.73 37.31 -16.60
N GLU G 141 -36.36 38.03 -17.65
CA GLU G 141 -37.20 39.10 -18.21
C GLU G 141 -38.49 38.54 -18.79
N VAL G 142 -38.38 37.44 -19.55
CA VAL G 142 -39.56 36.77 -20.14
C VAL G 142 -40.49 36.26 -19.03
N ALA G 143 -39.91 35.63 -18.01
CA ALA G 143 -40.69 35.10 -16.88
C ALA G 143 -41.46 36.20 -16.14
N LYS G 144 -40.83 37.35 -15.94
CA LYS G 144 -41.48 38.50 -15.30
C LYS G 144 -42.59 39.06 -16.19
N GLU G 145 -42.30 39.26 -17.47
CA GLU G 145 -43.28 39.80 -18.43
C GLU G 145 -44.54 38.95 -18.55
N LEU G 146 -44.36 37.63 -18.58
CA LEU G 146 -45.48 36.69 -18.75
C LEU G 146 -46.03 36.14 -17.41
N ASN G 147 -45.54 36.63 -16.28
CA ASN G 147 -45.95 36.19 -14.95
C ASN G 147 -45.83 34.67 -14.77
N ILE G 148 -44.66 34.15 -15.16
CA ILE G 148 -44.37 32.72 -15.06
C ILE G 148 -43.32 32.58 -13.95
N LYS G 149 -43.54 31.62 -13.06
CA LYS G 149 -42.59 31.31 -12.00
C LYS G 149 -41.40 30.59 -12.65
N LEU G 150 -40.19 31.08 -12.37
CA LEU G 150 -38.96 30.51 -12.94
C LEU G 150 -37.90 30.45 -11.84
N ARG G 151 -37.33 29.26 -11.66
CA ARG G 151 -36.32 29.04 -10.63
C ARG G 151 -34.97 28.79 -11.30
N ALA G 152 -33.91 29.28 -10.66
CA ALA G 152 -32.53 29.02 -11.08
C ALA G 152 -31.98 27.89 -10.22
N GLY G 153 -31.18 27.02 -10.82
CA GLY G 153 -30.60 25.93 -10.05
C GLY G 153 -29.50 25.18 -10.74
N ILE G 154 -29.05 24.13 -10.07
CA ILE G 154 -27.98 23.27 -10.56
C ILE G 154 -28.63 21.99 -11.07
N ILE G 155 -28.22 21.54 -12.24
CA ILE G 155 -28.72 20.29 -12.81
C ILE G 155 -27.61 19.24 -12.85
N ALA G 156 -27.93 18.04 -12.38
CA ALA G 156 -27.04 16.89 -12.45
C ALA G 156 -27.49 16.03 -13.64
N THR G 157 -26.56 15.75 -14.54
CA THR G 157 -26.85 14.99 -15.76
C THR G 157 -26.14 13.64 -15.72
N GLY G 158 -26.82 12.60 -16.16
CA GLY G 158 -26.20 11.29 -16.32
C GLY G 158 -27.07 10.41 -17.17
N ASP G 159 -26.58 9.23 -17.51
CA ASP G 159 -27.28 8.35 -18.46
C ASP G 159 -28.20 7.31 -17.81
N GLU G 160 -28.72 7.63 -16.63
CA GLU G 160 -29.68 6.80 -15.92
C GLU G 160 -30.96 7.57 -15.68
N PHE G 161 -32.12 6.92 -15.88
CA PHE G 161 -33.39 7.46 -15.39
C PHE G 161 -33.43 7.19 -13.88
N ILE G 162 -33.45 8.25 -13.09
CA ILE G 162 -33.37 8.13 -11.63
C ILE G 162 -34.77 7.94 -11.07
N CYS G 163 -34.96 6.84 -10.34
CA CYS G 163 -36.27 6.52 -9.76
C CYS G 163 -36.05 5.74 -8.46
N ASP G 164 -35.24 6.35 -7.60
CA ASP G 164 -34.66 5.70 -6.44
C ASP G 164 -34.31 6.82 -5.46
N GLU G 165 -34.92 6.80 -4.28
CA GLU G 165 -34.72 7.87 -3.29
C GLU G 165 -33.28 7.96 -2.80
N ALA G 166 -32.61 6.82 -2.68
CA ALA G 166 -31.22 6.79 -2.23
C ALA G 166 -30.28 7.45 -3.24
N LYS G 167 -30.44 7.09 -4.51
CA LYS G 167 -29.66 7.70 -5.59
C LYS G 167 -29.91 9.19 -5.72
N LYS G 168 -31.19 9.56 -5.71
CA LYS G 168 -31.62 10.97 -5.70
C LYS G 168 -30.89 11.74 -4.58
N ALA G 169 -30.96 11.23 -3.36
CA ALA G 169 -30.34 11.88 -2.21
C ALA G 169 -28.83 12.02 -2.36
N LYS G 170 -28.17 10.98 -2.87
CA LYS G 170 -26.73 10.97 -3.07
C LYS G 170 -26.29 12.02 -4.10
N ILE G 171 -26.96 12.04 -5.25
CA ILE G 171 -26.61 12.99 -6.31
C ILE G 171 -26.89 14.42 -5.85
N ARG G 172 -28.04 14.61 -5.20
CA ARG G 172 -28.40 15.90 -4.62
C ARG G 172 -27.31 16.39 -3.67
N GLU G 173 -26.86 15.52 -2.77
CA GLU G 173 -25.84 15.88 -1.78
C GLU G 173 -24.49 16.23 -2.40
N ILE G 174 -24.00 15.38 -3.30
CA ILE G 174 -22.67 15.56 -3.88
C ILE G 174 -22.58 16.84 -4.73
N PHE G 175 -23.62 17.10 -5.53
CA PHE G 175 -23.60 18.20 -6.50
C PHE G 175 -24.47 19.42 -6.14
N ASN G 176 -25.17 19.36 -5.01
CA ASN G 176 -26.14 20.40 -4.62
C ASN G 176 -27.14 20.63 -5.77
N ALA G 177 -27.59 19.53 -6.37
CA ALA G 177 -28.40 19.58 -7.59
C ALA G 177 -29.88 19.74 -7.26
N ASP G 178 -30.55 20.59 -8.03
CA ASP G 178 -31.99 20.83 -7.89
C ASP G 178 -32.85 19.90 -8.74
N ALA G 179 -32.24 19.28 -9.76
CA ALA G 179 -32.95 18.36 -10.64
C ALA G 179 -31.95 17.50 -11.39
N CYS G 180 -32.45 16.41 -11.96
CA CYS G 180 -31.65 15.53 -12.81
C CYS G 180 -32.27 15.34 -14.18
N GLU G 181 -31.41 15.01 -15.13
CA GLU G 181 -31.83 14.70 -16.49
C GLU G 181 -30.67 14.01 -17.20
N MET G 182 -30.77 13.79 -18.51
CA MET G 182 -29.82 12.90 -19.19
C MET G 182 -29.10 13.57 -20.37
N GLU G 183 -29.23 14.89 -20.50
CA GLU G 183 -28.70 15.62 -21.66
C GLU G 183 -28.08 17.00 -21.40
N GLY G 184 -28.35 17.62 -20.26
CA GLY G 184 -28.06 19.05 -20.08
C GLY G 184 -26.58 19.35 -20.06
N ALA G 185 -25.85 18.65 -19.19
CA ALA G 185 -24.42 18.91 -19.01
C ALA G 185 -23.64 18.67 -20.29
N SER G 186 -24.03 17.63 -21.02
CA SER G 186 -23.38 17.28 -22.29
C SER G 186 -23.61 18.38 -23.35
N VAL G 187 -24.86 18.84 -23.47
CA VAL G 187 -25.18 19.92 -24.41
C VAL G 187 -24.45 21.22 -24.02
N ALA G 188 -24.47 21.56 -22.74
CA ALA G 188 -23.80 22.76 -22.24
C ALA G 188 -22.28 22.71 -22.48
N LEU G 189 -21.70 21.53 -22.30
CA LEU G 189 -20.26 21.32 -22.57
C LEU G 189 -19.94 21.58 -24.05
N VAL G 190 -20.74 21.01 -24.94
CA VAL G 190 -20.54 21.21 -26.39
C VAL G 190 -20.59 22.70 -26.72
N CYS G 191 -21.63 23.37 -26.24
CA CYS G 191 -21.81 24.80 -26.54
C CYS G 191 -20.65 25.63 -26.01
N ASP G 192 -20.22 25.38 -24.79
CA ASP G 192 -19.06 26.07 -24.21
C ASP G 192 -17.80 25.84 -25.06
N ALA G 193 -17.56 24.59 -25.45
CA ALA G 193 -16.40 24.21 -26.24
C ALA G 193 -16.38 24.93 -27.60
N LEU G 194 -17.56 25.08 -28.20
CA LEU G 194 -17.70 25.72 -29.52
C LEU G 194 -18.05 27.22 -29.45
N LYS G 195 -17.97 27.81 -28.26
CA LYS G 195 -18.19 29.25 -28.03
C LYS G 195 -19.59 29.73 -28.46
N VAL G 196 -20.60 28.92 -28.15
CA VAL G 196 -22.00 29.21 -28.45
C VAL G 196 -22.72 29.40 -27.12
N PRO G 197 -23.39 30.55 -26.91
CA PRO G 197 -24.23 30.74 -25.74
C PRO G 197 -25.31 29.68 -25.63
N CYS G 198 -25.44 29.11 -24.44
CA CYS G 198 -26.35 27.99 -24.15
C CYS G 198 -27.30 28.33 -23.02
N PHE G 199 -28.57 27.95 -23.19
CA PHE G 199 -29.60 28.06 -22.16
C PHE G 199 -30.21 26.68 -21.99
N ILE G 200 -30.31 26.19 -20.75
CA ILE G 200 -30.89 24.88 -20.47
C ILE G 200 -32.12 25.06 -19.59
N LEU G 201 -33.30 24.82 -20.16
CA LEU G 201 -34.57 24.92 -19.43
C LEU G 201 -35.22 23.57 -19.30
N ARG G 202 -35.74 23.27 -18.10
CA ARG G 202 -36.42 22.02 -17.83
C ARG G 202 -37.72 22.28 -17.04
N ALA G 203 -38.79 21.60 -17.44
CA ALA G 203 -40.03 21.56 -16.65
C ALA G 203 -40.10 20.22 -15.93
N MET G 204 -40.42 20.22 -14.65
CA MET G 204 -40.41 18.97 -13.89
C MET G 204 -41.54 18.03 -14.35
N SER G 205 -41.18 16.79 -14.64
CA SER G 205 -42.14 15.73 -14.99
C SER G 205 -42.38 14.72 -13.87
N ASP G 206 -41.50 14.70 -12.88
CA ASP G 206 -41.55 13.70 -11.81
C ASP G 206 -40.58 14.13 -10.72
N LYS G 207 -40.54 13.38 -9.63
CA LYS G 207 -39.68 13.68 -8.47
C LYS G 207 -38.55 12.67 -8.27
N ALA G 208 -38.27 11.86 -9.29
CA ALA G 208 -37.08 11.00 -9.35
C ALA G 208 -36.93 9.97 -8.21
N GLY G 209 -38.05 9.57 -7.62
CA GLY G 209 -38.06 8.55 -6.58
C GLY G 209 -38.85 7.34 -7.00
N GLU G 210 -39.45 6.66 -6.03
CA GLU G 210 -40.32 5.52 -6.33
C GLU G 210 -41.50 6.03 -7.13
N LYS G 211 -41.86 5.31 -8.18
CA LYS G 211 -42.94 5.72 -9.08
C LYS G 211 -42.64 6.93 -9.97
N ALA G 212 -41.38 7.35 -10.06
CA ALA G 212 -40.98 8.39 -11.03
C ALA G 212 -41.33 8.02 -12.47
N GLU G 213 -41.17 6.74 -12.81
CA GLU G 213 -41.54 6.27 -14.16
C GLU G 213 -43.02 6.51 -14.48
N PHE G 214 -43.88 6.36 -13.48
CA PHE G 214 -45.33 6.57 -13.65
C PHE G 214 -45.69 8.05 -13.74
N ASP G 215 -45.09 8.87 -12.88
CA ASP G 215 -45.27 10.32 -12.97
C ASP G 215 -44.74 10.85 -14.31
N PHE G 216 -43.56 10.38 -14.72
CA PHE G 216 -43.01 10.78 -16.02
C PHE G 216 -44.00 10.48 -17.15
N ASP G 217 -44.54 9.27 -17.16
CA ASP G 217 -45.53 8.88 -18.19
C ASP G 217 -46.77 9.79 -18.16
N GLU G 218 -47.25 10.09 -16.97
CA GLU G 218 -48.46 10.92 -16.82
C GLU G 218 -48.25 12.38 -17.21
N PHE G 219 -47.08 12.94 -16.91
CA PHE G 219 -46.85 14.39 -17.00
C PHE G 219 -45.91 14.87 -18.11
N VAL G 220 -45.21 13.96 -18.79
CA VAL G 220 -44.21 14.37 -19.78
C VAL G 220 -44.78 15.27 -20.88
N ILE G 221 -45.93 14.92 -21.43
CA ILE G 221 -46.50 15.70 -22.55
C ILE G 221 -46.77 17.13 -22.12
N ASN G 222 -47.46 17.30 -20.99
CA ASN G 222 -47.82 18.65 -20.51
C ASN G 222 -46.61 19.46 -20.06
N SER G 223 -45.73 18.86 -19.27
CA SER G 223 -44.52 19.56 -18.82
C SER G 223 -43.62 19.95 -20.00
N ALA G 224 -43.51 19.08 -21.00
CA ALA G 224 -42.74 19.39 -22.21
C ALA G 224 -43.28 20.61 -22.94
N LYS G 225 -44.61 20.75 -22.99
CA LYS G 225 -45.24 21.92 -23.62
C LYS G 225 -44.92 23.22 -22.88
N ILE G 226 -44.88 23.17 -21.55
CA ILE G 226 -44.59 24.34 -20.72
C ILE G 226 -43.19 24.87 -21.04
N SER G 227 -42.21 23.97 -21.07
CA SER G 227 -40.84 24.34 -21.41
C SER G 227 -40.73 24.85 -22.84
N ALA G 228 -41.36 24.14 -23.77
CA ALA G 228 -41.32 24.50 -25.19
C ALA G 228 -41.89 25.89 -25.47
N ASN G 229 -43.05 26.18 -24.87
CA ASN G 229 -43.67 27.50 -24.99
C ASN G 229 -42.70 28.60 -24.53
N PHE G 230 -42.04 28.38 -23.41
CA PHE G 230 -41.13 29.37 -22.83
C PHE G 230 -39.95 29.69 -23.75
N VAL G 231 -39.28 28.67 -24.29
CA VAL G 231 -38.13 28.92 -25.17
C VAL G 231 -38.53 29.61 -26.48
N LEU G 232 -39.73 29.35 -26.98
CA LEU G 232 -40.23 30.06 -28.16
C LEU G 232 -40.46 31.55 -27.84
N LYS G 233 -40.95 31.85 -26.63
CA LYS G 233 -41.09 33.25 -26.19
C LYS G 233 -39.73 33.94 -26.09
N MET G 234 -38.71 33.22 -25.63
CA MET G 234 -37.34 33.76 -25.61
C MET G 234 -36.81 34.12 -27.01
N CYS G 235 -37.15 33.30 -28.01
CA CYS G 235 -36.78 33.59 -29.39
C CYS G 235 -37.31 34.92 -29.90
N GLU G 236 -38.51 35.30 -29.48
CA GLU G 236 -39.10 36.59 -29.85
C GLU G 236 -38.25 37.78 -29.40
N LYS G 237 -37.65 37.67 -28.21
CA LYS G 237 -36.84 38.75 -27.64
C LYS G 237 -35.36 38.72 -28.04
N LEU G 238 -34.87 37.62 -28.62
CA LEU G 238 -33.48 37.55 -29.08
C LEU G 238 -33.26 38.37 -30.36
N GLY H 10 9.05 -14.77 -21.22
CA GLY H 10 8.99 -15.76 -20.10
C GLY H 10 7.81 -15.56 -19.17
N MET H 11 7.41 -16.65 -18.51
CA MET H 11 6.25 -16.65 -17.60
C MET H 11 6.63 -16.31 -16.16
N LYS H 12 5.62 -15.95 -15.36
CA LYS H 12 5.82 -15.71 -13.93
C LYS H 12 5.72 -17.06 -13.21
N ILE H 13 6.78 -17.44 -12.51
CA ILE H 13 6.88 -18.76 -11.88
C ILE H 13 6.91 -18.61 -10.37
N ALA H 14 6.01 -19.32 -9.69
CA ALA H 14 6.06 -19.44 -8.23
C ALA H 14 6.86 -20.68 -7.86
N ILE H 15 7.77 -20.53 -6.90
CA ILE H 15 8.46 -21.66 -6.30
C ILE H 15 8.13 -21.64 -4.80
N LEU H 16 7.48 -22.70 -4.33
CA LEU H 16 6.94 -22.75 -2.98
C LEU H 16 7.49 -23.96 -2.24
N GLY H 17 7.92 -23.73 -0.99
CA GLY H 17 8.20 -24.79 -0.03
C GLY H 17 7.42 -24.55 1.25
N ALA H 18 7.57 -25.45 2.21
CA ALA H 18 6.90 -25.32 3.51
C ALA H 18 7.79 -24.68 4.57
N MET H 19 9.07 -25.05 4.58
CA MET H 19 10.02 -24.59 5.60
C MET H 19 11.16 -23.81 4.97
N SER H 20 11.82 -23.00 5.79
CA SER H 20 12.97 -22.21 5.38
CA SER H 20 12.97 -22.21 5.38
C SER H 20 14.03 -23.06 4.69
N GLU H 21 14.27 -24.26 5.25
CA GLU H 21 15.26 -25.20 4.70
C GLU H 21 14.99 -25.59 3.25
N GLU H 22 13.73 -25.57 2.84
CA GLU H 22 13.34 -25.95 1.48
C GLU H 22 13.49 -24.83 0.45
N ILE H 23 13.57 -23.58 0.90
CA ILE H 23 13.62 -22.41 0.00
C ILE H 23 14.89 -21.58 0.11
N THR H 24 15.48 -21.48 1.30
CA THR H 24 16.71 -20.72 1.51
C THR H 24 17.85 -21.09 0.54
N PRO H 25 18.03 -22.39 0.21
CA PRO H 25 19.04 -22.74 -0.82
C PRO H 25 18.84 -22.04 -2.17
N LEU H 26 17.60 -21.84 -2.59
CA LEU H 26 17.30 -21.10 -3.82
C LEU H 26 17.66 -19.63 -3.69
N LEU H 27 17.32 -19.03 -2.55
CA LEU H 27 17.66 -17.62 -2.30
C LEU H 27 19.17 -17.38 -2.31
N GLU H 28 19.91 -18.32 -1.73
CA GLU H 28 21.38 -18.26 -1.73
C GLU H 28 21.98 -18.38 -3.14
N THR H 29 21.36 -19.21 -3.99
CA THR H 29 21.78 -19.35 -5.39
C THR H 29 21.44 -18.09 -6.21
N LEU H 30 20.23 -17.57 -6.02
CA LEU H 30 19.78 -16.38 -6.75
C LEU H 30 20.53 -15.11 -6.34
N LYS H 31 20.87 -15.00 -5.05
CA LYS H 31 21.68 -13.89 -4.49
C LYS H 31 20.96 -12.54 -4.44
N ASP H 32 20.53 -12.05 -5.60
CA ASP H 32 19.82 -10.77 -5.70
C ASP H 32 18.32 -10.98 -5.79
N TYR H 33 17.59 -10.43 -4.83
CA TYR H 33 16.14 -10.52 -4.80
C TYR H 33 15.55 -9.42 -3.92
N THR H 34 14.28 -9.11 -4.14
CA THR H 34 13.53 -8.16 -3.31
C THR H 34 12.52 -8.94 -2.45
N LYS H 35 12.13 -8.34 -1.32
CA LYS H 35 11.18 -8.93 -0.37
C LYS H 35 9.90 -8.11 -0.31
N ILE H 36 8.76 -8.79 -0.12
CA ILE H 36 7.51 -8.12 0.28
C ILE H 36 6.91 -8.88 1.46
N GLU H 37 6.54 -8.15 2.49
CA GLU H 37 5.84 -8.71 3.64
C GLU H 37 4.36 -8.73 3.29
N HIS H 38 3.76 -9.92 3.36
CA HIS H 38 2.34 -10.08 3.05
C HIS H 38 1.85 -11.40 3.63
N ALA H 39 0.60 -11.43 4.08
CA ALA H 39 -0.03 -12.66 4.59
C ALA H 39 0.77 -13.29 5.74
N ASN H 40 1.26 -12.44 6.63
CA ASN H 40 2.07 -12.84 7.78
C ASN H 40 3.26 -13.74 7.37
N ASN H 41 3.94 -13.31 6.31
CA ASN H 41 5.02 -14.08 5.70
C ASN H 41 5.84 -13.13 4.82
N THR H 42 6.94 -13.64 4.27
CA THR H 42 7.75 -12.90 3.32
C THR H 42 7.73 -13.59 1.98
N TYR H 43 7.48 -12.82 0.92
CA TYR H 43 7.51 -13.31 -0.45
C TYR H 43 8.70 -12.66 -1.15
N TYR H 44 9.49 -13.48 -1.86
CA TYR H 44 10.75 -13.06 -2.46
C TYR H 44 10.60 -13.00 -3.97
N PHE H 45 11.20 -11.97 -4.58
CA PHE H 45 11.07 -11.76 -6.02
C PHE H 45 12.44 -11.65 -6.66
N ALA H 46 12.64 -12.41 -7.73
CA ALA H 46 13.94 -12.47 -8.42
C ALA H 46 13.72 -12.72 -9.90
N LYS H 47 14.65 -12.23 -10.72
CA LYS H 47 14.67 -12.56 -12.14
C LYS H 47 15.68 -13.68 -12.37
N TYR H 48 15.31 -14.65 -13.20
CA TYR H 48 16.16 -15.82 -13.46
C TYR H 48 15.88 -16.36 -14.86
N LYS H 49 16.85 -16.21 -15.76
CA LYS H 49 16.78 -16.72 -17.15
C LYS H 49 15.54 -16.24 -17.92
N ASP H 50 15.26 -14.94 -17.89
CA ASP H 50 14.05 -14.36 -18.55
C ASP H 50 12.71 -14.62 -17.84
N HIS H 51 12.72 -15.26 -16.68
CA HIS H 51 11.52 -15.51 -15.87
C HIS H 51 11.53 -14.65 -14.62
N GLU H 52 10.37 -14.11 -14.28
CA GLU H 52 10.16 -13.48 -13.00
C GLU H 52 9.74 -14.58 -12.03
N LEU H 53 10.50 -14.74 -10.94
CA LEU H 53 10.19 -15.72 -9.91
C LEU H 53 9.55 -15.06 -8.70
N VAL H 54 8.61 -15.75 -8.09
CA VAL H 54 8.15 -15.42 -6.73
C VAL H 54 8.39 -16.66 -5.88
N LEU H 55 9.08 -16.48 -4.75
CA LEU H 55 9.43 -17.59 -3.87
C LEU H 55 8.93 -17.33 -2.46
N ALA H 56 8.61 -18.41 -1.74
CA ALA H 56 8.27 -18.32 -0.33
C ALA H 56 8.31 -19.71 0.29
N TYR H 57 8.48 -19.75 1.61
CA TYR H 57 8.10 -20.93 2.37
C TYR H 57 6.81 -20.59 3.12
N SER H 58 5.86 -21.51 3.09
CA SER H 58 4.51 -21.22 3.56
C SER H 58 4.32 -21.30 5.08
N LYS H 59 5.23 -21.99 5.74
CA LYS H 59 5.05 -22.59 7.06
C LYS H 59 4.28 -23.90 6.91
N ILE H 60 4.33 -24.73 7.94
CA ILE H 60 3.96 -26.12 7.82
C ILE H 60 2.44 -26.32 7.71
N GLY H 61 2.05 -27.23 6.84
CA GLY H 61 0.69 -27.78 6.85
C GLY H 61 -0.23 -27.28 5.76
N LYS H 62 -1.44 -27.84 5.76
CA LYS H 62 -2.38 -27.64 4.65
C LYS H 62 -2.90 -26.21 4.54
N VAL H 63 -3.28 -25.63 5.67
CA VAL H 63 -3.84 -24.27 5.67
C VAL H 63 -2.77 -23.27 5.23
N ASN H 64 -1.59 -23.33 5.85
CA ASN H 64 -0.50 -22.41 5.50
C ASN H 64 -0.11 -22.50 4.02
N SER H 65 0.02 -23.71 3.51
CA SER H 65 0.40 -23.92 2.11
C SER H 65 -0.69 -23.49 1.14
N THR H 66 -1.96 -23.73 1.50
CA THR H 66 -3.09 -23.25 0.70
C THR H 66 -3.06 -21.73 0.57
N LEU H 67 -2.86 -21.06 1.70
CA LEU H 67 -2.81 -19.60 1.70
C LEU H 67 -1.69 -19.08 0.81
N SER H 68 -0.49 -19.64 0.95
CA SER H 68 0.66 -19.18 0.16
C SER H 68 0.47 -19.40 -1.34
N ALA H 69 -0.01 -20.58 -1.73
CA ALA H 69 -0.32 -20.83 -3.14
C ALA H 69 -1.35 -19.84 -3.69
N SER H 70 -2.40 -19.59 -2.89
CA SER H 70 -3.45 -18.64 -3.28
CA SER H 70 -3.46 -18.64 -3.26
C SER H 70 -2.91 -17.23 -3.44
N VAL H 71 -2.07 -16.81 -2.49
CA VAL H 71 -1.43 -15.48 -2.53
C VAL H 71 -0.52 -15.36 -3.76
N MET H 72 0.30 -16.36 -4.01
CA MET H 72 1.23 -16.32 -5.14
C MET H 72 0.53 -16.17 -6.49
N ILE H 73 -0.64 -16.80 -6.61
CA ILE H 73 -1.42 -16.73 -7.84
C ILE H 73 -2.33 -15.50 -7.87
N GLU H 74 -3.17 -15.34 -6.85
CA GLU H 74 -4.20 -14.28 -6.85
C GLU H 74 -3.62 -12.87 -6.68
N LYS H 75 -2.62 -12.72 -5.81
CA LYS H 75 -2.00 -11.41 -5.56
C LYS H 75 -0.80 -11.17 -6.46
N PHE H 76 0.10 -12.14 -6.57
CA PHE H 76 1.37 -11.93 -7.28
C PHE H 76 1.40 -12.46 -8.72
N GLY H 77 0.27 -12.99 -9.19
CA GLY H 77 0.10 -13.32 -10.61
C GLY H 77 0.92 -14.48 -11.16
N ALA H 78 1.30 -15.42 -10.31
CA ALA H 78 2.04 -16.60 -10.77
C ALA H 78 1.24 -17.38 -11.80
N GLN H 79 1.90 -17.79 -12.88
CA GLN H 79 1.28 -18.50 -14.00
C GLN H 79 1.59 -20.00 -14.00
N VAL H 80 2.64 -20.38 -13.27
CA VAL H 80 3.03 -21.78 -13.04
C VAL H 80 3.52 -21.84 -11.61
N LEU H 81 3.33 -22.98 -10.96
CA LEU H 81 3.81 -23.16 -9.57
C LEU H 81 4.55 -24.48 -9.44
N LEU H 82 5.78 -24.39 -8.94
CA LEU H 82 6.61 -25.55 -8.66
C LEU H 82 6.77 -25.65 -7.16
N PHE H 83 6.33 -26.77 -6.57
CA PHE H 83 6.54 -27.01 -5.15
C PHE H 83 7.80 -27.86 -4.96
N THR H 84 8.62 -27.46 -4.00
CA THR H 84 9.86 -28.16 -3.68
C THR H 84 9.96 -28.39 -2.18
N GLY H 85 10.37 -29.59 -1.79
CA GLY H 85 10.59 -29.87 -0.38
C GLY H 85 10.90 -31.32 -0.14
N VAL H 86 10.70 -31.74 1.10
CA VAL H 86 10.99 -33.10 1.53
C VAL H 86 9.72 -33.89 1.82
N ALA H 87 9.85 -35.19 2.03
CA ALA H 87 8.70 -36.05 2.32
C ALA H 87 9.12 -37.31 3.06
N GLY H 88 8.12 -37.99 3.63
CA GLY H 88 8.30 -39.28 4.29
C GLY H 88 8.01 -40.40 3.30
N ALA H 89 8.96 -41.30 3.11
CA ALA H 89 8.84 -42.38 2.13
C ALA H 89 7.96 -43.52 2.65
N PHE H 90 7.01 -43.95 1.81
CA PHE H 90 6.16 -45.12 2.04
C PHE H 90 6.60 -46.32 1.19
N ASN H 91 6.84 -46.06 -0.10
CA ASN H 91 7.27 -47.10 -1.04
C ASN H 91 8.66 -47.61 -0.60
N PRO H 92 8.79 -48.92 -0.29
CA PRO H 92 10.08 -49.42 0.20
C PRO H 92 11.25 -49.32 -0.79
N GLU H 93 10.99 -49.11 -2.08
CA GLU H 93 12.05 -48.83 -3.06
C GLU H 93 12.67 -47.43 -2.94
N LEU H 94 11.99 -46.50 -2.26
CA LEU H 94 12.54 -45.17 -2.03
C LEU H 94 13.55 -45.19 -0.88
N GLU H 95 14.68 -44.52 -1.08
CA GLU H 95 15.65 -44.29 -0.04
C GLU H 95 15.70 -42.82 0.29
N ILE H 96 16.27 -42.51 1.46
CA ILE H 96 16.46 -41.12 1.87
C ILE H 96 17.30 -40.41 0.81
N GLY H 97 16.85 -39.23 0.39
CA GLY H 97 17.47 -38.46 -0.69
C GLY H 97 16.84 -38.63 -2.06
N ASP H 98 16.05 -39.68 -2.26
CA ASP H 98 15.45 -39.94 -3.58
C ASP H 98 14.36 -38.93 -3.93
N LEU H 99 14.31 -38.55 -5.20
CA LEU H 99 13.32 -37.61 -5.70
C LEU H 99 12.07 -38.32 -6.21
N LEU H 100 10.91 -37.81 -5.80
CA LEU H 100 9.62 -38.29 -6.25
C LEU H 100 8.79 -37.09 -6.68
N TYR H 101 8.22 -37.12 -7.89
CA TYR H 101 7.18 -36.15 -8.25
C TYR H 101 5.82 -36.82 -8.17
N ALA H 102 4.82 -36.05 -7.75
CA ALA H 102 3.47 -36.55 -7.59
C ALA H 102 2.71 -36.47 -8.91
N THR H 103 2.14 -37.59 -9.35
CA THR H 103 1.20 -37.56 -10.47
C THR H 103 -0.19 -37.15 -9.98
N LYS H 104 -0.54 -37.61 -8.78
CA LYS H 104 -1.75 -37.17 -8.11
C LYS H 104 -1.60 -37.27 -6.60
N LEU H 105 -2.46 -36.55 -5.89
CA LEU H 105 -2.37 -36.42 -4.44
C LEU H 105 -3.75 -36.44 -3.81
N ALA H 106 -3.82 -36.94 -2.58
CA ALA H 106 -5.06 -36.95 -1.79
C ALA H 106 -4.80 -36.44 -0.38
N GLN H 107 -5.86 -35.96 0.27
CA GLN H 107 -5.83 -35.62 1.69
C GLN H 107 -6.31 -36.80 2.51
N TYR H 108 -5.39 -37.50 3.18
CA TYR H 108 -5.77 -38.72 3.95
C TYR H 108 -6.56 -38.41 5.23
N ASP H 109 -6.53 -37.17 5.70
CA ASP H 109 -7.19 -36.77 6.95
C ASP H 109 -8.44 -35.91 6.73
N LEU H 110 -8.93 -35.87 5.50
CA LEU H 110 -10.19 -35.20 5.18
C LEU H 110 -11.26 -36.29 5.27
N ASP H 111 -12.10 -36.21 6.29
CA ASP H 111 -12.85 -37.37 6.76
C ASP H 111 -14.30 -37.01 7.11
N ILE H 112 -15.20 -37.30 6.18
CA ILE H 112 -16.64 -37.29 6.40
C ILE H 112 -17.19 -38.70 6.17
N THR H 113 -16.39 -39.70 6.54
CA THR H 113 -16.77 -41.11 6.35
C THR H 113 -18.01 -41.52 7.15
N ALA H 114 -18.34 -40.76 8.20
CA ALA H 114 -19.60 -40.93 8.94
C ALA H 114 -20.83 -40.90 8.03
N PHE H 115 -20.74 -40.15 6.92
CA PHE H 115 -21.83 -40.06 5.95
C PHE H 115 -21.74 -41.06 4.79
N GLY H 116 -20.88 -42.07 4.92
CA GLY H 116 -20.76 -43.15 3.95
C GLY H 116 -19.93 -42.84 2.73
N HIS H 117 -19.14 -41.76 2.77
CA HIS H 117 -18.27 -41.42 1.61
C HIS H 117 -16.86 -41.99 1.90
N PRO H 118 -16.05 -42.18 0.85
CA PRO H 118 -14.68 -42.62 1.10
C PRO H 118 -13.82 -41.58 1.79
N LEU H 119 -12.79 -42.04 2.48
CA LEU H 119 -11.81 -41.14 3.10
C LEU H 119 -11.15 -40.26 2.03
N GLY H 120 -11.03 -38.97 2.31
CA GLY H 120 -10.45 -38.00 1.40
C GLY H 120 -11.43 -37.26 0.51
N PHE H 121 -12.70 -37.65 0.55
CA PHE H 121 -13.72 -37.08 -0.32
C PHE H 121 -14.58 -36.06 0.42
N VAL H 122 -14.84 -34.92 -0.24
CA VAL H 122 -15.99 -34.07 0.11
C VAL H 122 -16.75 -33.72 -1.16
N PRO H 123 -18.08 -33.46 -1.05
CA PRO H 123 -18.87 -33.15 -2.25
C PRO H 123 -18.34 -31.96 -3.02
N GLY H 124 -18.35 -32.06 -4.35
CA GLY H 124 -17.82 -31.03 -5.23
C GLY H 124 -16.36 -31.20 -5.61
N ASN H 125 -15.64 -32.05 -4.88
CA ASN H 125 -14.23 -32.34 -5.15
C ASN H 125 -14.05 -33.82 -5.43
N GLU H 126 -12.85 -34.20 -5.84
CA GLU H 126 -12.48 -35.60 -6.05
C GLU H 126 -11.51 -36.01 -4.96
N ILE H 127 -11.29 -37.32 -4.83
CA ILE H 127 -10.36 -37.84 -3.83
C ILE H 127 -8.92 -37.44 -4.21
N PHE H 128 -8.58 -37.62 -5.49
CA PHE H 128 -7.24 -37.29 -5.97
C PHE H 128 -7.26 -36.05 -6.85
N ILE H 129 -6.27 -35.18 -6.63
CA ILE H 129 -6.03 -34.04 -7.52
C ILE H 129 -4.78 -34.34 -8.33
N LYS H 130 -4.82 -34.05 -9.63
CA LYS H 130 -3.71 -34.31 -10.54
C LYS H 130 -2.82 -33.08 -10.68
N THR H 131 -1.54 -33.35 -10.94
CA THR H 131 -0.57 -32.32 -11.29
C THR H 131 -0.52 -32.20 -12.83
N ASP H 132 0.24 -31.22 -13.32
CA ASP H 132 0.26 -30.89 -14.74
C ASP H 132 1.14 -31.85 -15.56
N GLU H 133 0.54 -32.46 -16.58
CA GLU H 133 1.25 -33.43 -17.43
C GLU H 133 2.48 -32.85 -18.13
N LYS H 134 2.35 -31.63 -18.68
CA LYS H 134 3.46 -31.00 -19.39
C LYS H 134 4.66 -30.71 -18.46
N LEU H 135 4.39 -30.21 -17.27
CA LEU H 135 5.46 -30.00 -16.27
C LEU H 135 6.10 -31.31 -15.85
N ASN H 136 5.30 -32.35 -15.65
CA ASN H 136 5.82 -33.67 -15.30
C ASN H 136 6.74 -34.21 -16.40
N ASN H 137 6.34 -34.04 -17.66
CA ASN H 137 7.18 -34.45 -18.80
C ASN H 137 8.46 -33.64 -18.90
N LEU H 138 8.38 -32.34 -18.62
CA LEU H 138 9.56 -31.48 -18.54
C LEU H 138 10.53 -31.98 -17.46
N ALA H 139 9.99 -32.35 -16.30
CA ALA H 139 10.82 -32.91 -15.22
C ALA H 139 11.56 -34.18 -15.66
N LEU H 140 10.85 -35.06 -16.38
CA LEU H 140 11.48 -36.28 -16.92
C LEU H 140 12.62 -35.96 -17.88
N GLU H 141 12.44 -34.93 -18.71
CA GLU H 141 13.49 -34.46 -19.63
C GLU H 141 14.70 -33.92 -18.87
N VAL H 142 14.45 -33.10 -17.84
CA VAL H 142 15.52 -32.55 -16.99
C VAL H 142 16.28 -33.67 -16.28
N ALA H 143 15.53 -34.63 -15.71
CA ALA H 143 16.13 -35.78 -15.03
C ALA H 143 17.06 -36.59 -15.93
N LYS H 144 16.62 -36.83 -17.17
CA LYS H 144 17.43 -37.55 -18.15
C LYS H 144 18.68 -36.75 -18.54
N GLU H 145 18.50 -35.46 -18.84
CA GLU H 145 19.60 -34.58 -19.24
C GLU H 145 20.70 -34.48 -18.17
N LEU H 146 20.30 -34.38 -16.90
CA LEU H 146 21.24 -34.22 -15.79
C LEU H 146 21.59 -35.53 -15.08
N ASN H 147 21.15 -36.67 -15.61
CA ASN H 147 21.40 -37.99 -15.03
C ASN H 147 20.98 -38.08 -13.55
N ILE H 148 19.76 -37.61 -13.28
CA ILE H 148 19.20 -37.63 -11.93
C ILE H 148 18.09 -38.68 -11.94
N LYS H 149 18.08 -39.53 -10.93
CA LYS H 149 17.03 -40.53 -10.77
C LYS H 149 15.75 -39.82 -10.32
N LEU H 150 14.65 -40.07 -11.02
CA LEU H 150 13.37 -39.45 -10.71
C LEU H 150 12.26 -40.46 -10.80
N ARG H 151 11.46 -40.58 -9.75
CA ARG H 151 10.35 -41.53 -9.68
C ARG H 151 9.02 -40.77 -9.69
N ALA H 152 8.02 -41.35 -10.34
CA ALA H 152 6.66 -40.83 -10.32
C ALA H 152 5.86 -41.60 -9.29
N GLY H 153 4.96 -40.93 -8.59
CA GLY H 153 4.15 -41.60 -7.59
C GLY H 153 2.96 -40.81 -7.09
N ILE H 154 2.27 -41.42 -6.13
CA ILE H 154 1.11 -40.83 -5.48
C ILE H 154 1.56 -40.32 -4.12
N ILE H 155 1.15 -39.10 -3.77
CA ILE H 155 1.47 -38.52 -2.47
C ILE H 155 0.20 -38.37 -1.65
N ALA H 156 0.26 -38.82 -0.39
CA ALA H 156 -0.81 -38.63 0.57
C ALA H 156 -0.44 -37.46 1.48
N THR H 157 -1.34 -36.47 1.56
CA THR H 157 -1.11 -35.25 2.33
C THR H 157 -2.05 -35.19 3.52
N GLY H 158 -1.53 -34.76 4.66
CA GLY H 158 -2.39 -34.50 5.83
C GLY H 158 -1.61 -33.67 6.83
N ASP H 159 -2.28 -33.26 7.89
CA ASP H 159 -1.69 -32.32 8.85
C ASP H 159 -1.03 -32.98 10.07
N GLU H 160 -0.55 -34.22 9.87
CA GLU H 160 0.18 -34.95 10.90
C GLU H 160 1.58 -35.31 10.38
N PHE H 161 2.60 -35.18 11.22
CA PHE H 161 3.91 -35.76 10.94
C PHE H 161 3.80 -37.26 11.24
N ILE H 162 3.96 -38.09 10.21
CA ILE H 162 3.75 -39.54 10.34
C ILE H 162 5.05 -40.19 10.81
N CYS H 163 4.98 -40.89 11.94
CA CYS H 163 6.17 -41.54 12.50
C CYS H 163 5.73 -42.79 13.26
N ASP H 164 4.98 -43.61 12.54
CA ASP H 164 4.20 -44.70 13.10
C ASP H 164 3.97 -45.69 11.97
N GLU H 165 4.48 -46.92 12.13
CA GLU H 165 4.41 -47.93 11.07
C GLU H 165 2.97 -48.33 10.73
N ALA H 166 2.10 -48.34 11.72
CA ALA H 166 0.69 -48.70 11.52
C ALA H 166 -0.03 -47.65 10.67
N LYS H 167 0.17 -46.38 11.03
CA LYS H 167 -0.42 -45.26 10.25
C LYS H 167 0.12 -45.22 8.83
N LYS H 168 1.43 -45.34 8.69
CA LYS H 168 2.09 -45.44 7.39
C LYS H 168 1.44 -46.54 6.52
N ALA H 169 1.32 -47.73 7.09
CA ALA H 169 0.74 -48.88 6.37
C ALA H 169 -0.70 -48.63 5.94
N LYS H 170 -1.49 -48.03 6.83
CA LYS H 170 -2.90 -47.72 6.58
C LYS H 170 -3.06 -46.71 5.43
N ILE H 171 -2.32 -45.61 5.50
CA ILE H 171 -2.41 -44.57 4.47
C ILE H 171 -1.90 -45.11 3.13
N ARG H 172 -0.80 -45.84 3.18
CA ARG H 172 -0.25 -46.49 1.99
C ARG H 172 -1.31 -47.39 1.33
N GLU H 173 -1.98 -48.23 2.13
CA GLU H 173 -2.99 -49.16 1.62
C GLU H 173 -4.20 -48.46 1.01
N ILE H 174 -4.76 -47.48 1.73
CA ILE H 174 -5.99 -46.82 1.29
C ILE H 174 -5.78 -46.01 0.01
N PHE H 175 -4.65 -45.30 -0.09
CA PHE H 175 -4.41 -44.38 -1.20
C PHE H 175 -3.37 -44.84 -2.23
N ASN H 176 -2.77 -46.03 -2.02
CA ASN H 176 -1.65 -46.51 -2.85
C ASN H 176 -0.55 -45.45 -2.91
N ALA H 177 -0.26 -44.84 -1.77
CA ALA H 177 0.64 -43.68 -1.71
C ALA H 177 2.09 -44.12 -1.59
N ASP H 178 2.95 -43.42 -2.32
CA ASP H 178 4.40 -43.67 -2.30
C ASP H 178 5.14 -42.85 -1.24
N ALA H 179 4.52 -41.77 -0.78
CA ALA H 179 5.09 -40.91 0.23
C ALA H 179 4.02 -40.06 0.89
N CYS H 180 4.35 -39.48 2.03
CA CYS H 180 3.48 -38.55 2.73
C CYS H 180 4.16 -37.21 2.99
N GLU H 181 3.33 -36.20 3.15
CA GLU H 181 3.79 -34.86 3.50
C GLU H 181 2.58 -34.05 3.95
N MET H 182 2.74 -32.74 4.15
CA MET H 182 1.69 -31.96 4.82
C MET H 182 1.20 -30.76 4.01
N GLU H 183 1.57 -30.69 2.73
CA GLU H 183 1.27 -29.52 1.88
C GLU H 183 0.90 -29.79 0.42
N GLY H 184 1.18 -30.97 -0.11
CA GLY H 184 1.14 -31.18 -1.56
C GLY H 184 -0.25 -31.13 -2.13
N ALA H 185 -1.16 -31.91 -1.55
CA ALA H 185 -2.52 -32.00 -2.06
C ALA H 185 -3.22 -30.66 -2.01
N SER H 186 -2.99 -29.91 -0.95
CA SER H 186 -3.58 -28.59 -0.77
C SER H 186 -3.07 -27.60 -1.82
N VAL H 187 -1.76 -27.58 -2.05
CA VAL H 187 -1.16 -26.70 -3.07
C VAL H 187 -1.68 -27.08 -4.47
N ALA H 188 -1.68 -28.39 -4.76
CA ALA H 188 -2.17 -28.89 -6.06
C ALA H 188 -3.64 -28.54 -6.29
N LEU H 189 -4.45 -28.62 -5.24
CA LEU H 189 -5.86 -28.25 -5.30
C LEU H 189 -6.03 -26.77 -5.67
N VAL H 190 -5.29 -25.90 -4.98
CA VAL H 190 -5.34 -24.46 -5.26
C VAL H 190 -4.99 -24.18 -6.72
N CYS H 191 -3.89 -24.77 -7.17
CA CYS H 191 -3.43 -24.54 -8.55
C CYS H 191 -4.45 -25.02 -9.57
N ASP H 192 -4.99 -26.21 -9.37
CA ASP H 192 -6.04 -26.73 -10.25
C ASP H 192 -7.26 -25.80 -10.28
N ALA H 193 -7.70 -25.35 -9.10
CA ALA H 193 -8.85 -24.47 -8.98
C ALA H 193 -8.65 -23.15 -9.72
N LEU H 194 -7.43 -22.62 -9.67
CA LEU H 194 -7.09 -21.35 -10.30
C LEU H 194 -6.47 -21.49 -11.71
N LYS H 195 -6.52 -22.69 -12.28
CA LYS H 195 -6.06 -22.99 -13.64
C LYS H 195 -4.57 -22.65 -13.87
N VAL H 196 -3.75 -22.99 -12.87
CA VAL H 196 -2.32 -22.79 -12.90
C VAL H 196 -1.66 -24.17 -12.92
N PRO H 197 -0.81 -24.45 -13.93
CA PRO H 197 -0.05 -25.70 -13.94
C PRO H 197 0.81 -25.86 -12.69
N CYS H 198 0.74 -27.03 -12.07
CA CYS H 198 1.40 -27.32 -10.81
C CYS H 198 2.30 -28.54 -10.93
N PHE H 199 3.49 -28.44 -10.35
CA PHE H 199 4.44 -29.54 -10.22
C PHE H 199 4.78 -29.70 -8.75
N ILE H 200 4.68 -30.92 -8.23
CA ILE H 200 4.99 -31.19 -6.82
C ILE H 200 6.16 -32.16 -6.75
N LEU H 201 7.33 -31.67 -6.31
CA LEU H 201 8.53 -32.49 -6.16
C LEU H 201 8.92 -32.63 -4.70
N ARG H 202 9.27 -33.83 -4.30
CA ARG H 202 9.71 -34.11 -2.93
C ARG H 202 10.95 -35.00 -2.93
N ALA H 203 11.93 -34.65 -2.09
CA ALA H 203 13.08 -35.52 -1.80
C ALA H 203 12.85 -36.17 -0.46
N MET H 204 13.06 -37.48 -0.37
CA MET H 204 12.78 -38.19 0.89
C MET H 204 13.75 -37.78 2.00
N SER H 205 13.20 -37.40 3.16
CA SER H 205 13.98 -37.08 4.36
C SER H 205 13.94 -38.17 5.43
N ASP H 206 13.01 -39.12 5.31
CA ASP H 206 12.80 -40.13 6.32
C ASP H 206 11.83 -41.18 5.76
N LYS H 207 11.58 -42.24 6.52
CA LYS H 207 10.70 -43.33 6.11
C LYS H 207 9.40 -43.41 6.90
N ALA H 208 9.06 -42.34 7.63
CA ALA H 208 7.74 -42.17 8.25
C ALA H 208 7.32 -43.25 9.27
N GLY H 209 8.30 -43.90 9.87
CA GLY H 209 8.06 -44.91 10.91
C GLY H 209 8.66 -44.49 12.23
N GLU H 210 9.06 -45.47 13.03
CA GLU H 210 9.71 -45.18 14.31
C GLU H 210 11.04 -44.48 13.99
N LYS H 211 11.34 -43.44 14.73
CA LYS H 211 12.54 -42.63 14.49
C LYS H 211 12.52 -41.77 13.23
N ALA H 212 11.36 -41.60 12.59
CA ALA H 212 11.22 -40.66 11.46
C ALA H 212 11.60 -39.23 11.86
N GLU H 213 11.25 -38.82 13.08
CA GLU H 213 11.63 -37.48 13.56
C GLU H 213 13.15 -37.28 13.58
N PHE H 214 13.90 -38.33 13.91
CA PHE H 214 15.36 -38.25 13.97
C PHE H 214 15.98 -38.24 12.58
N ASP H 215 15.47 -39.09 11.68
CA ASP H 215 15.91 -39.07 10.28
C ASP H 215 15.58 -37.73 9.63
N PHE H 216 14.37 -37.22 9.87
CA PHE H 216 14.00 -35.91 9.34
C PHE H 216 14.99 -34.83 9.79
N ASP H 217 15.31 -34.81 11.08
CA ASP H 217 16.27 -33.83 11.61
C ASP H 217 17.65 -33.96 10.94
N GLU H 218 18.10 -35.20 10.76
CA GLU H 218 19.42 -35.45 10.18
C GLU H 218 19.50 -35.10 8.69
N PHE H 219 18.43 -35.36 7.94
CA PHE H 219 18.49 -35.31 6.47
C PHE H 219 17.72 -34.18 5.79
N VAL H 220 16.92 -33.43 6.53
CA VAL H 220 16.09 -32.38 5.93
C VAL H 220 16.89 -31.36 5.11
N ILE H 221 18.01 -30.88 5.65
CA ILE H 221 18.79 -29.85 4.96
C ILE H 221 19.30 -30.36 3.61
N ASN H 222 19.91 -31.54 3.60
CA ASN H 222 20.48 -32.11 2.37
C ASN H 222 19.41 -32.50 1.35
N SER H 223 18.36 -33.19 1.81
CA SER H 223 17.28 -33.59 0.91
C SER H 223 16.56 -32.37 0.32
N ALA H 224 16.38 -31.33 1.13
CA ALA H 224 15.77 -30.08 0.65
C ALA H 224 16.57 -29.42 -0.47
N LYS H 225 17.91 -29.48 -0.37
CA LYS H 225 18.77 -28.94 -1.42
C LYS H 225 18.65 -29.71 -2.74
N ILE H 226 18.50 -31.03 -2.65
CA ILE H 226 18.36 -31.87 -3.84
C ILE H 226 17.10 -31.48 -4.63
N SER H 227 15.98 -31.34 -3.91
CA SER H 227 14.73 -30.93 -4.53
C SER H 227 14.80 -29.51 -5.08
N ALA H 228 15.37 -28.60 -4.29
CA ALA H 228 15.51 -27.18 -4.68
C ALA H 228 16.33 -27.00 -5.95
N ASN H 229 17.47 -27.69 -6.03
CA ASN H 229 18.31 -27.65 -7.23
C ASN H 229 17.52 -28.08 -8.47
N PHE H 230 16.74 -29.15 -8.34
CA PHE H 230 15.99 -29.69 -9.46
C PHE H 230 14.95 -28.71 -10.00
N VAL H 231 14.16 -28.09 -9.13
CA VAL H 231 13.14 -27.14 -9.59
C VAL H 231 13.75 -25.89 -10.24
N LEU H 232 14.91 -25.45 -9.78
CA LEU H 232 15.61 -24.34 -10.43
C LEU H 232 16.08 -24.73 -11.84
N LYS H 233 16.51 -25.98 -12.02
CA LYS H 233 16.87 -26.49 -13.36
C LYS H 233 15.65 -26.52 -14.29
N MET H 234 14.49 -26.86 -13.74
CA MET H 234 13.24 -26.81 -14.52
C MET H 234 12.89 -25.41 -15.00
N CYS H 235 13.16 -24.40 -14.16
CA CYS H 235 12.94 -23.00 -14.54
C CYS H 235 13.73 -22.59 -15.79
N GLU H 236 14.95 -23.11 -15.92
CA GLU H 236 15.79 -22.83 -17.10
C GLU H 236 15.13 -23.28 -18.40
N LYS H 237 14.43 -24.41 -18.37
CA LYS H 237 13.77 -24.97 -19.56
C LYS H 237 12.34 -24.47 -19.82
N LEU H 238 11.72 -23.80 -18.84
CA LEU H 238 10.38 -23.23 -19.02
C LEU H 238 10.41 -21.99 -19.90
C1 EDO I . 3.36 14.21 -7.36
O1 EDO I . 2.43 15.01 -8.09
C2 EDO I . 3.73 15.07 -6.17
O2 EDO I . 5.06 14.87 -5.80
O3A HT6 J . 19.17 21.28 -1.27
C3A HT6 J . 19.16 20.37 -0.16
C4A HT6 J . 20.55 20.16 0.40
C5A HT6 J . 20.54 19.69 1.86
S5A HT6 J . 20.16 20.99 3.00
C20 HT6 J . 21.70 21.83 3.11
C21 HT6 J . 21.72 22.90 4.18
C22 HT6 J . 23.16 23.30 4.47
C23 HT6 J . 23.25 24.42 5.50
C24 HT6 J . 24.68 24.61 5.98
C25 HT6 J . 24.79 25.72 7.00
C2A HT6 J . 18.76 19.00 -0.61
N1A HT6 J . 20.00 18.51 -1.24
C1A HT6 J . 21.15 19.10 -0.52
C10 HT6 J . 20.02 17.07 -1.43
C9 HT6 J . 20.31 16.19 -0.23
C4 HT6 J . 19.42 15.79 0.86
N3 HT6 J . 18.14 16.13 1.16
C2 HT6 J . 17.56 15.62 2.23
N1 HT6 J . 18.20 14.79 3.10
C6 HT6 J . 19.46 14.38 2.89
N6 HT6 J . 20.06 13.53 3.75
C5 HT6 J . 20.18 14.89 1.71
N7 HT6 J . 21.39 14.76 1.17
C8 HT6 J . 21.49 15.50 0.02
C1 EDO K . 9.79 32.70 4.10
O1 EDO K . 10.50 32.60 2.87
C2 EDO K . 8.41 32.08 3.96
O2 EDO K . 8.52 30.66 4.04
C1 EDO L . -0.17 20.27 -10.26
O1 EDO L . -0.12 21.63 -9.78
C2 EDO L . -0.52 20.33 -11.73
O2 EDO L . -1.66 21.18 -11.88
O3A HT6 M . -5.91 23.30 0.97
C3A HT6 M . -5.78 22.69 2.26
C4A HT6 M . -7.13 22.20 2.76
C5A HT6 M . -6.96 21.10 3.81
S5A HT6 M . -6.67 19.51 3.11
C20 HT6 M . -8.27 18.92 2.66
C21 HT6 M . -8.22 17.55 1.99
C22 HT6 M . -9.64 17.01 1.87
C23 HT6 M . -9.65 15.66 1.16
C24 HT6 M . -10.25 15.72 -0.24
C25 HT6 M . -11.71 15.32 -0.24
C2A HT6 M . -5.37 23.69 3.30
N1A HT6 M . -6.63 24.41 3.52
C1A HT6 M . -7.76 23.47 3.34
C10 HT6 M . -6.64 25.18 4.76
C9 HT6 M . -6.84 24.45 6.07
C4 HT6 M . -5.89 23.65 6.85
N3 HT6 M . -4.60 23.30 6.61
C2 HT6 M . -3.95 22.56 7.51
N1 HT6 M . -4.52 22.11 8.66
C6 HT6 M . -5.82 22.41 8.98
N6 HT6 M . -6.38 21.95 10.12
C5 HT6 M . -6.61 23.22 8.05
N7 HT6 M . -7.86 23.72 7.98
C8 HT6 M . -8.01 24.44 6.83
O3A HT6 N . -9.73 7.15 -21.25
C3A HT6 N . -10.07 6.29 -20.16
C4A HT6 N . -8.81 5.92 -19.39
C5A HT6 N . -9.05 5.44 -17.96
S5A HT6 N . -9.36 6.77 -16.84
C20 HT6 N . -7.72 7.34 -16.51
C21 HT6 N . -7.68 8.47 -15.51
C22 HT6 N . -6.23 8.76 -15.14
C23 HT6 N . -6.08 9.86 -14.10
C24 HT6 N . -4.60 10.02 -13.75
C25 HT6 N . -4.28 11.36 -13.08
C2A HT6 N . -10.56 4.97 -20.68
N1A HT6 N . -9.31 4.34 -21.13
C1A HT6 N . -8.22 4.78 -20.23
C10 HT6 N . -9.43 2.89 -21.29
C9 HT6 N . -9.39 1.99 -20.08
C4 HT6 N . -10.42 1.73 -19.09
N3 HT6 N . -11.67 2.24 -18.95
C2 HT6 N . -12.44 1.84 -17.94
N1 HT6 N . -12.01 0.94 -17.02
C6 HT6 N . -10.78 0.36 -17.07
N6 HT6 N . -10.40 -0.55 -16.15
C5 HT6 N . -9.88 0.75 -18.16
N7 HT6 N . -8.64 0.45 -18.57
C8 HT6 N . -8.33 1.15 -19.70
C1 EDO O . 5.51 -18.68 16.72
O1 EDO O . 4.25 -18.84 17.39
C2 EDO O . 6.17 -20.04 16.80
O2 EDO O . 7.52 -20.16 16.35
O3A HT6 P . -18.92 -28.26 6.60
C3A HT6 P . -18.89 -29.31 7.57
C4A HT6 P . -20.25 -29.97 7.70
C5A HT6 P . -20.15 -31.36 8.31
S5A HT6 P . -19.75 -32.61 7.13
C20 HT6 P . -21.29 -32.91 6.33
C21 HT6 P . -21.13 -33.89 5.19
C22 HT6 P . -22.41 -33.95 4.36
C23 HT6 P . -22.43 -35.16 3.42
C24 HT6 P . -22.53 -34.79 1.95
C25 HT6 P . -23.70 -35.44 1.25
C2A HT6 P . -18.62 -28.76 8.94
N1A HT6 P . -19.93 -28.21 9.29
C1A HT6 P . -20.97 -29.04 8.67
C10 HT6 P . -20.08 -27.96 10.72
C9 HT6 P . -20.36 -29.12 11.64
C4 HT6 P . -19.46 -30.15 12.15
N3 HT6 P . -18.15 -30.40 11.91
C2 HT6 P . -17.55 -31.43 12.52
N1 HT6 P . -18.21 -32.27 13.36
C6 HT6 P . -19.52 -32.09 13.68
N6 HT6 P . -20.18 -32.92 14.53
C5 HT6 P . -20.25 -30.98 13.04
N7 HT6 P . -21.50 -30.46 13.06
C8 HT6 P . -21.58 -29.37 12.25
O3A HT6 Q . 8.16 -13.01 28.08
C3A HT6 Q . 8.08 -13.98 29.15
C4A HT6 Q . 6.67 -14.48 29.29
C5A HT6 Q . 6.61 -15.85 30.00
S5A HT6 Q . 6.92 -17.22 28.94
C20 HT6 Q . 5.35 -17.47 28.16
C21 HT6 Q . 5.38 -18.53 27.07
C22 HT6 Q . 3.98 -18.72 26.53
C23 HT6 Q . 3.89 -19.94 25.64
C24 HT6 Q . 4.22 -19.59 24.21
C25 HT6 Q . 2.99 -19.09 23.48
C2A HT6 Q . 8.39 -13.36 30.49
N1A HT6 Q . 7.13 -12.66 30.75
C1A HT6 Q . 6.01 -13.39 30.09
C10 HT6 Q . 6.97 -12.31 32.15
C9 HT6 Q . 6.54 -13.36 33.15
C4 HT6 Q . 7.30 -14.44 33.77
N3 HT6 Q . 8.57 -14.88 33.55
C2 HT6 Q . 9.02 -15.92 34.26
N1 HT6 Q . 8.25 -16.59 35.15
C6 HT6 Q . 6.97 -16.25 35.44
N6 HT6 Q . 6.22 -16.94 36.34
C5 HT6 Q . 6.39 -15.09 34.70
N7 HT6 Q . 5.21 -14.44 34.65
C8 HT6 Q . 5.28 -13.42 33.75
O3A HT6 R . 33.23 -17.00 28.68
C3A HT6 R . 32.95 -18.17 29.47
C4A HT6 R . 34.22 -18.69 30.13
C5A HT6 R . 33.95 -19.59 31.35
S5A HT6 R . 33.42 -18.65 32.76
C20 HT6 R . 34.94 -18.08 33.43
C21 HT6 R . 34.79 -17.24 34.69
C22 HT6 R . 36.15 -16.98 35.30
C23 HT6 R . 36.09 -15.92 36.40
C24 HT6 R . 37.48 -15.65 36.97
C25 HT6 R . 37.41 -14.72 38.17
C2A HT6 R . 32.53 -19.32 28.60
N1A HT6 R . 33.82 -19.71 28.01
C1A HT6 R . 34.88 -19.50 29.02
C10 HT6 R . 33.77 -21.03 27.40
C9 HT6 R . 33.82 -22.25 28.28
C4 HT6 R . 32.77 -22.87 29.07
N3 HT6 R . 31.47 -22.51 29.29
C2 HT6 R . 30.73 -23.27 30.10
N1 HT6 R . 31.19 -24.37 30.73
C6 HT6 R . 32.47 -24.81 30.57
N6 HT6 R . 32.93 -25.91 31.20
C5 HT6 R . 33.37 -24.03 29.71
N7 HT6 R . 34.64 -24.11 29.31
C8 HT6 R . 34.93 -23.07 28.47
C1 EDO S . -18.44 19.73 -17.01
O1 EDO S . -17.60 19.53 -18.14
C2 EDO S . -19.83 19.16 -17.30
O2 EDO S . -19.71 17.73 -17.37
O3A HT6 T . -34.57 12.13 -22.14
C3A HT6 T . -34.64 11.51 -20.85
C4A HT6 T . -36.09 11.18 -20.51
C5A HT6 T . -36.20 10.08 -19.45
S5A HT6 T . -35.96 8.46 -20.12
C20 HT6 T . -37.49 8.09 -20.91
C21 HT6 T . -37.51 6.66 -21.43
C22 HT6 T . -38.95 6.30 -21.80
C23 HT6 T . -39.04 5.00 -22.58
C24 HT6 T . -40.51 4.68 -22.88
C25 HT6 T . -40.79 4.76 -24.37
C2A HT6 T . -34.23 12.46 -19.75
N1A HT6 T . -35.45 13.31 -19.65
C1A HT6 T . -36.63 12.48 -19.96
C10 HT6 T . -35.56 14.09 -18.42
C9 HT6 T . -35.97 13.40 -17.15
C4 HT6 T . -35.22 12.50 -16.30
N3 HT6 T . -33.95 12.01 -16.41
C2 HT6 T . -33.49 11.17 -15.46
N1 HT6 T . -34.21 10.79 -14.39
C6 HT6 T . -35.49 11.23 -14.19
N6 HT6 T . -36.20 10.84 -13.13
C5 HT6 T . -36.09 12.15 -15.19
N7 HT6 T . -37.26 12.78 -15.37
C8 HT6 T . -37.21 13.52 -16.52
O3A HT6 U . 6.51 -29.37 6.34
C3A HT6 U . 6.31 -30.59 7.07
C4A HT6 U . 7.63 -31.02 7.68
C5A HT6 U . 7.49 -32.05 8.82
S5A HT6 U . 6.94 -31.33 10.33
C20 HT6 U . 8.43 -30.62 10.97
C21 HT6 U . 8.29 -29.93 12.32
C22 HT6 U . 9.68 -29.61 12.86
C23 HT6 U . 9.64 -28.81 14.16
C24 HT6 U . 10.93 -28.99 14.96
C25 HT6 U . 10.90 -28.26 16.30
C2A HT6 U . 5.98 -31.70 6.10
N1A HT6 U . 7.29 -31.89 5.47
C1A HT6 U . 8.35 -31.61 6.47
C10 HT6 U . 7.39 -33.16 4.75
C9 HT6 U . 7.61 -34.42 5.54
C4 HT6 U . 6.66 -35.21 6.32
N3 HT6 U . 5.34 -35.02 6.58
C2 HT6 U . 4.70 -35.91 7.34
N1 HT6 U . 5.31 -37.00 7.87
C6 HT6 U . 6.62 -37.28 7.66
N6 HT6 U . 7.18 -38.37 8.20
C5 HT6 U . 7.41 -36.35 6.84
N7 HT6 U . 8.67 -36.23 6.39
C8 HT6 U . 8.81 -35.11 5.63
#